data_7D8Z
#
_entry.id   7D8Z
#
_cell.length_a   1.00
_cell.length_b   1.00
_cell.length_c   1.00
_cell.angle_alpha   90.00
_cell.angle_beta   90.00
_cell.angle_gamma   90.00
#
_symmetry.space_group_name_H-M   'P 1'
#
loop_
_entity.id
_entity.type
_entity.pdbx_description
1 polymer 'potassium-chloride cotransporter 2'
2 branched 2-acetamido-2-deoxy-beta-D-glucopyranose-(1-4)-2-acetamido-2-deoxy-beta-D-glucopyranose
3 non-polymer 2-acetamido-2-deoxy-beta-D-glucopyranose
#
_entity_poly.entity_id   1
_entity_poly.type   'polypeptide(L)'
_entity_poly.pdbx_seq_one_letter_code
;MDYKDDDDKMSRRFTVTSLPPAGPARSPDPESRRHSVADPRHLPGEDVKGDGNPKESSPFINSTDTEKGKEYDGKNMALF
EEEMDTSPMVSSLLSGLANYTNLPQGSREHEEAENNEGGKKKPVQAPRMGTFMGVYLPCLQNIFGVILFLRLTWVVGIAG
IMESFCMVFICCSCTMLTAISMSAIATNGVVPAGGSYYMISRSLGPEFGGAVGLCFYLGTTFAGAMYILGTIEILLAYLF
PAMAIFKAEDASGEAAAMLNNMRVYGTCVLTCMATVVFVGVKYVNKFALVFLGCVILSILAIYAGVIKSAFDPPNFPICL
LGNRTLSRHGFDVCAKLAWEGNETVTTRLWGLFCSSRFLNATCDEYFTRNNVTEIQGIPGAASGLIKENLWSSYLTKGVI
VERSGMTSVGLADGTPIDMDHPYVFSDMTSYFTLLVGIYFPSVTGIMAGSNRSGDLRDAQKSIPTGTILAIATTSAVYIS
SVVLFGACIEGVVLRDKFGEAVNGNLVVGTLAWPSPWVIVIGSFFSTCGAGLQSLTGAPRLLQAISRDGIVPFLQVFGHG
KANGEPTWALLLTACICEIGILIASLDEVAPILSMFFLMCYMFVNLACAVQTLLRTPNWRPRFRYYHWTLSFLGMSLCLA
LMFICSWYYALVAMLIAGLIYKYIEYRGAEKEWGDGIRGLSLSAARYALLRLEEGPPHTKNWRPQLLVLVRVDQDQNVVH
PQLLSLTSQLKAGKGLTIVGSVLEGTFLENHPQAQRAEESIRRLMEAEKVKGFCQVVISSNLRDGVSHLIQSGGLGGLQH
NTVLVGWPRNWRQKEDHQTWRNFIELVRETTAGHLALLVTKNVSMFPGNPERFSEGSIDVWWIVHDGGMLMLLPFLLRHH
KVWRKCKMRIFTVAQMDDNSIQMKKDLTTFLYHLRITAEVEVVEMHESDISAYTYEKTLVMEQRSQILKQMHLTKNERER
EIQSITDESRGSIRRKNPANTRLRLNVPEETAGDSEEKPEEEVQLIHDQSAPSCPSSSPSPGEEPEGEGETDPEKVHLTW
TKDKSVAEKNKGPSPVSSEGIKDFFSMKPEWENLNQSNVRRMHTAVRLNEVIVKKSRDAKLVLLNMPGPPRNRNGDENYM
EFLEVLTEHLDRVMLVRGGGREVITIYSWSHPQFEK
;
_entity_poly.pdbx_strand_id   B,A
#
loop_
_chem_comp.id
_chem_comp.type
_chem_comp.name
_chem_comp.formula
NAG D-saccharide, beta linking 2-acetamido-2-deoxy-beta-D-glucopyranose 'C8 H15 N O6'
#
# COMPACT_ATOMS: atom_id res chain seq x y z
N VAL A 90 -20.10 -6.14 -50.56
CA VAL A 90 -18.92 -6.99 -50.63
C VAL A 90 -17.70 -6.14 -50.94
N SER A 91 -17.95 -4.90 -51.39
CA SER A 91 -16.86 -4.04 -51.84
C SER A 91 -16.06 -3.52 -50.65
N SER A 92 -16.74 -3.10 -49.59
CA SER A 92 -16.04 -2.63 -48.41
C SER A 92 -15.42 -3.79 -47.63
N LEU A 93 -15.87 -5.01 -47.87
CA LEU A 93 -15.22 -6.19 -47.33
C LEU A 93 -13.82 -6.36 -47.89
N LEU A 94 -13.74 -6.61 -49.21
CA LEU A 94 -12.46 -6.92 -49.86
C LEU A 94 -11.47 -5.76 -49.76
N SER A 95 -11.96 -4.53 -49.89
CA SER A 95 -11.10 -3.38 -49.68
C SER A 95 -10.66 -3.27 -48.23
N GLY A 96 -11.56 -3.61 -47.30
CA GLY A 96 -11.18 -3.68 -45.90
C GLY A 96 -10.32 -4.88 -45.60
N LEU A 97 -10.48 -5.95 -46.37
CA LEU A 97 -9.58 -7.09 -46.24
C LEU A 97 -8.22 -6.81 -46.87
N ALA A 98 -8.14 -5.78 -47.71
CA ALA A 98 -6.85 -5.30 -48.16
C ALA A 98 -6.17 -4.46 -47.10
N ASN A 99 -6.92 -4.01 -46.10
CA ASN A 99 -6.41 -3.21 -45.01
C ASN A 99 -6.14 -4.05 -43.76
N TYR A 100 -6.89 -5.13 -43.58
CA TYR A 100 -6.97 -5.82 -42.30
C TYR A 100 -5.65 -6.47 -41.90
N THR A 101 -4.97 -5.85 -40.95
CA THR A 101 -3.72 -6.36 -40.38
C THR A 101 -3.84 -6.27 -38.86
N ASN A 102 -3.51 -7.36 -38.18
CA ASN A 102 -3.60 -7.39 -36.72
C ASN A 102 -2.22 -7.19 -36.15
N LEU A 103 -1.81 -5.92 -36.06
CA LEU A 103 -0.57 -5.54 -35.40
C LEU A 103 -0.86 -4.28 -34.61
N PRO A 104 -0.13 -4.03 -33.53
CA PRO A 104 -0.32 -2.79 -32.78
C PRO A 104 0.29 -1.59 -33.48
N GLN A 105 -0.23 -0.41 -33.12
CA GLN A 105 0.28 0.85 -33.61
C GLN A 105 1.31 1.38 -32.61
N GLY A 106 2.57 1.40 -33.02
CA GLY A 106 3.67 1.80 -32.17
C GLY A 106 3.95 3.29 -32.22
N SER A 107 5.21 3.63 -31.96
CA SER A 107 5.59 5.04 -31.83
C SER A 107 5.75 5.71 -33.20
N ARG A 108 5.92 4.93 -34.27
CA ARG A 108 5.88 5.51 -35.61
C ARG A 108 4.48 5.98 -35.93
N GLU A 109 3.46 5.26 -35.47
CA GLU A 109 2.09 5.75 -35.61
C GLU A 109 1.80 6.88 -34.65
N HIS A 110 2.65 7.07 -33.65
CA HIS A 110 2.51 8.21 -32.75
C HIS A 110 3.16 9.45 -33.34
N GLU A 111 4.12 9.27 -34.25
CA GLU A 111 4.73 10.40 -34.93
C GLU A 111 3.77 11.03 -35.93
N GLU A 112 2.88 10.22 -36.51
CA GLU A 112 1.93 10.76 -37.47
C GLU A 112 0.77 11.47 -36.77
N ALA A 113 0.66 11.29 -35.45
CA ALA A 113 -0.36 12.02 -34.71
C ALA A 113 0.15 13.40 -34.30
N GLU A 114 1.46 13.55 -34.11
CA GLU A 114 1.99 14.84 -33.70
C GLU A 114 2.28 15.74 -34.89
N ASN A 115 2.52 15.14 -36.06
CA ASN A 115 2.78 15.95 -37.25
C ASN A 115 1.52 16.65 -37.73
N ASN A 116 0.36 16.11 -37.39
CA ASN A 116 -0.91 16.69 -37.78
C ASN A 116 -1.51 17.45 -36.60
N PRO A 127 -6.99 4.47 -43.50
CA PRO A 127 -7.74 5.68 -43.13
C PRO A 127 -9.05 5.38 -42.41
N ARG A 128 -10.09 5.01 -43.15
CA ARG A 128 -11.32 4.62 -42.51
C ARG A 128 -11.18 3.21 -41.94
N MET A 129 -11.97 2.90 -40.93
CA MET A 129 -12.19 1.53 -40.47
C MET A 129 -13.64 1.38 -40.09
N GLY A 130 -13.94 0.31 -39.35
CA GLY A 130 -15.26 0.06 -38.83
C GLY A 130 -15.15 -0.67 -37.51
N THR A 131 -16.30 -0.94 -36.90
CA THR A 131 -16.30 -1.68 -35.65
C THR A 131 -15.91 -3.13 -35.89
N PHE A 132 -16.31 -3.69 -37.02
CA PHE A 132 -16.17 -5.11 -37.28
C PHE A 132 -14.71 -5.51 -37.52
N MET A 133 -14.07 -4.93 -38.51
CA MET A 133 -12.69 -5.31 -38.79
C MET A 133 -11.67 -4.52 -37.99
N GLY A 134 -12.12 -3.65 -37.11
CA GLY A 134 -11.19 -2.76 -36.43
C GLY A 134 -10.83 -3.16 -35.02
N VAL A 135 -11.83 -3.55 -34.25
CA VAL A 135 -11.64 -3.96 -32.86
C VAL A 135 -12.04 -5.42 -32.66
N TYR A 136 -13.15 -5.84 -33.26
CA TYR A 136 -13.76 -7.13 -32.96
C TYR A 136 -12.92 -8.29 -33.45
N LEU A 137 -12.63 -8.32 -34.73
CA LEU A 137 -11.75 -9.33 -35.29
C LEU A 137 -10.29 -9.30 -34.84
N PRO A 138 -9.65 -8.16 -34.51
CA PRO A 138 -8.33 -8.27 -33.87
C PRO A 138 -8.40 -8.87 -32.49
N CYS A 139 -9.42 -8.51 -31.71
CA CYS A 139 -9.52 -9.02 -30.35
C CYS A 139 -9.89 -10.50 -30.34
N LEU A 140 -10.71 -10.92 -31.30
CA LEU A 140 -11.17 -12.30 -31.36
C LEU A 140 -10.04 -13.22 -31.79
N GLN A 141 -9.09 -12.71 -32.56
CA GLN A 141 -7.93 -13.54 -32.90
C GLN A 141 -7.01 -13.70 -31.71
N ASN A 142 -6.77 -12.62 -30.97
CA ASN A 142 -5.75 -12.67 -29.92
C ASN A 142 -6.28 -13.25 -28.62
N ILE A 143 -7.48 -13.82 -28.61
CA ILE A 143 -7.94 -14.57 -27.45
C ILE A 143 -7.94 -16.06 -27.72
N PHE A 144 -8.43 -16.47 -28.88
CA PHE A 144 -8.30 -17.86 -29.31
C PHE A 144 -6.84 -18.23 -29.51
N GLY A 145 -6.37 -19.20 -28.77
CA GLY A 145 -4.96 -19.55 -28.75
C GLY A 145 -4.72 -21.03 -28.68
N VAL A 146 -3.78 -21.44 -27.85
CA VAL A 146 -3.40 -22.83 -27.82
C VAL A 146 -4.23 -23.61 -26.81
N ILE A 147 -4.76 -22.92 -25.79
CA ILE A 147 -5.34 -23.60 -24.64
C ILE A 147 -6.68 -24.23 -25.00
N LEU A 148 -7.35 -23.73 -26.03
CA LEU A 148 -8.59 -24.38 -26.46
C LEU A 148 -8.30 -25.73 -27.09
N PHE A 149 -7.18 -25.86 -27.77
CA PHE A 149 -6.91 -27.08 -28.51
C PHE A 149 -6.05 -28.07 -27.75
N LEU A 150 -5.17 -27.59 -26.89
CA LEU A 150 -4.11 -28.45 -26.38
C LEU A 150 -4.36 -28.86 -24.95
N ARG A 151 -5.04 -28.02 -24.18
CA ARG A 151 -5.23 -28.30 -22.76
C ARG A 151 -6.61 -27.95 -22.26
N LEU A 152 -7.64 -27.89 -23.10
CA LEU A 152 -8.97 -27.69 -22.53
C LEU A 152 -9.61 -29.02 -22.17
N THR A 153 -9.54 -30.00 -23.07
CA THR A 153 -10.14 -31.30 -22.86
C THR A 153 -9.49 -32.05 -21.70
N TRP A 154 -8.20 -31.77 -21.46
CA TRP A 154 -7.52 -32.30 -20.29
C TRP A 154 -8.08 -31.72 -19.01
N VAL A 155 -8.67 -30.53 -19.09
CA VAL A 155 -9.25 -29.90 -17.91
C VAL A 155 -10.71 -30.29 -17.77
N VAL A 156 -11.37 -30.61 -18.88
CA VAL A 156 -12.78 -31.00 -18.82
C VAL A 156 -12.95 -32.33 -18.10
N GLY A 157 -12.07 -33.28 -18.38
CA GLY A 157 -12.20 -34.59 -17.74
C GLY A 157 -11.72 -34.60 -16.31
N ILE A 158 -10.68 -33.83 -16.01
CA ILE A 158 -10.10 -33.85 -14.68
C ILE A 158 -10.98 -33.12 -13.69
N ALA A 159 -11.36 -31.89 -14.00
CA ALA A 159 -12.18 -31.13 -13.09
C ALA A 159 -13.67 -31.34 -13.31
N GLY A 160 -14.04 -32.22 -14.21
CA GLY A 160 -15.46 -32.40 -14.42
C GLY A 160 -16.04 -31.27 -15.24
N ILE A 161 -17.37 -31.19 -15.27
CA ILE A 161 -18.01 -30.13 -16.01
C ILE A 161 -18.71 -29.18 -15.05
N MET A 162 -18.92 -29.61 -13.81
CA MET A 162 -19.59 -28.75 -12.85
C MET A 162 -18.60 -27.81 -12.19
N GLU A 163 -17.36 -28.28 -12.01
CA GLU A 163 -16.34 -27.41 -11.45
C GLU A 163 -15.70 -26.56 -12.54
N SER A 164 -15.67 -27.06 -13.78
CA SER A 164 -15.08 -26.30 -14.87
C SER A 164 -15.98 -25.16 -15.30
N PHE A 165 -17.29 -25.36 -15.23
CA PHE A 165 -18.24 -24.28 -15.52
C PHE A 165 -18.11 -23.16 -14.50
N CYS A 166 -17.89 -23.51 -13.24
CA CYS A 166 -17.62 -22.49 -12.22
C CYS A 166 -16.22 -21.91 -12.39
N MET A 167 -15.34 -22.65 -13.07
CA MET A 167 -13.98 -22.17 -13.30
C MET A 167 -13.94 -21.18 -14.46
N VAL A 168 -14.69 -21.46 -15.53
CA VAL A 168 -14.72 -20.54 -16.67
C VAL A 168 -15.45 -19.26 -16.30
N PHE A 169 -16.50 -19.36 -15.49
CA PHE A 169 -17.35 -18.22 -15.21
C PHE A 169 -16.70 -17.25 -14.23
N ILE A 170 -15.59 -17.64 -13.60
CA ILE A 170 -14.89 -16.67 -12.77
C ILE A 170 -13.64 -16.14 -13.47
N CYS A 171 -13.14 -16.86 -14.46
CA CYS A 171 -12.03 -16.33 -15.25
C CYS A 171 -12.55 -15.45 -16.38
N CYS A 172 -13.75 -15.74 -16.87
CA CYS A 172 -14.39 -14.83 -17.82
C CYS A 172 -14.78 -13.52 -17.18
N SER A 173 -15.31 -13.59 -15.95
CA SER A 173 -15.95 -12.41 -15.36
C SER A 173 -14.92 -11.38 -14.93
N CYS A 174 -13.66 -11.77 -14.84
CA CYS A 174 -12.63 -10.75 -14.63
C CYS A 174 -12.38 -9.98 -15.90
N THR A 175 -12.37 -10.66 -17.04
CA THR A 175 -12.07 -10.00 -18.30
C THR A 175 -13.18 -9.05 -18.71
N MET A 176 -14.44 -9.41 -18.44
CA MET A 176 -15.53 -8.54 -18.84
C MET A 176 -15.58 -7.30 -17.96
N LEU A 177 -15.15 -7.40 -16.70
CA LEU A 177 -15.10 -6.21 -15.84
C LEU A 177 -13.90 -5.35 -16.15
N THR A 178 -12.77 -5.95 -16.52
CA THR A 178 -11.64 -5.11 -16.91
C THR A 178 -11.75 -4.60 -18.33
N ALA A 179 -12.76 -5.04 -19.08
CA ALA A 179 -13.06 -4.39 -20.35
C ALA A 179 -13.85 -3.12 -20.12
N ILE A 180 -14.68 -3.09 -19.07
CA ILE A 180 -15.40 -1.88 -18.69
C ILE A 180 -14.43 -0.83 -18.18
N SER A 181 -13.38 -1.25 -17.47
CA SER A 181 -12.35 -0.30 -17.08
C SER A 181 -11.48 0.11 -18.26
N MET A 182 -11.43 -0.71 -19.31
CA MET A 182 -10.84 -0.24 -20.56
C MET A 182 -11.82 0.59 -21.35
N SER A 183 -13.10 0.50 -21.02
CA SER A 183 -14.09 1.31 -21.72
C SER A 183 -14.08 2.75 -21.22
N ALA A 184 -13.95 2.93 -19.90
CA ALA A 184 -13.97 4.27 -19.33
C ALA A 184 -12.70 5.03 -19.67
N ILE A 185 -11.61 4.32 -19.95
CA ILE A 185 -10.43 4.97 -20.48
C ILE A 185 -10.68 5.39 -21.93
N ALA A 186 -11.50 4.63 -22.64
CA ALA A 186 -11.76 4.95 -24.05
C ALA A 186 -12.67 6.14 -24.20
N THR A 187 -13.74 6.21 -23.40
CA THR A 187 -14.68 7.32 -23.53
C THR A 187 -14.06 8.61 -23.06
N ASN A 188 -13.21 8.54 -22.04
CA ASN A 188 -12.46 9.72 -21.63
C ASN A 188 -11.31 9.96 -22.60
N GLY A 189 -10.83 11.18 -22.64
CA GLY A 189 -9.72 11.50 -23.51
C GLY A 189 -10.16 11.65 -24.95
N VAL A 190 -9.17 11.67 -25.84
CA VAL A 190 -9.44 11.94 -27.25
C VAL A 190 -8.99 10.70 -28.02
N VAL A 191 -8.58 9.67 -27.29
CA VAL A 191 -8.07 8.39 -27.80
C VAL A 191 -6.89 8.63 -28.75
N PRO A 192 -5.69 8.85 -28.22
CA PRO A 192 -4.55 9.21 -29.08
C PRO A 192 -4.14 8.06 -29.98
N ALA A 193 -3.60 8.42 -31.13
CA ALA A 193 -3.22 7.44 -32.12
C ALA A 193 -1.98 6.68 -31.68
N GLY A 194 -2.04 5.37 -31.75
CA GLY A 194 -0.92 4.55 -31.35
C GLY A 194 -1.20 3.71 -30.13
N GLY A 195 -1.45 2.42 -30.35
CA GLY A 195 -1.50 1.44 -29.28
C GLY A 195 -2.55 1.59 -28.20
N SER A 196 -2.56 0.62 -27.30
CA SER A 196 -3.31 0.71 -26.05
C SER A 196 -2.47 1.33 -24.96
N TYR A 197 -1.17 1.43 -25.17
CA TYR A 197 -0.29 2.02 -24.18
C TYR A 197 -0.52 3.52 -24.05
N TYR A 198 -0.63 4.21 -25.18
CA TYR A 198 -0.84 5.65 -25.15
C TYR A 198 -2.25 5.99 -24.71
N MET A 199 -3.18 5.05 -24.80
CA MET A 199 -4.52 5.34 -24.33
C MET A 199 -4.57 5.27 -22.81
N ILE A 200 -3.80 4.36 -22.22
CA ILE A 200 -3.80 4.24 -20.77
C ILE A 200 -2.87 5.27 -20.15
N SER A 201 -1.72 5.50 -20.77
CA SER A 201 -0.72 6.38 -20.17
C SER A 201 -1.19 7.82 -20.12
N ARG A 202 -1.91 8.26 -21.15
CA ARG A 202 -2.35 9.66 -21.15
C ARG A 202 -3.56 9.85 -20.26
N SER A 203 -4.35 8.81 -20.05
CA SER A 203 -5.59 8.92 -19.30
C SER A 203 -5.41 8.56 -17.84
N LEU A 204 -4.25 8.03 -17.45
CA LEU A 204 -3.98 7.73 -16.05
C LEU A 204 -2.64 8.29 -15.61
N GLY A 205 -2.02 9.14 -16.41
CA GLY A 205 -0.77 9.74 -16.04
C GLY A 205 0.39 8.79 -16.18
N PRO A 206 1.60 9.33 -16.08
CA PRO A 206 2.79 8.47 -16.17
C PRO A 206 3.04 7.64 -14.92
N GLU A 207 2.22 7.81 -13.88
CA GLU A 207 2.37 7.04 -12.66
C GLU A 207 2.04 5.56 -12.88
N PHE A 208 0.83 5.26 -13.36
CA PHE A 208 0.43 3.87 -13.54
C PHE A 208 0.80 3.37 -14.93
N GLY A 209 0.96 4.27 -15.90
CA GLY A 209 1.18 3.86 -17.26
C GLY A 209 2.51 3.18 -17.47
N GLY A 210 3.49 3.50 -16.64
CA GLY A 210 4.76 2.80 -16.70
C GLY A 210 4.72 1.47 -15.99
N ALA A 211 3.68 1.25 -15.18
CA ALA A 211 3.58 -0.03 -14.47
C ALA A 211 2.61 -0.96 -15.16
N VAL A 212 1.54 -0.43 -15.74
CA VAL A 212 0.67 -1.25 -16.59
C VAL A 212 1.41 -1.62 -17.86
N GLY A 213 2.19 -0.69 -18.40
CA GLY A 213 2.88 -0.95 -19.65
C GLY A 213 4.06 -1.88 -19.50
N LEU A 214 4.49 -2.14 -18.27
CA LEU A 214 5.68 -2.97 -18.10
C LEU A 214 5.32 -4.36 -17.61
N CYS A 215 4.22 -4.51 -16.87
CA CYS A 215 3.72 -5.86 -16.58
C CYS A 215 3.22 -6.49 -17.86
N PHE A 216 2.61 -5.69 -18.73
CA PHE A 216 2.08 -6.18 -19.98
C PHE A 216 3.18 -6.51 -20.97
N TYR A 217 4.37 -5.97 -20.77
CA TYR A 217 5.48 -6.36 -21.62
C TYR A 217 5.96 -7.75 -21.29
N LEU A 218 6.08 -8.06 -19.99
CA LEU A 218 6.52 -9.39 -19.61
C LEU A 218 5.41 -10.41 -19.76
N GLY A 219 4.16 -9.97 -19.57
CA GLY A 219 3.04 -10.87 -19.73
C GLY A 219 2.87 -11.32 -21.16
N THR A 220 3.29 -10.47 -22.10
CA THR A 220 3.13 -10.82 -23.51
C THR A 220 4.34 -11.58 -24.02
N THR A 221 5.51 -11.33 -23.43
CA THR A 221 6.71 -12.04 -23.86
C THR A 221 6.64 -13.51 -23.50
N PHE A 222 6.11 -13.84 -22.33
CA PHE A 222 5.90 -15.24 -22.01
C PHE A 222 4.78 -15.86 -22.83
N ALA A 223 3.88 -15.03 -23.38
CA ALA A 223 2.90 -15.56 -24.33
C ALA A 223 3.56 -15.90 -25.65
N GLY A 224 4.72 -15.31 -25.92
CA GLY A 224 5.50 -15.76 -27.05
C GLY A 224 6.09 -17.13 -26.82
N ALA A 225 6.64 -17.35 -25.63
CA ALA A 225 7.31 -18.62 -25.37
C ALA A 225 6.31 -19.72 -25.05
N MET A 226 5.10 -19.36 -24.63
CA MET A 226 4.11 -20.40 -24.37
C MET A 226 3.55 -20.96 -25.66
N TYR A 227 3.25 -20.07 -26.61
CA TYR A 227 2.73 -20.50 -27.89
C TYR A 227 3.78 -21.26 -28.67
N ILE A 228 5.05 -20.91 -28.50
CA ILE A 228 6.12 -21.61 -29.19
C ILE A 228 6.29 -23.02 -28.62
N LEU A 229 6.05 -23.20 -27.33
CA LEU A 229 5.96 -24.56 -26.80
C LEU A 229 4.70 -25.26 -27.28
N GLY A 230 3.66 -24.50 -27.61
CA GLY A 230 2.47 -25.12 -28.15
C GLY A 230 2.69 -25.70 -29.53
N THR A 231 3.51 -25.03 -30.33
CA THR A 231 3.75 -25.52 -31.68
C THR A 231 4.69 -26.71 -31.68
N ILE A 232 5.66 -26.72 -30.76
CA ILE A 232 6.60 -27.82 -30.72
C ILE A 232 5.93 -29.08 -30.18
N GLU A 233 4.97 -28.91 -29.27
CA GLU A 233 4.24 -30.05 -28.75
C GLU A 233 3.38 -30.72 -29.82
N ILE A 234 2.76 -29.91 -30.69
CA ILE A 234 2.00 -30.48 -31.80
C ILE A 234 2.95 -31.13 -32.80
N LEU A 235 4.14 -30.56 -32.95
CA LEU A 235 5.08 -31.08 -33.93
C LEU A 235 5.71 -32.39 -33.48
N LEU A 236 5.73 -32.66 -32.19
CA LEU A 236 6.31 -33.90 -31.72
C LEU A 236 5.28 -34.97 -31.39
N ALA A 237 4.02 -34.61 -31.30
CA ALA A 237 3.04 -35.61 -30.92
C ALA A 237 2.15 -36.03 -32.07
N TYR A 238 1.95 -35.16 -33.07
CA TYR A 238 1.00 -35.48 -34.12
C TYR A 238 1.59 -35.38 -35.52
N LEU A 239 2.28 -34.29 -35.84
CA LEU A 239 2.78 -34.12 -37.20
C LEU A 239 4.01 -34.97 -37.47
N PHE A 240 5.08 -34.72 -36.74
CA PHE A 240 6.36 -35.41 -36.93
C PHE A 240 6.80 -36.09 -35.64
N PRO A 241 6.13 -37.19 -35.23
CA PRO A 241 6.53 -37.83 -33.98
C PRO A 241 7.71 -38.78 -34.17
N ALA A 242 8.26 -38.81 -35.37
CA ALA A 242 9.46 -39.59 -35.66
C ALA A 242 10.73 -38.81 -35.35
N MET A 243 10.83 -37.58 -35.87
CA MET A 243 12.05 -36.81 -35.77
C MET A 243 12.18 -36.20 -34.38
N ALA A 244 13.16 -36.68 -33.61
CA ALA A 244 13.49 -36.14 -32.30
C ALA A 244 14.92 -36.55 -31.98
N ILE A 245 15.71 -35.60 -31.47
CA ILE A 245 17.11 -35.89 -31.16
C ILE A 245 17.21 -36.71 -29.88
N PHE A 246 16.69 -36.18 -28.79
CA PHE A 246 16.71 -36.88 -27.52
C PHE A 246 15.58 -37.89 -27.48
N LYS A 247 15.94 -39.16 -27.28
CA LYS A 247 14.99 -40.22 -27.08
C LYS A 247 15.34 -40.94 -25.78
N ALA A 248 14.31 -41.46 -25.13
CA ALA A 248 14.43 -42.03 -23.79
C ALA A 248 15.29 -43.29 -23.83
N GLU A 249 16.33 -43.32 -23.00
CA GLU A 249 17.23 -44.48 -23.00
C GLU A 249 16.61 -45.66 -22.26
N ASP A 250 15.49 -45.44 -21.57
CA ASP A 250 14.76 -46.50 -20.92
C ASP A 250 13.27 -46.18 -20.93
N ALA A 251 12.50 -46.99 -20.21
CA ALA A 251 11.07 -46.73 -20.07
C ALA A 251 10.79 -45.60 -19.09
N SER A 252 11.79 -45.19 -18.31
CA SER A 252 11.64 -44.14 -17.32
C SER A 252 12.19 -42.81 -17.77
N GLY A 253 12.84 -42.76 -18.94
CA GLY A 253 13.35 -41.51 -19.45
C GLY A 253 12.35 -40.65 -20.16
N GLU A 254 11.06 -41.00 -20.11
CA GLU A 254 10.05 -40.22 -20.80
C GLU A 254 9.82 -38.89 -20.10
N ALA A 255 10.17 -38.78 -18.83
CA ALA A 255 10.07 -37.51 -18.14
C ALA A 255 11.19 -36.56 -18.59
N ALA A 256 12.40 -37.09 -18.73
CA ALA A 256 13.55 -36.24 -19.01
C ALA A 256 13.72 -35.98 -20.50
N ALA A 257 13.54 -37.01 -21.33
CA ALA A 257 13.81 -36.85 -22.75
C ALA A 257 12.77 -35.97 -23.42
N MET A 258 11.55 -35.94 -22.89
CA MET A 258 10.53 -35.06 -23.43
C MET A 258 10.86 -33.59 -23.19
N LEU A 259 11.39 -33.28 -22.00
CA LEU A 259 11.75 -31.89 -21.74
C LEU A 259 13.03 -31.50 -22.46
N ASN A 260 13.87 -32.47 -22.79
CA ASN A 260 15.04 -32.15 -23.60
C ASN A 260 14.67 -31.99 -25.06
N ASN A 261 13.51 -32.50 -25.46
CA ASN A 261 13.01 -32.18 -26.80
C ASN A 261 12.53 -30.75 -26.87
N MET A 262 11.87 -30.27 -25.82
CA MET A 262 11.23 -28.97 -25.89
C MET A 262 12.24 -27.85 -25.76
N ARG A 263 13.43 -28.14 -25.23
CA ARG A 263 14.47 -27.13 -25.16
C ARG A 263 15.23 -27.01 -26.45
N VAL A 264 15.37 -28.12 -27.19
CA VAL A 264 16.30 -28.11 -28.31
C VAL A 264 15.60 -27.66 -29.59
N TYR A 265 14.26 -27.68 -29.60
CA TYR A 265 13.54 -27.20 -30.76
C TYR A 265 13.03 -25.78 -30.56
N GLY A 266 12.76 -25.41 -29.31
CA GLY A 266 12.31 -24.07 -29.00
C GLY A 266 13.38 -23.05 -29.31
N THR A 267 14.58 -23.26 -28.80
CA THR A 267 15.68 -22.35 -29.09
C THR A 267 16.11 -22.45 -30.54
N CYS A 268 15.84 -23.58 -31.18
CA CYS A 268 16.07 -23.67 -32.61
C CYS A 268 15.05 -22.85 -33.39
N VAL A 269 13.81 -22.76 -32.89
CA VAL A 269 12.80 -22.03 -33.66
C VAL A 269 12.68 -20.59 -33.18
N LEU A 270 13.10 -20.28 -31.95
CA LEU A 270 12.99 -18.91 -31.47
C LEU A 270 13.96 -18.00 -32.21
N THR A 271 15.10 -18.53 -32.63
CA THR A 271 15.98 -17.77 -33.50
C THR A 271 15.38 -17.61 -34.88
N CYS A 272 14.55 -18.57 -35.30
CA CYS A 272 13.85 -18.44 -36.57
C CYS A 272 12.70 -17.45 -36.45
N MET A 273 12.04 -17.42 -35.30
CA MET A 273 10.93 -16.50 -35.10
C MET A 273 11.42 -15.07 -34.98
N ALA A 274 12.61 -14.88 -34.43
CA ALA A 274 13.10 -13.53 -34.16
C ALA A 274 13.62 -12.87 -35.43
N THR A 275 14.24 -13.65 -36.31
CA THR A 275 14.82 -13.06 -37.51
C THR A 275 13.73 -12.69 -38.51
N VAL A 276 12.69 -13.52 -38.61
CA VAL A 276 11.65 -13.29 -39.60
C VAL A 276 10.84 -12.04 -39.27
N VAL A 277 10.59 -11.80 -37.99
CA VAL A 277 9.94 -10.56 -37.61
C VAL A 277 10.92 -9.39 -37.72
N PHE A 278 12.22 -9.66 -37.75
CA PHE A 278 13.17 -8.58 -37.92
C PHE A 278 13.24 -8.13 -39.37
N VAL A 279 13.61 -9.02 -40.28
CA VAL A 279 13.80 -8.63 -41.67
C VAL A 279 12.49 -8.62 -42.45
N GLY A 280 11.62 -9.59 -42.22
CA GLY A 280 10.40 -9.69 -43.00
C GLY A 280 9.18 -9.12 -42.33
N VAL A 281 9.19 -7.84 -41.98
CA VAL A 281 8.04 -7.26 -41.31
C VAL A 281 6.90 -7.04 -42.30
N LYS A 282 7.21 -6.85 -43.57
CA LYS A 282 6.17 -6.55 -44.55
C LYS A 282 5.42 -7.82 -44.96
N TYR A 283 6.10 -8.97 -44.86
CA TYR A 283 5.46 -10.24 -45.21
C TYR A 283 4.47 -10.66 -44.15
N VAL A 284 4.90 -10.65 -42.89
CA VAL A 284 4.05 -11.09 -41.78
C VAL A 284 2.95 -10.09 -41.51
N ASN A 285 3.10 -8.88 -42.04
CA ASN A 285 2.00 -7.92 -42.00
C ASN A 285 0.85 -8.39 -42.89
N LYS A 286 1.16 -9.16 -43.93
CA LYS A 286 0.14 -9.56 -44.90
C LYS A 286 -0.66 -10.76 -44.43
N PHE A 287 -0.09 -11.62 -43.59
CA PHE A 287 -0.73 -12.89 -43.24
C PHE A 287 -1.62 -12.78 -42.02
N ALA A 288 -2.23 -11.62 -41.77
CA ALA A 288 -3.11 -11.52 -40.62
C ALA A 288 -4.46 -12.15 -40.89
N LEU A 289 -4.83 -12.30 -42.16
CA LEU A 289 -6.13 -12.88 -42.47
C LEU A 289 -6.03 -14.40 -42.56
N VAL A 290 -4.83 -14.91 -42.88
CA VAL A 290 -4.58 -16.34 -42.93
C VAL A 290 -4.78 -16.95 -41.55
N PHE A 291 -4.19 -16.30 -40.55
CA PHE A 291 -4.20 -16.85 -39.20
C PHE A 291 -5.58 -16.81 -38.59
N LEU A 292 -6.37 -15.80 -38.91
CA LEU A 292 -7.73 -15.78 -38.42
C LEU A 292 -8.60 -16.76 -39.19
N GLY A 293 -8.24 -17.04 -40.44
CA GLY A 293 -8.97 -18.05 -41.19
C GLY A 293 -8.69 -19.45 -40.67
N CYS A 294 -7.47 -19.68 -40.18
CA CYS A 294 -7.14 -21.01 -39.66
C CYS A 294 -7.82 -21.26 -38.33
N VAL A 295 -8.09 -20.21 -37.56
CA VAL A 295 -8.71 -20.39 -36.26
C VAL A 295 -10.19 -20.69 -36.41
N ILE A 296 -10.92 -19.80 -37.07
CA ILE A 296 -12.37 -19.84 -36.99
C ILE A 296 -12.94 -20.99 -37.83
N LEU A 297 -12.18 -21.45 -38.82
CA LEU A 297 -12.57 -22.69 -39.49
C LEU A 297 -12.36 -23.88 -38.58
N SER A 298 -11.31 -23.84 -37.76
CA SER A 298 -11.03 -24.94 -36.86
C SER A 298 -12.03 -24.98 -35.72
N ILE A 299 -12.57 -23.83 -35.34
CA ILE A 299 -13.60 -23.83 -34.31
C ILE A 299 -14.91 -24.32 -34.89
N LEU A 300 -15.21 -23.97 -36.15
CA LEU A 300 -16.44 -24.45 -36.77
C LEU A 300 -16.33 -25.93 -37.13
N ALA A 301 -15.12 -26.42 -37.36
CA ALA A 301 -14.94 -27.84 -37.65
C ALA A 301 -15.24 -28.68 -36.41
N ILE A 302 -15.04 -28.12 -35.22
CA ILE A 302 -15.48 -28.79 -34.01
C ILE A 302 -16.99 -28.84 -33.95
N TYR A 303 -17.64 -27.68 -34.09
CA TYR A 303 -19.08 -27.62 -33.97
C TYR A 303 -19.80 -28.26 -35.15
N ALA A 304 -19.10 -28.51 -36.26
CA ALA A 304 -19.68 -29.37 -37.27
C ALA A 304 -19.74 -30.81 -36.78
N GLY A 305 -18.60 -31.34 -36.34
CA GLY A 305 -18.50 -32.75 -36.01
C GLY A 305 -19.23 -33.13 -34.74
N VAL A 306 -19.62 -32.14 -33.93
CA VAL A 306 -20.43 -32.46 -32.77
C VAL A 306 -21.87 -32.71 -33.20
N ILE A 307 -22.27 -32.18 -34.35
CA ILE A 307 -23.63 -32.42 -34.81
C ILE A 307 -23.70 -33.72 -35.58
N LYS A 308 -22.62 -34.04 -36.33
CA LYS A 308 -22.57 -35.31 -37.05
C LYS A 308 -22.49 -36.47 -36.08
N SER A 309 -21.81 -36.29 -34.96
CA SER A 309 -21.63 -37.39 -34.02
C SER A 309 -22.91 -37.71 -33.28
N ALA A 310 -23.85 -36.76 -33.26
CA ALA A 310 -25.15 -37.02 -32.64
C ALA A 310 -25.93 -38.04 -33.44
N PHE A 311 -25.86 -37.97 -34.77
CA PHE A 311 -26.59 -38.92 -35.59
C PHE A 311 -25.78 -40.19 -35.82
N ASP A 312 -24.49 -40.06 -36.08
CA ASP A 312 -23.59 -41.22 -36.15
C ASP A 312 -22.21 -40.81 -35.67
N PRO A 313 -21.78 -41.34 -34.54
CA PRO A 313 -20.43 -41.08 -34.04
C PRO A 313 -19.40 -41.77 -34.90
N PRO A 314 -18.17 -41.25 -34.95
CA PRO A 314 -17.12 -41.91 -35.75
C PRO A 314 -16.60 -43.17 -35.09
N ASN A 315 -15.55 -43.74 -35.66
CA ASN A 315 -14.96 -44.96 -35.12
C ASN A 315 -13.65 -44.60 -34.43
N PHE A 316 -13.70 -44.48 -33.11
CA PHE A 316 -12.49 -44.30 -32.31
C PHE A 316 -12.59 -45.16 -31.06
N PRO A 317 -12.32 -46.46 -31.17
CA PRO A 317 -12.46 -47.34 -30.01
C PRO A 317 -11.22 -47.29 -29.13
N ILE A 318 -11.43 -47.62 -27.86
CA ILE A 318 -10.36 -47.65 -26.87
C ILE A 318 -10.34 -49.04 -26.24
N CYS A 319 -9.21 -49.40 -25.68
CA CYS A 319 -9.02 -50.74 -25.11
C CYS A 319 -8.75 -50.63 -23.62
N LEU A 320 -9.41 -51.47 -22.85
CA LEU A 320 -9.31 -51.47 -21.40
C LEU A 320 -8.80 -52.81 -20.90
N LEU A 321 -8.38 -52.82 -19.65
CA LEU A 321 -7.85 -54.03 -19.03
C LEU A 321 -8.23 -53.96 -17.56
N GLY A 322 -9.40 -54.52 -17.23
CA GLY A 322 -9.96 -54.26 -15.91
C GLY A 322 -10.41 -52.83 -15.84
N ASN A 323 -10.13 -52.16 -14.72
CA ASN A 323 -10.45 -50.74 -14.62
C ASN A 323 -9.51 -49.86 -15.40
N ARG A 324 -8.30 -50.30 -15.69
CA ARG A 324 -7.32 -49.42 -16.27
C ARG A 324 -7.31 -49.60 -17.78
N THR A 325 -6.90 -48.54 -18.47
CA THR A 325 -6.70 -48.57 -19.90
C THR A 325 -5.23 -48.83 -20.20
N LEU A 326 -4.88 -48.73 -21.48
CA LEU A 326 -3.51 -49.02 -21.87
C LEU A 326 -3.22 -48.31 -23.17
N SER A 327 -1.94 -47.97 -23.35
CA SER A 327 -1.53 -47.20 -24.51
C SER A 327 -1.63 -48.03 -25.77
N ARG A 328 -2.31 -47.49 -26.76
CA ARG A 328 -2.55 -48.19 -28.02
C ARG A 328 -1.42 -47.94 -29.02
N HIS A 329 -0.22 -47.68 -28.52
CA HIS A 329 0.87 -47.26 -29.38
C HIS A 329 1.44 -48.41 -30.19
N GLY A 330 1.98 -49.42 -29.50
CA GLY A 330 2.74 -50.45 -30.19
C GLY A 330 1.86 -51.42 -30.95
N PHE A 331 0.88 -52.00 -30.28
CA PHE A 331 0.00 -52.97 -30.92
C PHE A 331 -1.12 -52.27 -31.66
N ASP A 332 -1.79 -53.03 -32.51
CA ASP A 332 -2.90 -52.49 -33.30
C ASP A 332 -4.23 -53.13 -32.94
N VAL A 333 -4.25 -54.44 -32.70
CA VAL A 333 -5.47 -55.15 -32.45
C VAL A 333 -5.56 -55.49 -30.97
N CYS A 334 -6.76 -55.49 -30.43
CA CYS A 334 -7.01 -55.72 -29.00
C CYS A 334 -7.70 -57.06 -28.81
N ALA A 335 -6.91 -58.10 -28.56
CA ALA A 335 -7.38 -59.42 -28.18
C ALA A 335 -6.23 -60.12 -27.47
N LYS A 336 -6.56 -60.96 -26.49
CA LYS A 336 -5.49 -61.68 -25.83
C LYS A 336 -5.00 -62.85 -26.65
N LEU A 337 -5.81 -63.37 -27.58
CA LEU A 337 -5.43 -64.50 -28.41
C LEU A 337 -5.87 -64.23 -29.84
N ALA A 338 -4.92 -64.16 -30.76
CA ALA A 338 -5.25 -64.06 -32.17
C ALA A 338 -5.70 -65.40 -32.68
N TRP A 339 -6.95 -65.48 -33.13
CA TRP A 339 -7.51 -66.73 -33.64
C TRP A 339 -7.22 -66.78 -35.13
N GLU A 340 -6.05 -67.31 -35.49
CA GLU A 340 -5.66 -67.49 -36.89
C GLU A 340 -6.17 -68.87 -37.30
N GLY A 341 -7.48 -68.96 -37.53
CA GLY A 341 -8.10 -70.19 -37.94
C GLY A 341 -7.99 -71.27 -36.88
N ASN A 342 -7.51 -72.43 -37.28
CA ASN A 342 -7.32 -73.53 -36.34
C ASN A 342 -6.06 -73.38 -35.48
N GLU A 343 -5.31 -72.28 -35.64
CA GLU A 343 -4.10 -72.04 -34.87
C GLU A 343 -4.27 -70.71 -34.13
N THR A 344 -4.59 -70.79 -32.84
CA THR A 344 -4.64 -69.59 -32.04
C THR A 344 -3.24 -69.10 -31.73
N VAL A 345 -3.02 -67.80 -31.92
CA VAL A 345 -1.69 -67.20 -31.89
C VAL A 345 -1.68 -66.12 -30.81
N THR A 346 -0.54 -65.97 -30.15
CA THR A 346 -0.30 -64.86 -29.24
C THR A 346 -0.19 -63.56 -30.05
N THR A 347 -0.99 -62.56 -29.67
CA THR A 347 -0.95 -61.27 -30.32
C THR A 347 0.30 -60.48 -29.93
N ARG A 348 0.40 -59.26 -30.45
CA ARG A 348 1.41 -58.34 -29.97
C ARG A 348 0.98 -57.68 -28.67
N LEU A 349 -0.33 -57.68 -28.38
CA LEU A 349 -0.81 -57.33 -27.05
C LEU A 349 -0.24 -58.29 -26.01
N TRP A 350 -0.16 -59.57 -26.36
CA TRP A 350 0.53 -60.54 -25.53
C TRP A 350 2.00 -60.21 -25.42
N GLY A 351 2.58 -59.64 -26.48
CA GLY A 351 4.02 -59.46 -26.54
C GLY A 351 4.55 -58.40 -25.61
N LEU A 352 3.78 -57.32 -25.43
CA LEU A 352 4.26 -56.23 -24.58
C LEU A 352 4.12 -56.57 -23.10
N PHE A 353 3.06 -57.30 -22.74
CA PHE A 353 2.87 -57.76 -21.38
C PHE A 353 3.71 -59.00 -21.08
N CYS A 354 3.41 -60.10 -21.77
CA CYS A 354 4.03 -61.37 -21.41
C CYS A 354 5.39 -61.50 -22.09
N SER A 355 6.36 -61.98 -21.32
CA SER A 355 7.74 -61.89 -21.76
C SER A 355 8.16 -63.08 -22.62
N SER A 356 7.35 -63.37 -23.63
CA SER A 356 7.67 -64.19 -24.80
C SER A 356 6.47 -64.11 -25.72
N ARG A 357 6.69 -64.18 -27.03
CA ARG A 357 5.57 -64.32 -27.96
C ARG A 357 5.34 -65.80 -28.28
N PHE A 358 5.26 -66.59 -27.21
CA PHE A 358 4.99 -68.01 -27.27
C PHE A 358 3.76 -68.32 -26.44
N LEU A 359 3.13 -69.44 -26.76
CA LEU A 359 2.05 -69.91 -25.91
C LEU A 359 2.61 -70.68 -24.72
N ASN A 360 3.03 -69.96 -23.70
CA ASN A 360 3.56 -70.56 -22.48
C ASN A 360 2.94 -69.96 -21.22
N ALA A 361 2.32 -68.77 -21.35
CA ALA A 361 1.59 -68.08 -20.29
C ALA A 361 2.46 -67.80 -19.08
N THR A 362 3.62 -67.18 -19.29
CA THR A 362 4.56 -66.94 -18.21
C THR A 362 4.66 -65.43 -17.99
N CYS A 363 3.73 -64.88 -17.20
CA CYS A 363 3.63 -63.43 -17.09
C CYS A 363 2.79 -63.02 -15.88
N ASP A 364 2.43 -61.73 -15.88
CA ASP A 364 1.88 -61.07 -14.72
C ASP A 364 0.48 -61.57 -14.43
N GLU A 365 0.18 -61.67 -13.13
CA GLU A 365 -1.11 -62.21 -12.70
C GLU A 365 -2.24 -61.21 -12.93
N TYR A 366 -1.91 -59.93 -13.03
CA TYR A 366 -2.94 -58.94 -13.30
C TYR A 366 -3.39 -59.01 -14.74
N PHE A 367 -2.49 -59.40 -15.63
CA PHE A 367 -2.88 -59.58 -17.02
C PHE A 367 -3.72 -60.83 -17.20
N THR A 368 -3.43 -61.88 -16.45
CA THR A 368 -4.08 -63.16 -16.70
C THR A 368 -5.44 -63.21 -16.04
N ARG A 369 -5.58 -62.62 -14.86
CA ARG A 369 -6.87 -62.68 -14.17
C ARG A 369 -7.87 -61.68 -14.73
N ASN A 370 -7.41 -60.69 -15.49
CA ASN A 370 -8.27 -59.66 -16.03
C ASN A 370 -8.39 -59.80 -17.53
N ASN A 371 -9.59 -59.58 -18.04
CA ASN A 371 -9.84 -59.66 -19.47
C ASN A 371 -9.70 -58.28 -20.13
N VAL A 372 -9.62 -58.29 -21.46
CA VAL A 372 -9.38 -57.09 -22.25
C VAL A 372 -10.65 -56.72 -22.99
N THR A 373 -11.12 -55.50 -22.76
CA THR A 373 -12.36 -55.02 -23.32
C THR A 373 -12.09 -53.83 -24.24
N GLU A 374 -12.71 -53.85 -25.42
CA GLU A 374 -12.61 -52.75 -26.38
C GLU A 374 -14.00 -52.16 -26.61
N ILE A 375 -14.26 -51.02 -25.98
CA ILE A 375 -15.54 -50.33 -26.12
C ILE A 375 -15.32 -49.05 -26.90
N GLN A 376 -16.43 -48.38 -27.20
CA GLN A 376 -16.39 -47.15 -27.99
C GLN A 376 -15.84 -46.01 -27.17
N GLY A 377 -14.82 -45.34 -27.70
CA GLY A 377 -14.16 -44.29 -26.93
C GLY A 377 -14.83 -42.94 -27.02
N ILE A 378 -15.57 -42.68 -28.09
CA ILE A 378 -16.30 -41.43 -28.22
C ILE A 378 -17.75 -41.79 -28.54
N PRO A 379 -18.61 -41.90 -27.54
CA PRO A 379 -19.96 -42.40 -27.79
C PRO A 379 -20.91 -41.33 -28.29
N GLY A 380 -20.52 -40.06 -28.22
CA GLY A 380 -21.25 -39.01 -28.90
C GLY A 380 -22.27 -38.29 -28.03
N ALA A 381 -22.98 -37.40 -28.69
CA ALA A 381 -24.01 -36.57 -28.06
C ALA A 381 -25.23 -37.37 -27.67
N ALA A 382 -25.51 -38.47 -28.36
CA ALA A 382 -26.62 -39.33 -27.99
C ALA A 382 -26.37 -40.09 -26.70
N SER A 383 -25.14 -40.19 -26.27
CA SER A 383 -24.78 -40.96 -25.10
C SER A 383 -25.13 -40.24 -23.81
N GLY A 384 -25.40 -41.03 -22.78
CA GLY A 384 -25.54 -40.53 -21.44
C GLY A 384 -24.18 -40.38 -20.78
N LEU A 385 -23.49 -39.29 -21.05
CA LEU A 385 -22.25 -38.98 -20.35
C LEU A 385 -22.41 -37.85 -19.35
N ILE A 386 -23.38 -36.96 -19.58
CA ILE A 386 -23.46 -35.73 -18.82
C ILE A 386 -23.96 -36.00 -17.40
N LYS A 387 -24.78 -37.04 -17.24
CA LYS A 387 -25.18 -37.45 -15.89
C LYS A 387 -24.06 -38.17 -15.19
N GLU A 388 -23.14 -38.76 -15.96
CA GLU A 388 -22.03 -39.55 -15.45
C GLU A 388 -20.76 -38.72 -15.31
N ASN A 389 -20.23 -38.25 -16.43
CA ASN A 389 -19.00 -37.47 -16.45
C ASN A 389 -19.33 -36.07 -15.95
N LEU A 390 -19.38 -35.92 -14.63
CA LEU A 390 -19.74 -34.61 -14.10
C LEU A 390 -18.86 -34.08 -12.98
N TRP A 391 -18.21 -34.88 -12.14
CA TRP A 391 -17.77 -34.32 -10.88
C TRP A 391 -16.28 -33.96 -10.82
N SER A 392 -15.38 -34.94 -10.85
CA SER A 392 -13.97 -34.72 -10.51
C SER A 392 -13.16 -35.97 -10.76
N SER A 393 -11.89 -35.83 -11.10
CA SER A 393 -11.03 -37.00 -11.23
C SER A 393 -9.61 -36.68 -10.83
N TYR A 394 -9.43 -35.98 -9.71
CA TYR A 394 -8.14 -35.40 -9.37
C TYR A 394 -7.08 -36.44 -9.03
N LEU A 395 -6.24 -36.75 -10.00
CA LEU A 395 -5.32 -37.88 -9.93
C LEU A 395 -4.02 -37.45 -9.23
N THR A 396 -2.98 -38.28 -9.32
CA THR A 396 -1.68 -38.01 -8.75
C THR A 396 -0.66 -38.57 -9.73
N LYS A 397 0.54 -37.97 -9.75
CA LYS A 397 1.57 -38.34 -10.71
C LYS A 397 2.04 -39.79 -10.56
N GLY A 398 1.77 -40.60 -11.57
CA GLY A 398 2.07 -42.02 -11.54
C GLY A 398 0.86 -42.91 -11.53
N VAL A 399 -0.29 -42.40 -11.07
CA VAL A 399 -1.51 -43.20 -11.00
C VAL A 399 -2.01 -43.51 -12.40
N ILE A 400 -2.37 -44.76 -12.61
CA ILE A 400 -2.95 -45.20 -13.88
C ILE A 400 -4.37 -44.67 -13.97
N VAL A 401 -4.72 -44.11 -15.11
CA VAL A 401 -6.04 -43.56 -15.36
C VAL A 401 -7.03 -44.72 -15.41
N GLU A 402 -7.94 -44.83 -14.47
CA GLU A 402 -8.82 -45.97 -14.53
C GLU A 402 -10.30 -45.67 -14.69
N ARG A 403 -10.91 -46.21 -15.74
CA ARG A 403 -12.34 -46.07 -15.90
C ARG A 403 -13.01 -46.40 -14.58
N SER A 404 -14.06 -45.66 -14.24
CA SER A 404 -14.67 -45.82 -12.92
C SER A 404 -15.54 -47.08 -12.85
N GLY A 405 -16.39 -47.30 -13.86
CA GLY A 405 -17.45 -48.27 -13.72
C GLY A 405 -17.25 -49.64 -14.34
N MET A 406 -16.07 -50.21 -14.21
CA MET A 406 -15.76 -51.49 -14.82
C MET A 406 -15.52 -52.53 -13.74
N THR A 407 -15.83 -53.79 -14.06
CA THR A 407 -15.54 -54.89 -13.14
C THR A 407 -14.06 -55.27 -13.24
N SER A 408 -13.36 -55.25 -12.10
CA SER A 408 -11.94 -55.55 -12.08
C SER A 408 -11.63 -56.68 -11.12
N VAL A 409 -10.34 -56.97 -10.91
CA VAL A 409 -9.91 -58.02 -9.99
C VAL A 409 -8.78 -57.45 -9.14
N GLY A 410 -9.01 -57.34 -7.83
CA GLY A 410 -8.16 -56.59 -6.94
C GLY A 410 -6.94 -57.26 -6.32
N LEU A 411 -5.83 -57.34 -7.05
CA LEU A 411 -4.61 -57.90 -6.47
C LEU A 411 -3.37 -57.12 -6.92
N ALA A 412 -2.18 -57.69 -6.68
CA ALA A 412 -0.88 -57.22 -7.21
C ALA A 412 -0.57 -55.79 -6.75
N ASP A 413 -0.26 -55.71 -5.45
CA ASP A 413 -0.06 -54.43 -4.77
C ASP A 413 1.05 -53.59 -5.38
N GLY A 414 2.12 -54.23 -5.85
CA GLY A 414 3.18 -53.52 -6.51
C GLY A 414 2.85 -53.26 -7.96
N THR A 415 3.81 -52.67 -8.67
CA THR A 415 3.60 -52.41 -10.08
C THR A 415 4.79 -52.94 -10.88
N PRO A 416 4.95 -54.28 -10.88
CA PRO A 416 6.02 -54.99 -11.59
C PRO A 416 5.60 -55.28 -13.02
N ILE A 417 5.52 -54.24 -13.84
CA ILE A 417 5.14 -54.37 -15.23
C ILE A 417 6.17 -53.64 -16.09
N ASP A 418 7.45 -53.84 -15.76
CA ASP A 418 8.55 -53.20 -16.48
C ASP A 418 8.32 -51.70 -16.49
N MET A 419 8.13 -51.15 -15.29
CA MET A 419 7.84 -49.73 -15.05
C MET A 419 6.58 -49.31 -15.80
N ASP A 420 5.56 -50.18 -15.70
CA ASP A 420 4.25 -49.98 -16.32
C ASP A 420 4.46 -49.74 -17.80
N HIS A 421 5.36 -50.53 -18.39
CA HIS A 421 5.68 -50.34 -19.80
C HIS A 421 4.43 -50.12 -20.68
N PRO A 422 3.38 -50.99 -20.66
CA PRO A 422 2.24 -50.71 -21.56
C PRO A 422 1.03 -50.00 -20.96
N TYR A 423 1.16 -48.86 -20.30
CA TYR A 423 -0.02 -48.29 -19.65
C TYR A 423 -0.11 -46.79 -19.85
N VAL A 424 -1.19 -46.23 -19.33
CA VAL A 424 -1.56 -44.83 -19.49
C VAL A 424 -1.56 -44.16 -18.13
N PHE A 425 -0.84 -43.05 -17.99
CA PHE A 425 -0.46 -42.51 -16.71
C PHE A 425 -0.95 -41.08 -16.54
N SER A 426 -0.68 -40.53 -15.36
CA SER A 426 -0.87 -39.10 -15.13
C SER A 426 0.48 -38.41 -15.13
N ASP A 427 0.59 -37.33 -15.87
CA ASP A 427 1.88 -36.67 -16.04
C ASP A 427 2.28 -35.95 -14.77
N MET A 428 1.30 -35.40 -14.06
CA MET A 428 1.57 -34.56 -12.90
C MET A 428 0.40 -34.69 -11.94
N THR A 429 0.66 -34.40 -10.66
CA THR A 429 -0.42 -34.29 -9.71
C THR A 429 -1.25 -33.06 -10.02
N SER A 430 -2.53 -33.09 -9.67
CA SER A 430 -3.41 -32.01 -10.05
C SER A 430 -4.49 -31.81 -9.01
N TYR A 431 -4.98 -30.58 -8.95
CA TYR A 431 -6.01 -30.14 -8.03
C TYR A 431 -6.72 -28.96 -8.68
N PHE A 432 -7.55 -28.25 -7.91
CA PHE A 432 -8.33 -27.18 -8.51
C PHE A 432 -7.46 -25.97 -8.84
N THR A 433 -6.76 -25.45 -7.85
CA THR A 433 -6.09 -24.17 -7.99
C THR A 433 -4.75 -24.27 -8.71
N LEU A 434 -4.51 -25.39 -9.38
CA LEU A 434 -3.40 -25.52 -10.31
C LEU A 434 -3.86 -25.39 -11.74
N LEU A 435 -5.08 -25.86 -12.02
CA LEU A 435 -5.60 -25.81 -13.38
C LEU A 435 -5.93 -24.38 -13.78
N VAL A 436 -6.24 -23.53 -12.80
CA VAL A 436 -6.62 -22.14 -13.07
C VAL A 436 -5.42 -21.38 -13.63
N GLY A 437 -4.23 -21.72 -13.18
CA GLY A 437 -3.04 -21.19 -13.81
C GLY A 437 -2.84 -21.68 -15.23
N ILE A 438 -3.42 -22.81 -15.59
CA ILE A 438 -3.30 -23.34 -16.95
C ILE A 438 -4.41 -22.82 -17.85
N TYR A 439 -5.62 -22.69 -17.34
CA TYR A 439 -6.72 -22.22 -18.17
C TYR A 439 -6.64 -20.74 -18.48
N PHE A 440 -6.12 -19.93 -17.56
CA PHE A 440 -6.28 -18.47 -17.64
C PHE A 440 -5.74 -17.79 -18.89
N PRO A 441 -4.59 -18.18 -19.51
CA PRO A 441 -4.20 -17.46 -20.73
C PRO A 441 -5.06 -17.71 -21.97
N SER A 442 -6.13 -18.47 -21.82
CA SER A 442 -7.10 -18.61 -22.89
C SER A 442 -8.05 -17.43 -22.95
N VAL A 443 -8.02 -16.52 -21.98
CA VAL A 443 -8.99 -15.44 -21.90
C VAL A 443 -8.30 -14.07 -21.93
N THR A 444 -7.02 -14.06 -22.28
CA THR A 444 -6.22 -12.84 -22.29
C THR A 444 -5.98 -12.36 -23.71
N GLY A 445 -5.99 -11.04 -23.90
CA GLY A 445 -5.96 -10.47 -25.22
C GLY A 445 -6.84 -9.26 -25.40
N ILE A 446 -7.40 -8.75 -24.31
CA ILE A 446 -8.24 -7.55 -24.34
C ILE A 446 -7.47 -6.34 -24.85
N MET A 447 -6.21 -6.21 -24.44
CA MET A 447 -5.37 -5.09 -24.85
C MET A 447 -5.07 -5.06 -26.33
N ALA A 448 -5.34 -6.15 -27.05
CA ALA A 448 -5.33 -6.13 -28.50
C ALA A 448 -6.62 -5.60 -29.08
N GLY A 449 -7.60 -5.26 -28.25
CA GLY A 449 -8.80 -4.63 -28.73
C GLY A 449 -8.59 -3.23 -29.27
N SER A 450 -7.53 -2.55 -28.85
CA SER A 450 -7.23 -1.22 -29.36
C SER A 450 -5.82 -1.17 -29.93
N ASN A 451 -5.45 -2.17 -30.73
CA ASN A 451 -4.24 -2.06 -31.52
C ASN A 451 -4.38 -1.04 -32.62
N ARG A 452 -5.61 -0.75 -33.05
CA ARG A 452 -5.84 0.11 -34.19
C ARG A 452 -6.77 1.25 -33.80
N SER A 453 -6.44 1.94 -32.71
CA SER A 453 -7.22 3.09 -32.29
C SER A 453 -6.98 4.29 -33.20
N GLY A 454 -5.81 4.37 -33.83
CA GLY A 454 -5.52 5.47 -34.71
C GLY A 454 -6.07 5.36 -36.11
N ASP A 455 -6.92 4.37 -36.38
CA ASP A 455 -7.52 4.15 -37.69
C ASP A 455 -9.02 4.08 -37.65
N LEU A 456 -9.61 3.88 -36.48
CA LEU A 456 -11.06 3.89 -36.36
C LEU A 456 -11.59 5.30 -36.55
N ARG A 457 -12.90 5.41 -36.78
CA ARG A 457 -13.44 6.75 -36.86
C ARG A 457 -14.20 7.11 -35.58
N ASP A 458 -14.97 6.19 -35.01
CA ASP A 458 -15.68 6.46 -33.77
C ASP A 458 -15.00 5.68 -32.65
N ALA A 459 -13.90 6.25 -32.14
CA ALA A 459 -13.06 5.51 -31.21
C ALA A 459 -13.66 5.50 -29.81
N GLN A 460 -14.63 6.36 -29.55
CA GLN A 460 -15.29 6.29 -28.26
C GLN A 460 -16.42 5.28 -28.25
N LYS A 461 -16.77 4.72 -29.39
CA LYS A 461 -17.86 3.75 -29.50
C LYS A 461 -17.40 2.40 -30.02
N SER A 462 -16.38 2.40 -30.86
CA SER A 462 -15.85 1.14 -31.38
C SER A 462 -15.06 0.39 -30.30
N ILE A 463 -14.19 1.09 -29.58
CA ILE A 463 -13.37 0.48 -28.53
C ILE A 463 -14.20 -0.08 -27.38
N PRO A 464 -15.23 0.61 -26.82
CA PRO A 464 -16.03 -0.07 -25.81
C PRO A 464 -16.88 -1.22 -26.34
N THR A 465 -17.68 -0.97 -27.38
CA THR A 465 -18.64 -1.98 -27.82
C THR A 465 -17.94 -3.12 -28.54
N GLY A 466 -16.76 -2.87 -29.07
CA GLY A 466 -16.07 -3.91 -29.78
C GLY A 466 -15.46 -4.97 -28.90
N THR A 467 -14.81 -4.59 -27.80
CA THR A 467 -14.20 -5.60 -26.95
C THR A 467 -15.24 -6.36 -26.15
N ILE A 468 -16.32 -5.69 -25.74
CA ILE A 468 -17.36 -6.35 -24.96
C ILE A 468 -18.07 -7.41 -25.80
N LEU A 469 -18.32 -7.11 -27.07
CA LEU A 469 -18.88 -8.13 -27.95
C LEU A 469 -17.85 -9.21 -28.24
N ALA A 470 -16.57 -8.89 -28.19
CA ALA A 470 -15.54 -9.88 -28.46
C ALA A 470 -15.38 -10.84 -27.29
N ILE A 471 -15.56 -10.34 -26.06
CA ILE A 471 -15.50 -11.21 -24.90
C ILE A 471 -16.74 -12.08 -24.84
N ALA A 472 -17.88 -11.53 -25.27
CA ALA A 472 -19.14 -12.28 -25.19
C ALA A 472 -19.16 -13.43 -26.18
N THR A 473 -18.64 -13.21 -27.37
CA THR A 473 -18.63 -14.30 -28.36
C THR A 473 -17.52 -15.31 -28.07
N THR A 474 -16.56 -14.96 -27.21
CA THR A 474 -15.51 -15.90 -26.88
C THR A 474 -15.90 -16.75 -25.71
N SER A 475 -16.50 -16.14 -24.69
CA SER A 475 -16.97 -16.88 -23.54
C SER A 475 -18.13 -17.80 -23.90
N ALA A 476 -18.90 -17.44 -24.92
CA ALA A 476 -19.98 -18.32 -25.35
C ALA A 476 -19.42 -19.53 -26.09
N VAL A 477 -18.21 -19.42 -26.61
CA VAL A 477 -17.56 -20.60 -27.17
C VAL A 477 -17.04 -21.48 -26.04
N TYR A 478 -16.30 -20.89 -25.10
CA TYR A 478 -15.64 -21.60 -24.01
C TYR A 478 -16.62 -22.39 -23.16
N ILE A 479 -17.72 -21.76 -22.76
CA ILE A 479 -18.72 -22.43 -21.95
C ILE A 479 -19.40 -23.54 -22.74
N SER A 480 -19.74 -23.27 -23.99
CA SER A 480 -20.37 -24.30 -24.80
C SER A 480 -19.36 -25.28 -25.38
N SER A 481 -18.07 -25.02 -25.22
CA SER A 481 -17.10 -26.06 -25.55
C SER A 481 -16.95 -27.04 -24.40
N VAL A 482 -17.01 -26.54 -23.17
CA VAL A 482 -16.80 -27.37 -21.98
C VAL A 482 -17.89 -28.42 -21.86
N VAL A 483 -19.15 -28.01 -22.04
CA VAL A 483 -20.25 -28.95 -21.94
C VAL A 483 -20.25 -29.91 -23.12
N LEU A 484 -19.99 -29.40 -24.32
CA LEU A 484 -20.06 -30.27 -25.50
C LEU A 484 -18.84 -31.16 -25.59
N PHE A 485 -17.77 -30.85 -24.87
CA PHE A 485 -16.71 -31.84 -24.70
C PHE A 485 -17.10 -32.91 -23.69
N GLY A 486 -17.86 -32.53 -22.67
CA GLY A 486 -18.20 -33.50 -21.65
C GLY A 486 -19.22 -34.51 -22.12
N ALA A 487 -20.33 -34.04 -22.67
CA ALA A 487 -21.45 -34.89 -23.03
C ALA A 487 -21.31 -35.52 -24.40
N CYS A 488 -20.10 -35.61 -24.93
CA CYS A 488 -19.89 -36.30 -26.20
C CYS A 488 -18.67 -37.19 -26.20
N ILE A 489 -17.79 -37.10 -25.21
CA ILE A 489 -16.50 -37.78 -25.21
C ILE A 489 -16.33 -38.46 -23.86
N GLU A 490 -15.93 -39.74 -23.88
CA GLU A 490 -15.75 -40.52 -22.67
C GLU A 490 -14.63 -39.93 -21.82
N GLY A 491 -14.83 -39.96 -20.50
CA GLY A 491 -13.94 -39.24 -19.60
C GLY A 491 -12.54 -39.80 -19.54
N VAL A 492 -12.36 -41.07 -19.92
CA VAL A 492 -11.07 -41.69 -19.72
C VAL A 492 -10.08 -41.24 -20.79
N VAL A 493 -10.56 -40.73 -21.92
CA VAL A 493 -9.62 -40.12 -22.84
C VAL A 493 -9.52 -38.63 -22.59
N LEU A 494 -10.47 -38.06 -21.83
CA LEU A 494 -10.36 -36.65 -21.47
C LEU A 494 -9.32 -36.45 -20.38
N ARG A 495 -9.11 -37.44 -19.54
CA ARG A 495 -7.98 -37.43 -18.63
C ARG A 495 -6.67 -37.71 -19.31
N ASP A 496 -6.61 -37.87 -20.63
CA ASP A 496 -5.41 -38.32 -21.31
C ASP A 496 -4.79 -37.14 -22.07
N LYS A 497 -3.63 -36.68 -21.64
CA LYS A 497 -2.81 -35.85 -22.51
C LYS A 497 -2.26 -36.69 -23.65
N PHE A 498 -1.93 -36.01 -24.75
CA PHE A 498 -1.26 -36.56 -25.92
C PHE A 498 -2.07 -37.63 -26.67
N GLY A 499 -3.33 -37.86 -26.27
CA GLY A 499 -4.25 -38.76 -26.95
C GLY A 499 -3.79 -40.18 -27.17
N GLU A 500 -3.04 -40.73 -26.21
CA GLU A 500 -2.46 -42.05 -26.40
C GLU A 500 -3.52 -43.14 -26.35
N ALA A 501 -4.63 -42.87 -25.68
CA ALA A 501 -5.70 -43.86 -25.64
C ALA A 501 -6.43 -43.98 -26.97
N VAL A 502 -6.29 -43.01 -27.86
CA VAL A 502 -7.02 -43.05 -29.12
C VAL A 502 -5.94 -43.13 -30.21
N ASN A 503 -4.85 -43.82 -29.87
CA ASN A 503 -3.78 -44.22 -30.80
C ASN A 503 -3.07 -43.00 -31.37
N GLY A 504 -2.77 -42.06 -30.47
CA GLY A 504 -1.99 -40.89 -30.83
C GLY A 504 -2.62 -39.91 -31.78
N ASN A 505 -3.90 -39.61 -31.60
CA ASN A 505 -4.54 -38.53 -32.34
C ASN A 505 -5.11 -37.56 -31.33
N LEU A 506 -5.36 -36.33 -31.79
CA LEU A 506 -5.77 -35.24 -30.92
C LEU A 506 -7.15 -35.51 -30.36
N VAL A 507 -7.30 -35.33 -29.05
CA VAL A 507 -8.57 -35.50 -28.35
C VAL A 507 -9.63 -34.57 -28.91
N VAL A 508 -9.23 -33.35 -29.27
CA VAL A 508 -10.13 -32.45 -29.96
C VAL A 508 -10.37 -32.93 -31.38
N GLY A 509 -9.28 -33.28 -32.08
CA GLY A 509 -9.32 -33.51 -33.51
C GLY A 509 -10.12 -34.72 -33.93
N THR A 510 -10.39 -35.63 -33.00
CA THR A 510 -11.29 -36.74 -33.29
C THR A 510 -12.75 -36.31 -33.32
N LEU A 511 -13.06 -35.08 -32.94
CA LEU A 511 -14.43 -34.59 -33.01
C LEU A 511 -14.63 -33.73 -34.25
N ALA A 512 -13.68 -33.78 -35.19
CA ALA A 512 -13.75 -32.98 -36.41
C ALA A 512 -14.46 -33.74 -37.52
N TRP A 513 -15.40 -33.09 -38.18
CA TRP A 513 -16.19 -33.78 -39.21
C TRP A 513 -15.43 -34.09 -40.49
N PRO A 514 -14.67 -33.16 -41.14
CA PRO A 514 -14.00 -33.56 -42.38
C PRO A 514 -12.88 -34.56 -42.17
N SER A 515 -11.94 -34.22 -41.31
CA SER A 515 -10.79 -35.07 -41.03
C SER A 515 -10.13 -34.62 -39.74
N PRO A 516 -9.48 -35.51 -39.01
CA PRO A 516 -8.71 -35.07 -37.84
C PRO A 516 -7.44 -34.34 -38.19
N TRP A 517 -7.02 -34.34 -39.45
CA TRP A 517 -5.86 -33.55 -39.82
C TRP A 517 -6.21 -32.09 -40.02
N VAL A 518 -7.50 -31.74 -39.96
CA VAL A 518 -7.91 -30.35 -40.10
C VAL A 518 -7.49 -29.54 -38.90
N ILE A 519 -7.93 -29.94 -37.70
CA ILE A 519 -7.64 -29.15 -36.50
C ILE A 519 -6.16 -29.22 -36.17
N VAL A 520 -5.54 -30.37 -36.43
CA VAL A 520 -4.12 -30.57 -36.13
C VAL A 520 -3.26 -29.64 -36.99
N ILE A 521 -3.59 -29.50 -38.27
CA ILE A 521 -2.94 -28.46 -39.06
C ILE A 521 -3.49 -27.09 -38.70
N GLY A 522 -4.79 -27.01 -38.45
CA GLY A 522 -5.43 -25.71 -38.24
C GLY A 522 -5.06 -25.06 -36.92
N SER A 523 -4.85 -25.87 -35.88
CA SER A 523 -4.34 -25.30 -34.64
C SER A 523 -2.85 -25.08 -34.71
N PHE A 524 -2.19 -25.62 -35.73
CA PHE A 524 -0.76 -25.39 -35.85
C PHE A 524 -0.46 -24.04 -36.47
N PHE A 525 -1.15 -23.69 -37.56
CA PHE A 525 -0.95 -22.38 -38.17
C PHE A 525 -1.58 -21.28 -37.32
N SER A 526 -2.50 -21.64 -36.43
CA SER A 526 -2.96 -20.69 -35.43
C SER A 526 -1.86 -20.37 -34.43
N THR A 527 -1.32 -21.40 -33.78
CA THR A 527 -0.40 -21.17 -32.68
C THR A 527 0.95 -20.68 -33.20
N CYS A 528 1.30 -21.02 -34.44
CA CYS A 528 2.46 -20.41 -35.06
C CYS A 528 2.24 -18.92 -35.30
N GLY A 529 1.00 -18.57 -35.63
CA GLY A 529 0.70 -17.19 -35.98
C GLY A 529 0.59 -16.28 -34.76
N ALA A 530 0.05 -16.80 -33.67
CA ALA A 530 -0.01 -16.00 -32.46
C ALA A 530 1.35 -15.98 -31.76
N GLY A 531 2.28 -16.82 -32.21
CA GLY A 531 3.65 -16.66 -31.78
C GLY A 531 4.36 -15.56 -32.53
N LEU A 532 4.05 -15.39 -33.82
CA LEU A 532 4.59 -14.26 -34.56
C LEU A 532 4.01 -12.95 -34.07
N GLN A 533 2.73 -12.96 -33.72
CA GLN A 533 2.08 -11.74 -33.25
C GLN A 533 2.63 -11.32 -31.90
N SER A 534 3.07 -12.28 -31.08
CA SER A 534 3.58 -11.94 -29.77
C SER A 534 5.03 -11.50 -29.83
N LEU A 535 5.66 -11.67 -30.98
CA LEU A 535 7.04 -11.23 -31.11
C LEU A 535 7.00 -9.99 -31.98
N THR A 536 5.82 -9.40 -32.10
CA THR A 536 5.67 -8.10 -32.73
C THR A 536 4.98 -7.10 -31.81
N GLY A 537 3.98 -7.55 -31.05
CA GLY A 537 3.28 -6.66 -30.14
C GLY A 537 4.09 -6.25 -28.94
N ALA A 538 4.98 -7.11 -28.49
CA ALA A 538 5.87 -6.83 -27.37
C ALA A 538 7.10 -5.96 -27.69
N PRO A 539 7.79 -6.09 -28.84
CA PRO A 539 8.94 -5.18 -29.04
C PRO A 539 8.54 -3.77 -29.41
N ARG A 540 7.35 -3.57 -29.97
CA ARG A 540 6.88 -2.22 -30.19
C ARG A 540 6.52 -1.54 -28.88
N LEU A 541 6.14 -2.32 -27.88
CA LEU A 541 5.71 -1.77 -26.60
C LEU A 541 6.89 -1.20 -25.83
N LEU A 542 7.98 -1.96 -25.71
CA LEU A 542 9.16 -1.45 -25.02
C LEU A 542 9.81 -0.34 -25.82
N GLN A 543 9.62 -0.33 -27.13
CA GLN A 543 10.01 0.82 -27.94
C GLN A 543 9.24 2.07 -27.54
N ALA A 544 7.98 1.91 -27.13
CA ALA A 544 7.18 3.07 -26.79
C ALA A 544 7.54 3.62 -25.42
N ILE A 545 7.77 2.74 -24.44
CA ILE A 545 8.10 3.17 -23.09
C ILE A 545 9.49 3.81 -23.05
N SER A 546 10.42 3.27 -23.84
CA SER A 546 11.77 3.81 -23.89
C SER A 546 11.80 5.21 -24.50
N ARG A 547 11.07 5.41 -25.61
CA ARG A 547 11.03 6.75 -26.20
C ARG A 547 10.20 7.71 -25.38
N ASP A 548 9.33 7.19 -24.52
CA ASP A 548 8.51 8.05 -23.69
C ASP A 548 9.32 8.70 -22.56
N GLY A 549 10.52 8.19 -22.27
CA GLY A 549 11.37 8.74 -21.24
C GLY A 549 10.84 8.58 -19.84
N ILE A 550 9.93 7.63 -19.62
CA ILE A 550 9.21 7.54 -18.36
C ILE A 550 10.06 6.86 -17.31
N VAL A 551 11.07 6.11 -17.74
CA VAL A 551 12.02 5.47 -16.84
C VAL A 551 13.39 5.52 -17.50
N PRO A 552 14.39 6.10 -16.85
CA PRO A 552 15.58 6.52 -17.58
C PRO A 552 16.57 5.41 -17.86
N PHE A 553 16.57 4.30 -17.10
CA PHE A 553 17.61 3.31 -17.36
C PHE A 553 17.23 2.42 -18.56
N LEU A 554 15.99 2.52 -19.01
CA LEU A 554 15.57 1.85 -20.23
C LEU A 554 15.71 2.74 -21.45
N GLN A 555 16.70 3.62 -21.48
CA GLN A 555 16.76 4.63 -22.54
C GLN A 555 17.36 4.06 -23.81
N VAL A 556 18.22 3.06 -23.69
CA VAL A 556 18.98 2.58 -24.84
C VAL A 556 18.09 1.68 -25.69
N PHE A 557 16.94 1.30 -25.16
CA PHE A 557 16.03 0.46 -25.91
C PHE A 557 15.15 1.25 -26.85
N GLY A 558 15.31 2.58 -26.89
CA GLY A 558 14.63 3.38 -27.88
C GLY A 558 15.31 3.44 -29.22
N HIS A 559 16.50 2.85 -29.34
CA HIS A 559 17.25 2.91 -30.59
C HIS A 559 16.57 2.07 -31.65
N GLY A 560 15.67 2.68 -32.40
CA GLY A 560 14.99 1.99 -33.48
C GLY A 560 15.82 1.98 -34.74
N LYS A 561 15.33 1.24 -35.72
CA LYS A 561 15.96 1.24 -37.04
C LYS A 561 15.39 2.37 -37.86
N ALA A 562 15.66 2.35 -39.17
CA ALA A 562 15.41 3.51 -40.02
C ALA A 562 13.92 3.73 -40.23
N ASN A 563 13.12 2.67 -40.17
CA ASN A 563 11.70 2.78 -40.44
C ASN A 563 10.84 2.63 -39.18
N GLY A 564 11.35 3.06 -38.03
CA GLY A 564 10.56 3.04 -36.82
C GLY A 564 10.36 1.68 -36.20
N GLU A 565 11.14 0.69 -36.61
CA GLU A 565 11.15 -0.68 -36.11
C GLU A 565 12.31 -0.88 -35.14
N PRO A 566 12.13 -1.66 -34.09
CA PRO A 566 13.19 -1.78 -33.07
C PRO A 566 14.33 -2.66 -33.54
N THR A 567 15.42 -2.60 -32.79
CA THR A 567 16.50 -3.56 -32.95
C THR A 567 17.05 -4.05 -31.62
N TRP A 568 16.82 -3.33 -30.53
CA TRP A 568 17.35 -3.79 -29.25
C TRP A 568 16.27 -4.41 -28.38
N ALA A 569 15.02 -3.95 -28.51
CA ALA A 569 13.94 -4.59 -27.77
C ALA A 569 13.66 -5.99 -28.28
N LEU A 570 13.98 -6.28 -29.54
CA LEU A 570 13.86 -7.63 -30.05
C LEU A 570 14.86 -8.57 -29.40
N LEU A 571 16.07 -8.10 -29.13
CA LEU A 571 17.07 -8.98 -28.55
C LEU A 571 16.80 -9.20 -27.08
N LEU A 572 16.14 -8.24 -26.42
CA LEU A 572 15.75 -8.49 -25.04
C LEU A 572 14.50 -9.35 -24.97
N THR A 573 13.57 -9.17 -25.91
CA THR A 573 12.39 -10.03 -25.85
C THR A 573 12.67 -11.41 -26.44
N ALA A 574 13.80 -11.59 -27.10
CA ALA A 574 14.22 -12.93 -27.45
C ALA A 574 14.86 -13.62 -26.26
N CYS A 575 15.37 -12.84 -25.32
CA CYS A 575 16.01 -13.45 -24.16
C CYS A 575 15.08 -13.57 -22.96
N ILE A 576 13.84 -13.09 -23.07
CA ILE A 576 12.88 -13.39 -22.02
C ILE A 576 11.92 -14.48 -22.48
N CYS A 577 11.72 -14.59 -23.80
CA CYS A 577 11.14 -15.83 -24.33
C CYS A 577 12.08 -17.01 -24.10
N GLU A 578 13.38 -16.73 -24.03
CA GLU A 578 14.37 -17.78 -23.85
C GLU A 578 14.23 -18.47 -22.51
N ILE A 579 13.83 -17.72 -21.49
CA ILE A 579 13.68 -18.30 -20.16
C ILE A 579 12.44 -19.18 -20.10
N GLY A 580 11.41 -18.84 -20.88
CA GLY A 580 10.24 -19.69 -20.95
C GLY A 580 10.52 -21.01 -21.65
N ILE A 581 11.43 -20.99 -22.62
CA ILE A 581 11.73 -22.20 -23.38
C ILE A 581 12.62 -23.14 -22.57
N LEU A 582 13.48 -22.59 -21.70
CA LEU A 582 14.26 -23.46 -20.85
C LEU A 582 13.41 -24.13 -19.78
N ILE A 583 12.29 -23.53 -19.40
CA ILE A 583 11.35 -24.22 -18.51
C ILE A 583 10.69 -25.37 -19.24
N ALA A 584 10.41 -25.18 -20.54
CA ALA A 584 10.13 -26.27 -21.49
C ALA A 584 8.86 -27.04 -21.16
N SER A 585 7.92 -26.38 -20.52
CA SER A 585 6.75 -27.09 -20.00
C SER A 585 5.56 -26.16 -20.06
N LEU A 586 4.60 -26.50 -20.91
CA LEU A 586 3.39 -25.71 -21.11
C LEU A 586 2.59 -25.54 -19.84
N ASP A 587 2.67 -26.50 -18.91
CA ASP A 587 1.92 -26.41 -17.68
C ASP A 587 2.58 -25.53 -16.64
N GLU A 588 3.84 -25.15 -16.82
CA GLU A 588 4.50 -24.28 -15.86
C GLU A 588 4.73 -22.87 -16.37
N VAL A 589 4.80 -22.67 -17.69
CA VAL A 589 4.84 -21.32 -18.22
C VAL A 589 3.49 -20.64 -18.03
N ALA A 590 2.42 -21.42 -18.08
CA ALA A 590 1.06 -20.87 -17.98
C ALA A 590 0.72 -20.18 -16.66
N PRO A 591 1.14 -20.62 -15.47
CA PRO A 591 0.85 -19.79 -14.30
C PRO A 591 1.74 -18.57 -14.18
N ILE A 592 2.97 -18.64 -14.70
CA ILE A 592 3.87 -17.48 -14.64
C ILE A 592 3.40 -16.40 -15.61
N LEU A 593 2.91 -16.86 -16.76
CA LEU A 593 2.33 -15.98 -17.75
C LEU A 593 1.06 -15.34 -17.18
N SER A 594 0.27 -16.13 -16.44
CA SER A 594 -0.97 -15.64 -15.88
C SER A 594 -0.72 -14.65 -14.77
N MET A 595 0.45 -14.69 -14.16
CA MET A 595 0.70 -13.83 -13.00
C MET A 595 0.91 -12.38 -13.44
N PHE A 596 1.30 -12.15 -14.69
CA PHE A 596 1.51 -10.78 -15.12
C PHE A 596 0.26 -10.19 -15.73
N PHE A 597 -0.47 -10.96 -16.52
CA PHE A 597 -1.71 -10.46 -17.09
C PHE A 597 -2.77 -10.24 -16.02
N LEU A 598 -2.70 -10.96 -14.91
CA LEU A 598 -3.52 -10.59 -13.77
C LEU A 598 -3.06 -9.29 -13.16
N MET A 599 -1.75 -9.03 -13.19
CA MET A 599 -1.23 -7.86 -12.50
C MET A 599 -1.58 -6.59 -13.27
N CYS A 600 -1.65 -6.68 -14.61
CA CYS A 600 -2.02 -5.51 -15.40
C CYS A 600 -3.49 -5.19 -15.21
N TYR A 601 -4.32 -6.22 -15.15
CA TYR A 601 -5.74 -5.96 -14.98
C TYR A 601 -6.04 -5.59 -13.55
N MET A 602 -5.13 -5.90 -12.63
CA MET A 602 -5.23 -5.41 -11.27
C MET A 602 -5.07 -3.91 -11.22
N PHE A 603 -4.12 -3.36 -11.98
CA PHE A 603 -3.88 -1.93 -11.94
C PHE A 603 -4.91 -1.15 -12.73
N VAL A 604 -5.36 -1.70 -13.87
CA VAL A 604 -6.32 -1.00 -14.71
C VAL A 604 -7.66 -0.87 -13.98
N ASN A 605 -8.01 -1.85 -13.17
CA ASN A 605 -9.17 -1.70 -12.32
C ASN A 605 -8.86 -0.78 -11.12
N LEU A 606 -7.60 -0.74 -10.68
CA LEU A 606 -7.25 0.03 -9.50
C LEU A 606 -7.32 1.52 -9.77
N ALA A 607 -6.62 1.99 -10.81
CA ALA A 607 -6.47 3.42 -11.03
C ALA A 607 -7.78 4.05 -11.45
N CYS A 608 -8.62 3.31 -12.17
CA CYS A 608 -9.89 3.86 -12.60
C CYS A 608 -10.88 3.92 -11.44
N ALA A 609 -10.66 3.11 -10.40
CA ALA A 609 -11.53 3.17 -9.23
C ALA A 609 -11.08 4.28 -8.28
N VAL A 610 -9.78 4.53 -8.21
CA VAL A 610 -9.26 5.58 -7.35
C VAL A 610 -9.63 6.95 -7.91
N GLN A 611 -9.31 7.16 -9.19
CA GLN A 611 -9.43 8.48 -9.79
C GLN A 611 -10.87 8.91 -9.97
N THR A 612 -11.81 7.99 -9.91
CA THR A 612 -13.21 8.37 -9.85
C THR A 612 -13.60 8.82 -8.45
N LEU A 613 -13.05 8.17 -7.43
CA LEU A 613 -13.43 8.50 -6.06
C LEU A 613 -12.82 9.81 -5.60
N LEU A 614 -11.53 9.98 -5.83
CA LEU A 614 -10.88 11.19 -5.37
C LEU A 614 -11.15 12.40 -6.26
N ARG A 615 -11.76 12.20 -7.43
CA ARG A 615 -12.02 13.25 -8.41
C ARG A 615 -10.74 13.95 -8.83
N THR A 616 -9.88 13.21 -9.50
CA THR A 616 -8.66 13.76 -10.06
C THR A 616 -9.02 14.73 -11.19
N PRO A 617 -8.16 15.69 -11.51
CA PRO A 617 -8.45 16.59 -12.63
C PRO A 617 -8.37 15.90 -13.97
N ASN A 618 -9.26 16.34 -14.87
CA ASN A 618 -9.45 15.80 -16.22
C ASN A 618 -9.76 14.30 -16.18
N TRP A 619 -10.86 13.98 -15.53
CA TRP A 619 -11.33 12.60 -15.47
C TRP A 619 -12.82 12.61 -15.76
N ARG A 620 -13.18 12.42 -17.03
CA ARG A 620 -14.58 12.37 -17.45
C ARG A 620 -14.86 11.04 -18.12
N PRO A 621 -15.23 10.03 -17.36
CA PRO A 621 -15.69 8.78 -17.96
C PRO A 621 -17.10 8.90 -18.54
N ARG A 622 -17.22 9.30 -19.79
CA ARG A 622 -18.53 9.42 -20.45
C ARG A 622 -18.94 8.08 -21.07
N PHE A 623 -19.13 7.10 -20.21
CA PHE A 623 -19.62 5.80 -20.65
C PHE A 623 -20.98 5.54 -20.03
N ARG A 624 -21.83 4.81 -20.79
CA ARG A 624 -23.18 4.48 -20.38
C ARG A 624 -23.22 3.63 -19.12
N TYR A 625 -22.76 2.39 -19.24
CA TYR A 625 -22.99 1.37 -18.21
C TYR A 625 -21.75 1.29 -17.33
N TYR A 626 -21.60 2.30 -16.46
CA TYR A 626 -20.37 2.38 -15.69
C TYR A 626 -20.68 2.84 -14.28
N HIS A 627 -19.85 2.41 -13.34
CA HIS A 627 -19.83 2.94 -11.99
C HIS A 627 -18.39 2.79 -11.48
N TRP A 628 -18.13 3.30 -10.28
CA TRP A 628 -16.81 3.14 -9.69
C TRP A 628 -16.70 1.85 -8.88
N THR A 629 -17.81 1.32 -8.36
CA THR A 629 -17.75 0.03 -7.70
C THR A 629 -17.54 -1.08 -8.70
N LEU A 630 -17.98 -0.87 -9.94
CA LEU A 630 -17.87 -1.91 -10.95
C LEU A 630 -16.43 -2.12 -11.38
N SER A 631 -15.59 -1.11 -11.22
CA SER A 631 -14.15 -1.30 -11.32
C SER A 631 -13.55 -1.83 -10.04
N PHE A 632 -14.17 -1.52 -8.90
CA PHE A 632 -13.68 -2.00 -7.62
C PHE A 632 -13.96 -3.48 -7.45
N LEU A 633 -15.13 -3.93 -7.89
CA LEU A 633 -15.51 -5.33 -7.79
C LEU A 633 -14.58 -6.21 -8.63
N GLY A 634 -14.20 -5.72 -9.80
CA GLY A 634 -13.24 -6.44 -10.61
C GLY A 634 -11.82 -6.31 -10.09
N MET A 635 -11.58 -5.34 -9.22
CA MET A 635 -10.25 -5.19 -8.66
C MET A 635 -10.00 -6.24 -7.58
N SER A 636 -11.02 -6.52 -6.78
CA SER A 636 -10.86 -7.53 -5.75
C SER A 636 -10.86 -8.92 -6.35
N LEU A 637 -11.57 -9.10 -7.46
CA LEU A 637 -11.73 -10.43 -8.05
C LEU A 637 -10.42 -10.91 -8.65
N CYS A 638 -9.75 -10.04 -9.42
CA CYS A 638 -8.43 -10.41 -9.93
C CYS A 638 -7.32 -9.97 -9.02
N LEU A 639 -7.66 -9.68 -7.76
CA LEU A 639 -6.70 -9.85 -6.69
C LEU A 639 -6.74 -11.28 -6.18
N ALA A 640 -7.94 -11.85 -6.09
CA ALA A 640 -8.10 -13.19 -5.54
C ALA A 640 -7.56 -14.24 -6.49
N LEU A 641 -7.79 -14.06 -7.79
CA LEU A 641 -7.26 -14.98 -8.79
C LEU A 641 -5.74 -14.98 -8.80
N MET A 642 -5.15 -13.85 -8.43
CA MET A 642 -3.71 -13.72 -8.48
C MET A 642 -3.05 -14.53 -7.36
N PHE A 643 -3.78 -14.80 -6.29
CA PHE A 643 -3.25 -15.66 -5.23
C PHE A 643 -3.64 -17.12 -5.43
N ILE A 644 -4.81 -17.38 -6.04
CA ILE A 644 -5.27 -18.74 -6.28
C ILE A 644 -4.36 -19.45 -7.27
N CYS A 645 -3.74 -18.71 -8.18
CA CYS A 645 -2.71 -19.27 -9.06
C CYS A 645 -1.53 -19.78 -8.24
N SER A 646 -0.81 -18.88 -7.59
CA SER A 646 0.26 -19.26 -6.66
C SER A 646 0.57 -18.06 -5.78
N TRP A 647 0.35 -18.21 -4.47
CA TRP A 647 0.46 -17.06 -3.56
C TRP A 647 1.90 -16.60 -3.43
N TYR A 648 2.86 -17.52 -3.57
CA TYR A 648 4.25 -17.14 -3.38
C TYR A 648 4.85 -16.58 -4.65
N TYR A 649 4.08 -16.53 -5.74
CA TYR A 649 4.49 -15.75 -6.88
C TYR A 649 3.75 -14.43 -6.94
N ALA A 650 2.61 -14.34 -6.26
CA ALA A 650 1.83 -13.11 -6.29
C ALA A 650 2.51 -12.01 -5.48
N LEU A 651 3.27 -12.38 -4.45
CA LEU A 651 3.97 -11.36 -3.69
C LEU A 651 5.20 -10.87 -4.43
N VAL A 652 5.79 -11.70 -5.28
CA VAL A 652 6.94 -11.20 -6.02
C VAL A 652 6.44 -10.48 -7.27
N ALA A 653 5.15 -10.58 -7.58
CA ALA A 653 4.63 -9.86 -8.73
C ALA A 653 4.18 -8.46 -8.32
N MET A 654 3.65 -8.32 -7.11
CA MET A 654 3.23 -7.00 -6.65
C MET A 654 4.43 -6.15 -6.31
N LEU A 655 5.33 -6.67 -5.49
CA LEU A 655 6.43 -5.86 -4.96
C LEU A 655 7.52 -5.60 -5.98
N ILE A 656 7.39 -6.15 -7.19
CA ILE A 656 8.19 -5.66 -8.29
C ILE A 656 7.43 -4.57 -9.05
N ALA A 657 6.13 -4.75 -9.21
CA ALA A 657 5.32 -3.70 -9.83
C ALA A 657 5.14 -2.52 -8.89
N GLY A 658 5.07 -2.79 -7.59
CA GLY A 658 4.92 -1.71 -6.63
C GLY A 658 6.20 -0.93 -6.43
N LEU A 659 7.33 -1.45 -6.92
CA LEU A 659 8.58 -0.73 -6.77
C LEU A 659 8.91 0.06 -8.04
N ILE A 660 8.38 -0.35 -9.19
CA ILE A 660 8.54 0.48 -10.36
C ILE A 660 7.63 1.70 -10.27
N TYR A 661 6.47 1.54 -9.63
CA TYR A 661 5.54 2.64 -9.44
C TYR A 661 6.13 3.73 -8.55
N LYS A 662 6.99 3.34 -7.63
CA LYS A 662 7.64 4.33 -6.78
C LYS A 662 8.94 4.82 -7.41
N TYR A 663 9.49 4.06 -8.36
CA TYR A 663 10.71 4.50 -9.01
C TYR A 663 10.44 5.55 -10.07
N ILE A 664 9.26 5.49 -10.68
CA ILE A 664 8.89 6.52 -11.66
C ILE A 664 8.66 7.85 -10.97
N GLU A 665 8.04 7.81 -9.79
CA GLU A 665 7.71 9.05 -9.08
C GLU A 665 8.97 9.73 -8.55
N TYR A 666 9.95 8.95 -8.09
CA TYR A 666 11.22 9.54 -7.67
C TYR A 666 11.99 10.10 -8.85
N ARG A 667 11.71 9.61 -10.05
CA ARG A 667 12.23 10.29 -11.22
C ARG A 667 11.22 11.30 -11.75
N GLY A 668 9.97 11.17 -11.33
CA GLY A 668 8.99 12.18 -11.67
C GLY A 668 9.23 13.47 -10.92
N ALA A 669 9.74 13.35 -9.70
CA ALA A 669 10.05 14.53 -8.91
C ALA A 669 11.34 15.19 -9.37
N GLU A 670 12.37 14.39 -9.66
CA GLU A 670 13.68 14.96 -9.95
C GLU A 670 13.77 15.59 -11.34
N LYS A 671 12.69 15.57 -12.10
CA LYS A 671 12.70 16.27 -13.38
C LYS A 671 12.03 17.63 -13.25
N GLU A 672 10.86 17.67 -12.64
CA GLU A 672 10.10 18.91 -12.64
C GLU A 672 10.38 19.74 -11.39
N TRP A 673 10.47 19.11 -10.22
CA TRP A 673 10.62 19.89 -8.99
C TRP A 673 12.08 20.04 -8.60
N GLY A 674 12.89 20.42 -9.58
CA GLY A 674 14.30 20.54 -9.29
C GLY A 674 14.88 19.17 -9.08
N ASP A 675 15.10 18.82 -7.82
CA ASP A 675 15.65 17.52 -7.46
C ASP A 675 15.15 17.08 -6.10
N GLY A 676 15.58 15.88 -5.71
CA GLY A 676 15.58 15.47 -4.33
C GLY A 676 14.30 14.81 -3.86
N ILE A 677 14.35 14.41 -2.59
CA ILE A 677 13.17 13.86 -1.90
C ILE A 677 12.28 14.99 -1.40
N ARG A 678 12.71 16.24 -1.51
CA ARG A 678 11.78 17.34 -1.31
C ARG A 678 10.73 17.38 -2.43
N GLY A 679 11.11 16.95 -3.63
CA GLY A 679 10.20 17.07 -4.76
C GLY A 679 9.08 16.06 -4.71
N LEU A 680 9.29 14.96 -3.99
CA LEU A 680 8.21 14.00 -3.81
C LEU A 680 7.11 14.56 -2.94
N SER A 681 7.45 15.53 -2.09
CA SER A 681 6.48 16.21 -1.26
C SER A 681 5.92 17.45 -1.93
N LEU A 682 6.69 18.08 -2.81
CA LEU A 682 6.16 19.20 -3.58
C LEU A 682 5.06 18.76 -4.52
N SER A 683 5.25 17.60 -5.16
CA SER A 683 4.28 17.13 -6.14
C SER A 683 2.99 16.72 -5.47
N ALA A 684 3.08 16.04 -4.33
CA ALA A 684 1.88 15.65 -3.60
C ALA A 684 1.20 16.86 -3.00
N ALA A 685 1.96 17.92 -2.72
CA ALA A 685 1.35 19.18 -2.32
C ALA A 685 0.60 19.81 -3.46
N ARG A 686 1.20 19.82 -4.67
CA ARG A 686 0.54 20.42 -5.82
C ARG A 686 -0.69 19.62 -6.22
N TYR A 687 -0.56 18.29 -6.23
CA TYR A 687 -1.60 17.44 -6.77
C TYR A 687 -2.80 17.37 -5.83
N ALA A 688 -2.58 17.62 -4.55
CA ALA A 688 -3.71 17.65 -3.62
C ALA A 688 -4.47 18.96 -3.76
N LEU A 689 -3.76 20.04 -4.07
CA LEU A 689 -4.42 21.34 -4.19
C LEU A 689 -5.22 21.43 -5.47
N LEU A 690 -4.73 20.81 -6.54
CA LEU A 690 -5.46 20.84 -7.80
C LEU A 690 -6.69 19.97 -7.74
N ARG A 691 -6.69 18.98 -6.86
CA ARG A 691 -7.89 18.20 -6.61
C ARG A 691 -9.00 19.06 -6.03
N LEU A 692 -8.63 20.04 -5.22
CA LEU A 692 -9.59 20.81 -4.42
C LEU A 692 -10.38 21.83 -5.22
N GLU A 693 -10.05 22.04 -6.49
CA GLU A 693 -10.58 23.19 -7.23
C GLU A 693 -12.04 23.01 -7.63
N GLU A 694 -12.61 21.83 -7.42
CA GLU A 694 -13.92 21.53 -7.97
C GLU A 694 -15.04 21.80 -6.96
N GLY A 695 -14.85 21.35 -5.73
CA GLY A 695 -15.92 21.33 -4.75
C GLY A 695 -16.32 22.68 -4.21
N PRO A 696 -17.51 22.77 -3.62
CA PRO A 696 -17.95 24.01 -2.99
C PRO A 696 -17.29 24.19 -1.64
N PRO A 697 -17.21 25.43 -1.14
CA PRO A 697 -16.59 25.64 0.18
C PRO A 697 -17.53 25.39 1.36
N HIS A 698 -18.82 25.74 1.21
CA HIS A 698 -19.70 25.87 2.36
C HIS A 698 -20.35 24.57 2.79
N THR A 699 -19.79 23.41 2.39
CA THR A 699 -20.50 22.15 2.16
C THR A 699 -21.52 21.72 3.21
N LYS A 700 -21.07 21.36 4.41
CA LYS A 700 -22.01 21.11 5.48
C LYS A 700 -21.53 21.72 6.79
N ASN A 701 -20.22 21.65 7.02
CA ASN A 701 -19.63 21.82 8.33
C ASN A 701 -18.66 22.98 8.32
N TRP A 702 -18.47 23.60 9.48
CA TRP A 702 -17.59 24.74 9.62
C TRP A 702 -16.56 24.48 10.71
N ARG A 703 -15.32 24.82 10.41
CA ARG A 703 -14.26 24.88 11.39
C ARG A 703 -13.50 26.19 11.21
N PRO A 704 -13.13 26.87 12.29
CA PRO A 704 -12.33 28.08 12.14
C PRO A 704 -10.92 27.77 11.68
N GLN A 705 -10.52 28.39 10.60
CA GLN A 705 -9.15 28.34 10.09
C GLN A 705 -8.56 29.73 10.22
N LEU A 706 -7.61 29.88 11.11
CA LEU A 706 -7.23 31.19 11.63
C LEU A 706 -6.25 31.90 10.72
N LEU A 707 -6.56 33.15 10.43
CA LEU A 707 -5.61 34.15 9.99
C LEU A 707 -5.36 35.07 11.19
N VAL A 708 -4.14 35.05 11.71
CA VAL A 708 -3.76 35.96 12.78
C VAL A 708 -2.77 36.96 12.23
N LEU A 709 -2.82 38.16 12.76
CA LEU A 709 -1.95 39.24 12.30
C LEU A 709 -1.46 40.00 13.52
N VAL A 710 -0.16 40.24 13.55
CA VAL A 710 0.53 40.73 14.72
C VAL A 710 1.10 42.10 14.42
N ARG A 711 1.47 42.81 15.46
CA ARG A 711 2.14 44.10 15.33
C ARG A 711 3.60 43.94 15.70
N VAL A 712 4.49 44.33 14.80
CA VAL A 712 5.92 44.25 15.05
C VAL A 712 6.48 45.66 15.03
N ASP A 713 7.09 46.04 16.15
CA ASP A 713 7.67 47.35 16.36
C ASP A 713 9.09 47.41 15.82
N GLN A 714 9.71 48.57 16.10
CA GLN A 714 11.10 48.90 15.76
C GLN A 714 11.99 48.03 16.63
N ASP A 715 13.20 47.70 16.14
CA ASP A 715 14.11 46.72 16.79
C ASP A 715 13.19 45.52 16.90
N GLN A 716 12.79 45.06 15.72
CA GLN A 716 11.69 44.13 15.55
C GLN A 716 11.59 42.85 16.32
N ASN A 717 10.38 42.74 16.84
CA ASN A 717 9.87 41.59 17.57
C ASN A 717 8.36 41.76 17.68
N VAL A 718 7.68 40.68 18.05
CA VAL A 718 6.23 40.77 18.22
C VAL A 718 5.91 41.53 19.50
N VAL A 719 4.86 42.33 19.47
CA VAL A 719 4.52 43.11 20.63
C VAL A 719 3.65 42.33 21.61
N HIS A 720 2.86 41.36 21.14
CA HIS A 720 1.89 40.66 21.97
C HIS A 720 2.01 39.16 21.74
N PRO A 721 2.93 38.50 22.44
CA PRO A 721 3.06 37.05 22.29
C PRO A 721 1.89 36.29 22.89
N GLN A 722 1.07 36.93 23.71
CA GLN A 722 -0.09 36.26 24.28
C GLN A 722 -1.15 35.99 23.23
N LEU A 723 -1.13 36.76 22.14
CA LEU A 723 -2.06 36.52 21.05
C LEU A 723 -1.75 35.23 20.32
N LEU A 724 -0.45 34.94 20.14
CA LEU A 724 -0.07 33.63 19.61
C LEU A 724 -0.39 32.53 20.60
N SER A 725 -0.38 32.86 21.89
CA SER A 725 -0.71 31.88 22.91
C SER A 725 -2.17 31.50 22.87
N LEU A 726 -3.04 32.37 22.34
CA LEU A 726 -4.45 32.02 22.23
C LEU A 726 -4.67 31.04 21.08
N THR A 727 -3.88 31.15 20.02
CA THR A 727 -4.08 30.37 18.81
C THR A 727 -3.91 28.87 19.06
N SER A 728 -2.93 28.52 19.87
CA SER A 728 -2.74 27.12 20.20
C SER A 728 -3.81 26.62 21.15
N GLN A 729 -4.51 27.51 21.84
CA GLN A 729 -5.54 27.06 22.77
C GLN A 729 -6.87 26.79 22.07
N LEU A 730 -7.09 27.30 20.86
CA LEU A 730 -8.26 26.93 20.09
C LEU A 730 -7.96 25.76 19.18
N LYS A 731 -7.08 25.99 18.23
CA LYS A 731 -6.86 25.07 17.12
C LYS A 731 -5.60 24.26 17.37
N ALA A 732 -5.68 23.44 18.40
CA ALA A 732 -4.52 22.77 18.96
C ALA A 732 -4.09 21.64 18.05
N GLY A 733 -3.02 21.88 17.28
CA GLY A 733 -2.46 20.86 16.40
C GLY A 733 -3.42 20.40 15.33
N LYS A 734 -3.91 21.34 14.55
CA LYS A 734 -5.04 21.14 13.65
C LYS A 734 -4.78 21.98 12.41
N GLY A 735 -5.86 22.42 11.78
CA GLY A 735 -5.81 23.12 10.50
C GLY A 735 -4.96 24.37 10.35
N LEU A 736 -5.06 24.95 9.15
CA LEU A 736 -4.14 25.97 8.65
C LEU A 736 -4.08 27.19 9.56
N THR A 737 -2.87 27.65 9.82
CA THR A 737 -2.67 28.85 10.62
C THR A 737 -1.76 29.76 9.82
N ILE A 738 -2.14 31.02 9.64
CA ILE A 738 -1.32 31.99 8.94
C ILE A 738 -0.96 33.11 9.89
N VAL A 739 0.29 33.17 10.29
CA VAL A 739 0.81 34.27 11.11
C VAL A 739 1.24 35.37 10.14
N GLY A 740 0.40 36.39 9.99
CA GLY A 740 0.64 37.47 9.07
C GLY A 740 1.25 38.66 9.80
N SER A 741 2.06 39.42 9.08
CA SER A 741 2.68 40.60 9.66
C SER A 741 3.02 41.58 8.55
N VAL A 742 3.02 42.86 8.91
CA VAL A 742 3.27 43.95 7.98
C VAL A 742 4.32 44.87 8.57
N LEU A 743 4.95 45.64 7.68
CA LEU A 743 5.84 46.74 8.04
C LEU A 743 5.96 47.63 6.81
N GLU A 744 6.54 48.81 6.99
CA GLU A 744 6.29 49.95 6.12
C GLU A 744 7.39 50.16 5.09
N GLY A 745 7.00 50.20 3.82
CA GLY A 745 7.74 50.88 2.78
C GLY A 745 8.95 50.19 2.18
N THR A 746 9.12 50.41 0.86
CA THR A 746 10.33 50.21 0.05
C THR A 746 11.05 48.88 0.30
N PHE A 747 10.42 47.80 -0.15
CA PHE A 747 11.00 46.45 -0.16
C PHE A 747 12.42 46.37 -0.75
N LEU A 748 12.75 47.28 -1.67
CA LEU A 748 14.08 47.37 -2.25
C LEU A 748 15.16 47.53 -1.18
N GLU A 749 14.90 48.34 -0.15
CA GLU A 749 15.73 48.34 1.05
C GLU A 749 14.84 48.25 2.29
N ASN A 750 14.24 47.09 2.48
CA ASN A 750 13.60 46.79 3.75
C ASN A 750 13.61 45.30 4.05
N HIS A 751 14.17 44.47 3.18
CA HIS A 751 14.18 43.02 3.33
C HIS A 751 15.10 42.44 4.41
N PRO A 752 16.22 43.06 4.85
CA PRO A 752 16.83 42.54 6.08
C PRO A 752 15.97 42.75 7.31
N GLN A 753 15.12 43.77 7.31
CA GLN A 753 14.11 43.87 8.35
C GLN A 753 13.07 42.77 8.21
N ALA A 754 12.80 42.34 6.98
CA ALA A 754 11.88 41.22 6.79
C ALA A 754 12.46 39.92 7.30
N GLN A 755 13.79 39.78 7.24
CA GLN A 755 14.43 38.57 7.74
C GLN A 755 14.33 38.47 9.25
N ARG A 756 14.46 39.60 9.95
CA ARG A 756 14.25 39.62 11.38
C ARG A 756 12.80 39.34 11.72
N ALA A 757 11.90 39.92 10.92
CA ALA A 757 10.47 39.88 11.26
C ALA A 757 9.92 38.48 11.13
N GLU A 758 10.43 37.71 10.16
CA GLU A 758 9.92 36.35 10.00
C GLU A 758 10.54 35.40 11.00
N GLU A 759 11.80 35.64 11.37
CA GLU A 759 12.52 34.67 12.16
C GLU A 759 12.10 34.72 13.62
N SER A 760 11.63 35.89 14.06
CA SER A 760 11.10 36.01 15.41
C SER A 760 9.79 35.24 15.54
N ILE A 761 9.09 35.05 14.43
CA ILE A 761 7.81 34.35 14.48
C ILE A 761 8.02 32.84 14.40
N ARG A 762 9.04 32.42 13.65
CA ARG A 762 9.26 30.98 13.44
C ARG A 762 9.68 30.29 14.72
N ARG A 763 10.58 30.92 15.50
CA ARG A 763 10.96 30.32 16.77
C ARG A 763 9.88 30.49 17.82
N LEU A 764 8.91 31.37 17.58
CA LEU A 764 7.89 31.61 18.59
C LEU A 764 6.74 30.64 18.44
N MET A 765 6.40 30.25 17.21
CA MET A 765 5.34 29.27 17.01
C MET A 765 5.75 27.91 17.55
N GLU A 766 7.05 27.60 17.46
CA GLU A 766 7.56 26.38 18.06
C GLU A 766 7.53 26.47 19.58
N ALA A 767 7.62 27.69 20.11
CA ALA A 767 7.66 27.87 21.55
C ALA A 767 6.29 27.62 22.18
N GLU A 768 5.23 27.76 21.40
CA GLU A 768 3.87 27.57 21.90
C GLU A 768 3.12 26.51 21.15
N LYS A 769 3.82 25.69 20.37
CA LYS A 769 3.30 24.58 19.57
C LYS A 769 2.26 25.05 18.55
N VAL A 770 2.61 26.02 17.72
CA VAL A 770 1.75 26.44 16.61
C VAL A 770 2.35 25.89 15.32
N LYS A 771 1.56 25.14 14.57
CA LYS A 771 1.98 24.58 13.29
C LYS A 771 1.32 25.42 12.20
N GLY A 772 2.02 26.47 11.78
CA GLY A 772 1.45 27.40 10.82
C GLY A 772 2.46 27.93 9.83
N PHE A 773 2.09 29.01 9.14
CA PHE A 773 2.82 29.53 8.01
C PHE A 773 2.95 31.04 8.15
N CYS A 774 4.14 31.55 7.87
CA CYS A 774 4.44 32.96 8.08
C CYS A 774 4.37 33.74 6.78
N GLN A 775 3.84 34.96 6.86
CA GLN A 775 3.81 35.89 5.73
C GLN A 775 4.20 37.27 6.24
N VAL A 776 5.34 37.78 5.78
CA VAL A 776 5.82 39.09 6.17
C VAL A 776 5.77 39.98 4.94
N VAL A 777 4.90 40.98 4.99
CA VAL A 777 4.57 41.79 3.82
C VAL A 777 5.05 43.21 4.08
N ILE A 778 5.68 43.83 3.07
CA ILE A 778 6.16 45.20 3.19
C ILE A 778 5.32 46.06 2.27
N SER A 779 4.52 46.96 2.84
CA SER A 779 3.61 47.79 2.08
C SER A 779 3.93 49.26 2.33
N SER A 780 3.23 50.13 1.60
CA SER A 780 3.39 51.57 1.81
C SER A 780 2.78 51.99 3.14
N ASN A 781 1.48 51.79 3.27
CA ASN A 781 0.77 52.03 4.52
C ASN A 781 0.27 50.70 5.08
N LEU A 782 -0.15 50.72 6.34
CA LEU A 782 -0.68 49.51 6.95
C LEU A 782 -2.11 49.27 6.52
N ARG A 783 -2.74 50.27 5.90
CA ARG A 783 -4.09 50.11 5.39
C ARG A 783 -4.14 49.08 4.28
N ASP A 784 -3.21 49.18 3.32
CA ASP A 784 -3.15 48.22 2.23
C ASP A 784 -2.68 46.86 2.71
N GLY A 785 -1.57 46.83 3.45
CA GLY A 785 -0.86 45.58 3.70
C GLY A 785 -1.63 44.59 4.54
N VAL A 786 -2.63 45.06 5.27
CA VAL A 786 -3.53 44.11 5.90
C VAL A 786 -4.51 43.55 4.88
N SER A 787 -4.92 44.36 3.91
CA SER A 787 -5.94 43.92 2.97
C SER A 787 -5.35 43.06 1.86
N HIS A 788 -4.03 42.98 1.78
CA HIS A 788 -3.42 42.03 0.86
C HIS A 788 -3.25 40.66 1.50
N LEU A 789 -3.77 40.49 2.71
CA LEU A 789 -3.71 39.20 3.38
C LEU A 789 -5.10 38.69 3.71
N ILE A 790 -6.08 39.58 3.78
CA ILE A 790 -7.45 39.16 4.05
C ILE A 790 -8.05 38.49 2.80
N GLN A 791 -7.45 38.72 1.64
CA GLN A 791 -7.94 38.14 0.41
C GLN A 791 -6.93 37.31 -0.34
N SER A 792 -5.65 37.33 0.04
CA SER A 792 -4.64 36.61 -0.72
C SER A 792 -3.76 35.78 0.20
N GLY A 793 -4.38 35.07 1.13
CA GLY A 793 -3.64 34.20 2.01
C GLY A 793 -4.06 32.75 1.82
N GLY A 794 -3.15 31.94 1.32
CA GLY A 794 -3.47 30.52 1.20
C GLY A 794 -4.03 30.17 -0.15
N LEU A 795 -3.19 29.63 -1.03
CA LEU A 795 -3.65 29.30 -2.37
C LEU A 795 -4.42 28.00 -2.36
N GLY A 796 -5.22 27.81 -3.41
CA GLY A 796 -5.99 26.60 -3.50
C GLY A 796 -7.14 26.60 -2.53
N GLY A 797 -7.52 25.39 -2.14
CA GLY A 797 -8.66 25.24 -1.25
C GLY A 797 -8.37 25.65 0.17
N LEU A 798 -7.09 25.67 0.53
CA LEU A 798 -6.73 25.98 1.89
C LEU A 798 -6.71 27.48 2.15
N GLN A 799 -7.91 28.06 2.15
CA GLN A 799 -8.08 29.46 2.46
C GLN A 799 -8.18 29.63 3.97
N HIS A 800 -7.75 30.77 4.46
CA HIS A 800 -8.06 31.14 5.81
C HIS A 800 -9.54 31.49 5.90
N ASN A 801 -10.17 31.09 7.00
CA ASN A 801 -11.62 31.20 7.08
C ASN A 801 -12.07 32.21 8.11
N THR A 802 -11.23 32.52 9.08
CA THR A 802 -11.54 33.52 10.09
C THR A 802 -10.39 34.51 10.15
N VAL A 803 -10.58 35.59 10.91
CA VAL A 803 -9.51 36.52 11.22
C VAL A 803 -9.50 36.77 12.71
N LEU A 804 -8.38 36.48 13.36
CA LEU A 804 -8.17 36.73 14.78
C LEU A 804 -7.23 37.91 14.93
N VAL A 805 -7.72 38.95 15.63
CA VAL A 805 -7.05 40.23 15.69
C VAL A 805 -7.16 40.75 17.13
N GLY A 806 -6.20 41.59 17.52
CA GLY A 806 -6.20 42.17 18.85
C GLY A 806 -7.17 43.32 19.02
N TRP A 807 -6.69 44.43 19.58
CA TRP A 807 -7.51 45.61 19.78
C TRP A 807 -6.60 46.82 19.85
N PRO A 808 -7.00 47.95 19.28
CA PRO A 808 -6.18 49.16 19.43
C PRO A 808 -6.30 49.76 20.83
N ARG A 809 -5.25 49.59 21.64
CA ARG A 809 -5.31 50.08 23.01
C ARG A 809 -4.98 51.55 23.08
N ASN A 810 -4.08 52.03 22.23
CA ASN A 810 -3.80 53.46 22.13
C ASN A 810 -4.88 54.13 21.29
N TRP A 811 -6.05 54.26 21.89
CA TRP A 811 -7.26 54.57 21.12
C TRP A 811 -7.36 56.07 20.85
N ARG A 812 -7.54 56.86 21.90
CA ARG A 812 -7.69 58.30 21.75
C ARG A 812 -6.37 58.94 22.15
N GLN A 813 -5.48 59.10 21.16
CA GLN A 813 -4.14 59.62 21.38
C GLN A 813 -3.73 60.44 20.16
N LYS A 814 -2.42 60.62 19.99
CA LYS A 814 -1.84 61.66 19.13
C LYS A 814 -2.17 61.45 17.65
N GLU A 815 -1.62 60.38 17.05
CA GLU A 815 -1.69 60.22 15.60
C GLU A 815 -2.31 58.89 15.19
N ASP A 816 -2.39 57.91 16.10
CA ASP A 816 -2.84 56.53 15.93
C ASP A 816 -4.31 56.38 15.45
N HIS A 817 -5.02 57.51 15.34
CA HIS A 817 -6.38 57.57 14.80
C HIS A 817 -6.49 56.85 13.46
N GLN A 818 -5.55 57.12 12.55
CA GLN A 818 -5.61 56.47 11.25
C GLN A 818 -5.22 55.01 11.35
N THR A 819 -4.39 54.65 12.33
CA THR A 819 -4.17 53.24 12.59
C THR A 819 -5.37 52.64 13.29
N TRP A 820 -6.03 53.43 14.11
CA TRP A 820 -7.33 53.07 14.63
C TRP A 820 -8.38 53.01 13.53
N ARG A 821 -8.25 53.87 12.51
CA ARG A 821 -9.16 53.81 11.37
C ARG A 821 -8.91 52.57 10.53
N ASN A 822 -7.69 52.03 10.56
CA ASN A 822 -7.38 50.80 9.85
C ASN A 822 -8.11 49.61 10.45
N PHE A 823 -8.47 49.71 11.73
CA PHE A 823 -9.30 48.68 12.34
C PHE A 823 -10.73 48.75 11.81
N ILE A 824 -11.20 49.95 11.48
CA ILE A 824 -12.61 50.10 11.11
C ILE A 824 -12.83 49.60 9.69
N GLU A 825 -11.83 49.79 8.83
CA GLU A 825 -11.94 49.26 7.48
C GLU A 825 -11.75 47.76 7.45
N LEU A 826 -11.17 47.20 8.51
CA LEU A 826 -11.00 45.76 8.58
C LEU A 826 -12.32 45.07 8.88
N VAL A 827 -13.24 45.77 9.53
CA VAL A 827 -14.51 45.14 9.91
C VAL A 827 -15.43 45.05 8.71
N ARG A 828 -15.52 46.14 7.94
CA ARG A 828 -16.36 46.15 6.75
C ARG A 828 -15.82 45.22 5.68
N GLU A 829 -14.51 45.00 5.69
CA GLU A 829 -13.87 44.18 4.68
C GLU A 829 -14.26 42.70 4.83
N THR A 830 -14.37 42.24 6.07
CA THR A 830 -14.66 40.83 6.27
C THR A 830 -16.13 40.52 6.06
N THR A 831 -17.02 41.51 6.23
CA THR A 831 -18.42 41.29 5.89
C THR A 831 -18.59 41.16 4.39
N ALA A 832 -17.87 41.98 3.62
CA ALA A 832 -17.93 41.89 2.17
C ALA A 832 -17.26 40.61 1.68
N GLY A 833 -16.08 40.30 2.22
CA GLY A 833 -15.40 39.08 1.82
C GLY A 833 -15.96 37.81 2.42
N HIS A 834 -16.96 37.92 3.30
CA HIS A 834 -17.63 36.81 3.95
C HIS A 834 -16.65 35.94 4.75
N LEU A 835 -15.93 36.59 5.65
CA LEU A 835 -15.08 35.90 6.61
C LEU A 835 -15.70 36.00 8.00
N ALA A 836 -14.98 35.50 8.99
CA ALA A 836 -15.38 35.65 10.36
C ALA A 836 -14.33 36.42 11.13
N LEU A 837 -14.78 37.27 12.06
CA LEU A 837 -13.89 38.15 12.78
C LEU A 837 -13.84 37.76 14.25
N LEU A 838 -12.63 37.70 14.79
CA LEU A 838 -12.40 37.45 16.20
C LEU A 838 -11.53 38.56 16.75
N VAL A 839 -12.06 39.32 17.71
CA VAL A 839 -11.39 40.48 18.27
C VAL A 839 -11.11 40.20 19.74
N THR A 840 -9.84 40.32 20.14
CA THR A 840 -9.42 40.02 21.50
C THR A 840 -9.10 41.32 22.24
N LYS A 841 -9.64 41.45 23.44
CA LYS A 841 -9.53 42.63 24.27
C LYS A 841 -8.69 42.33 25.49
N ASN A 842 -7.84 43.30 25.85
CA ASN A 842 -6.82 43.18 26.90
C ASN A 842 -5.87 42.02 26.61
N VAL A 843 -5.10 42.21 25.54
CA VAL A 843 -4.38 41.11 24.89
C VAL A 843 -3.21 40.65 25.75
N SER A 844 -2.58 41.59 26.46
CA SER A 844 -1.37 41.25 27.21
C SER A 844 -1.68 40.37 28.41
N MET A 845 -2.87 40.50 28.98
CA MET A 845 -3.28 39.63 30.07
C MET A 845 -4.13 38.46 29.54
N PHE A 846 -3.44 37.55 28.88
CA PHE A 846 -4.02 36.29 28.42
C PHE A 846 -3.28 35.10 29.03
N PRO A 847 -3.96 33.98 29.24
CA PRO A 847 -3.27 32.81 29.78
C PRO A 847 -2.31 32.18 28.80
N GLY A 848 -1.01 32.30 29.09
CA GLY A 848 -0.03 31.55 28.33
C GLY A 848 0.04 30.10 28.77
N ASN A 849 0.79 29.31 28.01
CA ASN A 849 0.92 27.89 28.33
C ASN A 849 1.58 27.51 29.67
N PRO A 850 2.35 28.34 30.39
CA PRO A 850 2.61 27.99 31.79
C PRO A 850 1.39 28.04 32.68
N GLU A 851 0.66 29.15 32.67
CA GLU A 851 -0.45 29.31 33.59
C GLU A 851 -1.62 28.44 33.17
N ARG A 852 -2.15 27.68 34.11
CA ARG A 852 -3.35 26.89 33.88
C ARG A 852 -4.38 27.31 34.91
N PHE A 853 -5.64 27.23 34.51
CA PHE A 853 -6.71 27.76 35.35
C PHE A 853 -7.44 26.62 36.03
N SER A 854 -8.06 26.93 37.16
CA SER A 854 -8.98 26.04 37.85
C SER A 854 -10.17 26.86 38.28
N GLU A 855 -11.26 26.16 38.66
CA GLU A 855 -12.59 26.71 38.99
C GLU A 855 -13.05 27.81 38.01
N GLY A 856 -12.81 27.57 36.72
CA GLY A 856 -13.05 28.56 35.69
C GLY A 856 -14.49 28.57 35.21
N SER A 857 -14.94 29.73 34.78
CA SER A 857 -16.25 29.90 34.16
C SER A 857 -16.09 30.74 32.90
N ILE A 858 -16.61 30.22 31.78
CA ILE A 858 -16.71 31.00 30.56
C ILE A 858 -18.16 31.42 30.35
N ASP A 859 -18.37 32.73 30.16
CA ASP A 859 -19.72 33.27 30.11
C ASP A 859 -20.01 33.77 28.70
N VAL A 860 -21.00 33.16 28.06
CA VAL A 860 -21.31 33.39 26.66
C VAL A 860 -22.66 34.10 26.57
N TRP A 861 -22.71 35.17 25.78
CA TRP A 861 -23.89 36.00 25.66
C TRP A 861 -24.39 35.97 24.23
N TRP A 862 -25.17 34.95 23.90
CA TRP A 862 -25.66 34.78 22.54
C TRP A 862 -27.03 35.42 22.43
N ILE A 863 -27.10 36.58 21.77
CA ILE A 863 -28.29 37.40 21.83
C ILE A 863 -29.21 37.05 20.67
N VAL A 864 -28.78 37.36 19.45
CA VAL A 864 -29.62 37.09 18.29
C VAL A 864 -28.84 36.29 17.26
N HIS A 865 -27.74 36.85 16.80
CA HIS A 865 -27.09 36.32 15.61
C HIS A 865 -25.86 35.50 15.97
N ASP A 866 -25.25 34.92 14.93
CA ASP A 866 -24.05 34.08 15.01
C ASP A 866 -24.26 32.88 15.93
N GLY A 867 -25.12 31.96 15.51
CA GLY A 867 -25.38 30.80 16.33
C GLY A 867 -24.22 29.83 16.39
N GLY A 868 -23.85 29.26 15.26
CA GLY A 868 -22.95 28.12 15.27
C GLY A 868 -21.50 28.50 15.53
N MET A 869 -21.21 29.80 15.56
CA MET A 869 -19.86 30.23 15.83
C MET A 869 -19.70 30.65 17.28
N LEU A 870 -20.71 31.26 17.85
CA LEU A 870 -20.61 31.68 19.24
C LEU A 870 -20.80 30.51 20.18
N MET A 871 -21.48 29.46 19.76
CA MET A 871 -21.61 28.25 20.54
C MET A 871 -20.35 27.39 20.51
N LEU A 872 -19.70 27.29 19.37
CA LEU A 872 -18.62 26.35 19.15
C LEU A 872 -17.29 26.85 19.69
N LEU A 873 -17.11 28.17 19.74
CA LEU A 873 -15.87 28.75 20.24
C LEU A 873 -15.47 28.43 21.67
N PRO A 874 -16.36 28.35 22.68
CA PRO A 874 -15.87 27.85 23.96
C PRO A 874 -15.63 26.36 23.94
N PHE A 875 -16.42 25.63 23.14
CA PHE A 875 -16.32 24.17 23.08
C PHE A 875 -14.99 23.73 22.49
N LEU A 876 -14.41 24.56 21.63
CA LEU A 876 -13.06 24.29 21.17
C LEU A 876 -12.04 24.65 22.24
N LEU A 877 -12.32 25.70 23.00
CA LEU A 877 -11.37 26.15 24.03
C LEU A 877 -11.35 25.18 25.21
N ARG A 878 -12.52 24.78 25.67
CA ARG A 878 -12.59 23.93 26.84
C ARG A 878 -11.82 22.66 26.55
N HIS A 879 -11.93 22.20 25.31
CA HIS A 879 -11.25 20.99 24.88
C HIS A 879 -9.76 21.02 25.21
N HIS A 880 -9.19 22.19 25.48
CA HIS A 880 -7.77 22.30 25.75
C HIS A 880 -7.49 22.19 27.25
N LYS A 881 -6.29 21.70 27.56
CA LYS A 881 -5.87 21.37 28.92
C LYS A 881 -5.86 22.59 29.84
N VAL A 882 -5.54 23.77 29.31
CA VAL A 882 -5.54 24.98 30.13
C VAL A 882 -6.96 25.35 30.50
N TRP A 883 -7.88 25.21 29.56
CA TRP A 883 -9.28 25.49 29.79
C TRP A 883 -10.07 24.23 30.09
N ARG A 884 -9.39 23.19 30.57
CA ARG A 884 -10.05 21.91 30.79
C ARG A 884 -10.97 21.98 32.00
N LYS A 885 -10.46 22.44 33.13
CA LYS A 885 -11.19 22.45 34.41
C LYS A 885 -11.98 23.75 34.50
N CYS A 886 -12.90 23.94 33.55
CA CYS A 886 -13.63 25.19 33.49
C CYS A 886 -15.11 24.87 33.34
N LYS A 887 -15.92 25.92 33.43
CA LYS A 887 -17.36 25.78 33.31
C LYS A 887 -17.86 26.65 32.17
N MET A 888 -18.90 26.18 31.49
CA MET A 888 -19.50 26.91 30.39
C MET A 888 -20.84 27.46 30.85
N ARG A 889 -21.02 28.76 30.70
CA ARG A 889 -22.26 29.44 31.08
C ARG A 889 -22.78 30.21 29.89
N ILE A 890 -24.00 29.93 29.47
CA ILE A 890 -24.60 30.58 28.31
C ILE A 890 -25.80 31.38 28.76
N PHE A 891 -25.72 32.69 28.58
CA PHE A 891 -26.77 33.61 29.01
C PHE A 891 -27.37 34.23 27.76
N THR A 892 -28.70 34.27 27.68
CA THR A 892 -29.38 34.70 26.47
C THR A 892 -30.23 35.92 26.76
N VAL A 893 -30.05 36.97 25.96
CA VAL A 893 -30.87 38.17 26.03
C VAL A 893 -32.12 37.95 25.18
N ALA A 894 -33.28 38.35 25.69
CA ALA A 894 -34.55 38.15 25.00
C ALA A 894 -35.17 39.49 24.68
N GLN A 895 -35.98 39.52 23.62
CA GLN A 895 -36.78 40.68 23.27
C GLN A 895 -38.26 40.36 23.03
N MET A 896 -38.67 39.12 23.24
CA MET A 896 -40.06 38.73 23.07
C MET A 896 -40.78 38.75 24.42
N ASP A 897 -42.00 38.21 24.44
CA ASP A 897 -42.80 38.20 25.65
C ASP A 897 -42.62 36.91 26.45
N ASP A 898 -42.77 35.76 25.80
CA ASP A 898 -42.66 34.49 26.51
C ASP A 898 -41.18 34.15 26.67
N ASN A 899 -40.85 33.56 27.81
CA ASN A 899 -39.49 33.07 27.99
C ASN A 899 -39.46 31.56 28.17
N SER A 900 -40.59 30.95 28.47
CA SER A 900 -40.70 29.51 28.70
C SER A 900 -40.38 28.72 27.44
N ILE A 901 -41.19 28.91 26.40
CA ILE A 901 -40.96 28.27 25.11
C ILE A 901 -39.66 28.77 24.50
N GLN A 902 -39.28 30.01 24.82
CA GLN A 902 -37.95 30.50 24.47
C GLN A 902 -36.85 29.66 25.08
N MET A 903 -37.02 29.24 26.34
CA MET A 903 -36.06 28.29 26.89
C MET A 903 -36.30 26.90 26.34
N LYS A 904 -37.55 26.55 26.06
CA LYS A 904 -37.84 25.24 25.51
C LYS A 904 -37.42 25.15 24.04
N LYS A 905 -37.26 26.28 23.38
CA LYS A 905 -36.56 26.27 22.09
C LYS A 905 -35.05 26.24 22.30
N ASP A 906 -34.57 26.87 23.37
CA ASP A 906 -33.14 26.91 23.59
C ASP A 906 -32.62 25.61 24.18
N LEU A 907 -33.40 24.98 25.06
CA LEU A 907 -32.92 23.76 25.72
C LEU A 907 -32.97 22.56 24.79
N THR A 908 -33.68 22.67 23.67
CA THR A 908 -33.65 21.57 22.71
C THR A 908 -32.54 21.75 21.69
N THR A 909 -31.86 22.89 21.71
CA THR A 909 -30.67 23.05 20.86
C THR A 909 -29.54 22.17 21.35
N PHE A 910 -29.35 22.12 22.67
CA PHE A 910 -28.19 21.45 23.26
C PHE A 910 -28.28 19.94 23.09
N LEU A 911 -29.51 19.41 23.17
CA LEU A 911 -29.74 17.99 22.91
C LEU A 911 -29.41 17.66 21.46
N TYR A 912 -29.59 18.63 20.56
CA TYR A 912 -29.22 18.43 19.17
C TYR A 912 -27.73 18.67 18.96
N HIS A 913 -27.14 19.57 19.75
CA HIS A 913 -25.72 19.85 19.67
C HIS A 913 -24.86 18.89 20.46
N LEU A 914 -25.45 18.08 21.34
CA LEU A 914 -24.80 17.14 22.27
C LEU A 914 -23.77 17.81 23.17
N ARG A 915 -23.94 19.09 23.49
CA ARG A 915 -23.04 19.80 24.38
C ARG A 915 -23.85 20.50 25.47
N ILE A 916 -24.71 19.72 26.13
CA ILE A 916 -25.76 20.19 27.04
C ILE A 916 -25.14 20.73 28.34
N THR A 917 -23.83 20.53 28.51
CA THR A 917 -23.14 20.78 29.77
C THR A 917 -23.10 22.25 30.19
N ALA A 918 -23.55 23.17 29.32
CA ALA A 918 -23.62 24.57 29.70
C ALA A 918 -24.91 24.88 30.44
N GLU A 919 -24.85 25.86 31.33
CA GLU A 919 -26.03 26.32 32.06
C GLU A 919 -26.65 27.51 31.36
N VAL A 920 -27.98 27.54 31.30
CA VAL A 920 -28.72 28.54 30.55
C VAL A 920 -29.41 29.49 31.51
N GLU A 921 -29.29 30.80 31.26
CA GLU A 921 -30.06 31.76 32.01
C GLU A 921 -30.57 32.85 31.08
N VAL A 922 -31.86 33.17 31.23
CA VAL A 922 -32.52 34.17 30.42
C VAL A 922 -32.36 35.54 31.08
N VAL A 923 -32.13 36.56 30.26
CA VAL A 923 -32.21 37.95 30.66
C VAL A 923 -32.99 38.70 29.59
N GLU A 924 -33.59 39.82 29.98
CA GLU A 924 -34.25 40.74 29.07
C GLU A 924 -34.46 42.07 29.79
N MET A 925 -34.87 43.08 29.02
CA MET A 925 -35.23 44.37 29.59
C MET A 925 -36.62 44.80 29.16
N GLN A 1076 -27.68 62.17 17.49
CA GLN A 1076 -29.01 61.57 17.55
C GLN A 1076 -28.94 60.06 17.54
N SER A 1077 -28.39 59.51 16.45
CA SER A 1077 -28.40 58.06 16.26
C SER A 1077 -27.41 57.38 17.18
N ASN A 1078 -26.28 58.03 17.45
CA ASN A 1078 -25.26 57.44 18.30
C ASN A 1078 -25.74 57.30 19.74
N VAL A 1079 -26.57 58.25 20.20
CA VAL A 1079 -27.05 58.23 21.56
C VAL A 1079 -28.01 57.07 21.78
N ARG A 1080 -28.88 56.80 20.79
CA ARG A 1080 -29.74 55.63 20.84
C ARG A 1080 -28.93 54.33 20.84
N ARG A 1081 -27.81 54.32 20.10
CA ARG A 1081 -26.88 53.21 20.20
C ARG A 1081 -26.23 53.17 21.58
N MET A 1082 -25.97 54.34 22.17
CA MET A 1082 -25.33 54.38 23.47
C MET A 1082 -26.30 54.51 24.63
N HIS A 1083 -27.61 54.55 24.36
CA HIS A 1083 -28.57 54.26 25.40
C HIS A 1083 -28.50 52.80 25.82
N THR A 1084 -28.70 51.91 24.86
CA THR A 1084 -28.78 50.48 25.17
C THR A 1084 -27.39 49.91 25.42
N ALA A 1085 -26.34 50.63 25.04
CA ALA A 1085 -24.97 50.18 25.32
C ALA A 1085 -24.70 50.14 26.81
N VAL A 1086 -24.93 51.26 27.49
CA VAL A 1086 -24.61 51.34 28.92
C VAL A 1086 -25.62 50.56 29.74
N ARG A 1087 -26.83 50.35 29.22
CA ARG A 1087 -27.82 49.60 29.97
C ARG A 1087 -27.52 48.11 29.93
N LEU A 1088 -27.20 47.59 28.75
CA LEU A 1088 -26.88 46.17 28.63
C LEU A 1088 -25.55 45.83 29.30
N ASN A 1089 -24.58 46.73 29.26
CA ASN A 1089 -23.28 46.45 29.87
C ASN A 1089 -23.38 46.39 31.38
N GLU A 1090 -24.36 47.07 31.95
CA GLU A 1090 -24.68 46.85 33.35
C GLU A 1090 -25.17 45.43 33.56
N VAL A 1091 -26.02 44.94 32.66
CA VAL A 1091 -26.59 43.59 32.80
C VAL A 1091 -25.52 42.53 32.57
N ILE A 1092 -24.53 42.85 31.73
CA ILE A 1092 -23.42 41.94 31.49
C ILE A 1092 -22.64 41.70 32.77
N VAL A 1093 -22.20 42.79 33.41
CA VAL A 1093 -21.28 42.65 34.53
C VAL A 1093 -22.01 42.14 35.77
N LYS A 1094 -23.29 42.51 35.93
CA LYS A 1094 -23.97 42.19 37.19
C LYS A 1094 -24.38 40.74 37.27
N LYS A 1095 -24.14 39.95 36.22
CA LYS A 1095 -24.18 38.51 36.32
C LYS A 1095 -22.87 37.85 35.94
N SER A 1096 -21.90 38.61 35.45
CA SER A 1096 -20.64 38.03 34.99
C SER A 1096 -19.45 38.92 35.34
N ARG A 1097 -19.35 39.37 36.60
CA ARG A 1097 -18.18 40.16 37.00
C ARG A 1097 -16.89 39.36 36.88
N ASP A 1098 -16.90 38.10 37.29
CA ASP A 1098 -15.68 37.30 37.31
C ASP A 1098 -15.88 36.04 36.49
N ALA A 1099 -15.60 36.16 35.19
CA ALA A 1099 -15.39 35.00 34.34
C ALA A 1099 -13.95 35.01 33.90
N LYS A 1100 -13.48 33.88 33.40
CA LYS A 1100 -12.13 33.87 32.85
C LYS A 1100 -12.11 34.39 31.43
N LEU A 1101 -13.26 34.36 30.74
CA LEU A 1101 -13.39 34.83 29.38
C LEU A 1101 -14.85 35.11 29.10
N VAL A 1102 -15.14 36.23 28.43
CA VAL A 1102 -16.49 36.66 28.13
C VAL A 1102 -16.64 36.71 26.62
N LEU A 1103 -17.78 36.26 26.11
CA LEU A 1103 -18.07 36.27 24.68
C LEU A 1103 -19.29 37.13 24.40
N LEU A 1104 -19.20 37.97 23.36
CA LEU A 1104 -20.23 38.94 23.05
C LEU A 1104 -20.41 39.04 21.55
N ASN A 1105 -21.61 39.44 21.12
CA ASN A 1105 -21.85 39.70 19.71
C ASN A 1105 -21.31 41.07 19.30
N MET A 1106 -20.60 41.09 18.18
CA MET A 1106 -20.06 42.32 17.65
C MET A 1106 -20.95 42.83 16.53
N PRO A 1107 -21.55 44.00 16.68
CA PRO A 1107 -22.54 44.45 15.70
C PRO A 1107 -21.90 44.99 14.44
N GLY A 1108 -22.74 45.25 13.45
CA GLY A 1108 -22.30 45.76 12.18
C GLY A 1108 -21.93 47.24 12.24
N PRO A 1109 -20.82 47.60 11.59
CA PRO A 1109 -20.44 49.01 11.55
C PRO A 1109 -21.36 49.79 10.62
N PRO A 1110 -21.46 51.11 10.80
CA PRO A 1110 -22.37 51.89 9.94
C PRO A 1110 -21.81 52.08 8.55
N ARG A 1111 -22.72 52.26 7.58
CA ARG A 1111 -22.30 52.51 6.20
C ARG A 1111 -22.01 53.99 5.97
N ASN A 1112 -22.21 54.81 7.00
CA ASN A 1112 -22.06 56.25 6.92
C ASN A 1112 -20.60 56.63 6.68
N ARG A 1113 -19.70 55.91 7.35
CA ARG A 1113 -18.26 56.10 7.47
C ARG A 1113 -17.87 57.34 8.26
N ASN A 1114 -18.84 58.13 8.71
CA ASN A 1114 -18.61 59.15 9.72
C ASN A 1114 -18.83 58.59 11.12
N GLY A 1115 -19.12 57.29 11.21
CA GLY A 1115 -19.37 56.55 12.43
C GLY A 1115 -18.14 56.06 13.16
N ASP A 1116 -17.05 56.81 13.13
CA ASP A 1116 -15.93 56.54 14.01
C ASP A 1116 -16.33 56.71 15.46
N GLU A 1117 -17.05 57.78 15.76
CA GLU A 1117 -17.42 58.06 17.13
C GLU A 1117 -18.85 57.60 17.41
N ASN A 1118 -19.57 57.21 16.37
CA ASN A 1118 -20.92 56.68 16.58
C ASN A 1118 -20.90 55.21 16.96
N TYR A 1119 -19.73 54.56 16.89
CA TYR A 1119 -19.62 53.11 16.95
C TYR A 1119 -18.51 52.61 17.85
N MET A 1120 -17.49 53.40 18.13
CA MET A 1120 -16.35 52.85 18.85
C MET A 1120 -16.37 53.16 20.34
N GLU A 1121 -16.94 54.29 20.73
CA GLU A 1121 -17.30 54.45 22.14
C GLU A 1121 -18.37 53.46 22.53
N PHE A 1122 -19.24 53.09 21.56
CA PHE A 1122 -20.20 52.02 21.75
C PHE A 1122 -19.52 50.70 22.11
N LEU A 1123 -18.31 50.48 21.60
CA LEU A 1123 -17.60 49.26 21.91
C LEU A 1123 -16.75 49.39 23.17
N GLU A 1124 -16.27 50.59 23.49
CA GLU A 1124 -15.51 50.73 24.73
C GLU A 1124 -16.44 50.79 25.94
N VAL A 1125 -17.67 51.29 25.75
CA VAL A 1125 -18.68 51.07 26.77
C VAL A 1125 -19.05 49.59 26.83
N LEU A 1126 -18.99 48.89 25.68
CA LEU A 1126 -19.27 47.46 25.66
C LEU A 1126 -18.19 46.68 26.41
N THR A 1127 -16.95 47.14 26.33
CA THR A 1127 -15.88 46.55 27.12
C THR A 1127 -15.74 47.28 28.46
N GLU A 1128 -16.80 47.22 29.25
CA GLU A 1128 -16.84 47.98 30.50
C GLU A 1128 -16.00 47.30 31.58
N HIS A 1129 -14.67 47.43 31.43
CA HIS A 1129 -13.67 47.01 32.41
C HIS A 1129 -13.80 45.52 32.76
N LEU A 1130 -13.87 44.72 31.70
CA LEU A 1130 -13.75 43.28 31.83
C LEU A 1130 -12.30 42.87 31.69
N ASP A 1131 -11.95 41.77 32.35
CA ASP A 1131 -10.58 41.30 32.31
C ASP A 1131 -10.22 40.75 30.93
N ARG A 1132 -10.98 39.76 30.46
CA ARG A 1132 -10.72 39.13 29.17
C ARG A 1132 -12.07 38.94 28.49
N VAL A 1133 -12.30 39.68 27.42
CA VAL A 1133 -13.48 39.52 26.59
C VAL A 1133 -13.02 39.38 25.14
N MET A 1134 -13.67 38.49 24.40
CA MET A 1134 -13.36 38.29 23.00
C MET A 1134 -14.60 38.59 22.17
N LEU A 1135 -14.45 39.52 21.24
CA LEU A 1135 -15.53 39.96 20.36
C LEU A 1135 -15.51 39.14 19.09
N VAL A 1136 -16.69 38.89 18.54
CA VAL A 1136 -16.83 37.94 17.44
C VAL A 1136 -18.01 38.34 16.57
N ARG A 1137 -17.81 38.28 15.24
CA ARG A 1137 -18.87 38.32 14.25
C ARG A 1137 -18.36 37.67 12.97
N GLY A 1138 -19.29 37.21 12.14
CA GLY A 1138 -18.95 36.52 10.91
C GLY A 1138 -20.08 36.58 9.90
N GLY A 1139 -19.86 35.92 8.76
CA GLY A 1139 -20.88 35.91 7.73
C GLY A 1139 -20.88 34.71 6.80
N GLY A 1140 -22.06 34.16 6.53
CA GLY A 1140 -22.25 33.17 5.49
C GLY A 1140 -21.64 31.80 5.72
N ARG A 1141 -22.10 31.09 6.74
CA ARG A 1141 -21.56 29.80 7.13
C ARG A 1141 -22.65 28.95 7.75
N GLU A 1142 -22.34 27.68 7.99
CA GLU A 1142 -23.24 26.74 8.63
C GLU A 1142 -22.44 25.74 9.45
N VAL A 1143 -22.93 25.41 10.63
CA VAL A 1143 -22.21 24.58 11.58
C VAL A 1143 -23.04 23.36 11.92
N ILE A 1144 -22.47 22.19 11.67
CA ILE A 1144 -23.11 20.94 12.04
C ILE A 1144 -22.15 20.15 12.92
N VAL B 90 20.20 -3.34 50.78
CA VAL B 90 19.04 -4.21 50.89
C VAL B 90 17.80 -3.38 51.16
N SER B 91 18.02 -2.11 51.55
CA SER B 91 16.92 -1.26 51.96
C SER B 91 16.10 -0.81 50.75
N SER B 92 16.78 -0.42 49.67
CA SER B 92 16.07 -0.03 48.47
C SER B 92 15.47 -1.23 47.75
N LEU B 93 15.95 -2.43 48.04
CA LEU B 93 15.33 -3.65 47.56
C LEU B 93 13.93 -3.82 48.14
N LEU B 94 13.85 -4.01 49.46
CA LEU B 94 12.58 -4.32 50.12
C LEU B 94 11.57 -3.19 49.97
N SER B 95 12.03 -1.94 50.04
CA SER B 95 11.14 -0.82 49.78
C SER B 95 10.70 -0.79 48.32
N GLY B 96 11.61 -1.15 47.41
CA GLY B 96 11.24 -1.30 46.02
C GLY B 96 10.40 -2.53 45.77
N LEU B 97 10.58 -3.56 46.59
CA LEU B 97 9.70 -4.72 46.51
C LEU B 97 8.34 -4.44 47.13
N ALA B 98 8.24 -3.37 47.93
CA ALA B 98 6.94 -2.90 48.35
C ALA B 98 6.24 -2.12 47.25
N ASN B 99 6.98 -1.71 46.23
CA ASN B 99 6.46 -0.97 45.10
C ASN B 99 6.21 -1.87 43.90
N TYR B 100 6.98 -2.94 43.77
CA TYR B 100 7.08 -3.69 42.52
C TYR B 100 5.76 -4.39 42.15
N THR B 101 5.07 -3.83 41.17
CA THR B 101 3.84 -4.39 40.63
C THR B 101 3.95 -4.37 39.11
N ASN B 102 3.65 -5.49 38.48
CA ASN B 102 3.74 -5.59 37.02
C ASN B 102 2.35 -5.45 36.44
N LEU B 103 1.92 -4.19 36.30
CA LEU B 103 0.67 -3.87 35.62
C LEU B 103 0.93 -2.64 34.77
N PRO B 104 0.20 -2.46 33.68
CA PRO B 104 0.36 -1.25 32.88
C PRO B 104 -0.27 -0.03 33.52
N GLN B 105 0.23 1.14 33.10
CA GLN B 105 -0.31 2.41 33.53
C GLN B 105 -1.35 2.87 32.51
N GLY B 106 -2.62 2.88 32.92
CA GLY B 106 -3.72 3.22 32.05
C GLY B 106 -4.05 4.71 32.03
N SER B 107 -5.30 5.01 31.76
CA SER B 107 -5.72 6.40 31.57
C SER B 107 -5.89 7.13 32.90
N ARG B 108 -6.04 6.39 34.00
CA ARG B 108 -6.02 7.03 35.32
C ARG B 108 -4.62 7.55 35.62
N GLU B 109 -3.59 6.84 35.19
CA GLU B 109 -2.23 7.35 35.31
C GLU B 109 -1.96 8.45 34.29
N HIS B 110 -2.82 8.57 33.28
CA HIS B 110 -2.71 9.67 32.33
C HIS B 110 -3.38 10.92 32.87
N GLU B 111 -4.34 10.77 33.78
CA GLU B 111 -4.97 11.91 34.41
C GLU B 111 -4.02 12.61 35.37
N GLU B 112 -3.12 11.85 35.99
CA GLU B 112 -2.18 12.45 36.92
C GLU B 112 -1.04 13.15 36.20
N ALA B 113 -0.92 12.91 34.89
CA ALA B 113 0.08 13.63 34.11
C ALA B 113 -0.45 14.98 33.64
N GLU B 114 -1.77 15.09 33.44
CA GLU B 114 -2.32 16.35 32.97
C GLU B 114 -2.64 17.29 34.12
N ASN B 115 -2.86 16.75 35.32
CA ASN B 115 -3.14 17.60 36.47
C ASN B 115 -1.90 18.36 36.91
N ASN B 116 -0.73 17.82 36.60
CA ASN B 116 0.53 18.44 36.96
C ASN B 116 1.11 19.16 35.75
N PRO B 127 6.87 6.65 43.24
CA PRO B 127 7.59 7.85 42.82
C PRO B 127 8.91 7.54 42.11
N ARG B 128 9.96 7.23 42.87
CA ARG B 128 11.20 6.84 42.24
C ARG B 128 11.09 5.41 41.74
N MET B 129 11.89 5.06 40.74
CA MET B 129 12.13 3.67 40.34
C MET B 129 13.59 3.54 39.97
N GLY B 130 13.91 2.45 39.28
CA GLY B 130 15.24 2.20 38.78
C GLY B 130 15.14 1.41 37.50
N THR B 131 16.29 1.14 36.89
CA THR B 131 16.32 0.34 35.68
C THR B 131 15.95 -1.11 35.99
N PHE B 132 16.37 -1.61 37.15
CA PHE B 132 16.26 -3.02 37.47
C PHE B 132 14.81 -3.44 37.73
N MET B 133 14.15 -2.83 38.69
CA MET B 133 12.79 -3.22 38.99
C MET B 133 11.75 -2.49 38.15
N GLY B 134 12.17 -1.65 37.23
CA GLY B 134 11.23 -0.82 36.52
C GLY B 134 10.88 -1.29 35.12
N VAL B 135 11.88 -1.69 34.36
CA VAL B 135 11.71 -2.17 33.01
C VAL B 135 12.14 -3.63 32.88
N TYR B 136 13.26 -4.00 33.49
CA TYR B 136 13.89 -5.29 33.25
C TYR B 136 13.07 -6.44 33.80
N LEU B 137 12.79 -6.42 35.08
CA LEU B 137 11.93 -7.42 35.68
C LEU B 137 10.47 -7.45 35.23
N PRO B 138 9.81 -6.33 34.85
CA PRO B 138 8.49 -6.50 34.22
C PRO B 138 8.57 -7.16 32.86
N CYS B 139 9.58 -6.82 32.06
CA CYS B 139 9.70 -7.39 30.73
C CYS B 139 10.10 -8.86 30.80
N LEU B 140 10.93 -9.21 31.77
CA LEU B 140 11.41 -10.59 31.89
C LEU B 140 10.31 -11.51 32.37
N GLN B 141 9.34 -10.98 33.11
CA GLN B 141 8.21 -11.81 33.49
C GLN B 141 7.28 -12.05 32.31
N ASN B 142 7.02 -11.01 31.52
CA ASN B 142 6.01 -11.14 30.48
C ASN B 142 6.55 -11.76 29.21
N ILE B 143 7.76 -12.31 29.22
CA ILE B 143 8.24 -13.10 28.09
C ILE B 143 8.26 -14.57 28.44
N PHE B 144 8.76 -14.92 29.61
CA PHE B 144 8.67 -16.29 30.11
C PHE B 144 7.22 -16.68 30.32
N GLY B 145 6.77 -17.70 29.63
CA GLY B 145 5.36 -18.08 29.61
C GLY B 145 5.16 -19.56 29.63
N VAL B 146 4.23 -20.03 28.81
CA VAL B 146 3.87 -21.43 28.85
C VAL B 146 4.73 -22.24 27.88
N ILE B 147 5.24 -21.58 26.83
CA ILE B 147 5.84 -22.30 25.71
C ILE B 147 7.19 -22.89 26.10
N LEU B 148 7.85 -22.33 27.11
CA LEU B 148 9.10 -22.93 27.56
C LEU B 148 8.84 -24.25 28.25
N PHE B 149 7.72 -24.38 28.94
CA PHE B 149 7.47 -25.56 29.74
C PHE B 149 6.64 -26.61 29.03
N LEU B 150 5.75 -26.19 28.14
CA LEU B 150 4.71 -27.09 27.68
C LEU B 150 4.97 -27.56 26.26
N ARG B 151 5.63 -26.74 25.46
CA ARG B 151 5.83 -27.08 24.06
C ARG B 151 7.20 -26.73 23.53
N LEU B 152 8.22 -26.61 24.36
CA LEU B 152 9.55 -26.41 23.81
C LEU B 152 10.22 -27.74 23.50
N THR B 153 10.17 -28.68 24.44
CA THR B 153 10.80 -29.98 24.29
C THR B 153 10.16 -30.79 23.16
N TRP B 154 8.87 -30.55 22.91
CA TRP B 154 8.21 -31.15 21.77
C TRP B 154 8.76 -30.62 20.47
N VAL B 155 9.31 -29.41 20.49
CA VAL B 155 9.88 -28.82 19.28
C VAL B 155 11.36 -29.19 19.16
N VAL B 156 12.01 -29.45 20.28
CA VAL B 156 13.43 -29.80 20.24
C VAL B 156 13.63 -31.17 19.58
N GLY B 157 12.78 -32.12 19.90
CA GLY B 157 12.94 -33.45 19.34
C GLY B 157 12.45 -33.54 17.90
N ILE B 158 11.40 -32.81 17.57
CA ILE B 158 10.82 -32.90 16.23
C ILE B 158 11.68 -32.20 15.20
N ALA B 159 12.04 -30.95 15.48
CA ALA B 159 12.84 -30.21 14.52
C ALA B 159 14.33 -30.38 14.75
N GLY B 160 14.72 -31.22 15.69
CA GLY B 160 16.15 -31.35 15.90
C GLY B 160 16.70 -30.17 16.67
N ILE B 161 18.03 -30.07 16.69
CA ILE B 161 18.64 -28.95 17.39
C ILE B 161 19.32 -28.04 16.39
N MET B 162 19.55 -28.52 15.17
CA MET B 162 20.19 -27.69 14.17
C MET B 162 19.19 -26.81 13.47
N GLU B 163 17.96 -27.30 13.31
CA GLU B 163 16.92 -26.49 12.71
C GLU B 163 16.26 -25.60 13.75
N SER B 164 16.24 -26.04 15.01
CA SER B 164 15.63 -25.24 16.07
C SER B 164 16.51 -24.07 16.45
N PHE B 165 17.83 -24.24 16.38
CA PHE B 165 18.74 -23.13 16.63
C PHE B 165 18.59 -22.06 15.55
N CYS B 166 18.37 -22.48 14.31
CA CYS B 166 18.09 -21.51 13.25
C CYS B 166 16.68 -20.95 13.39
N MET B 167 15.82 -21.68 14.10
CA MET B 167 14.45 -21.22 14.32
C MET B 167 14.38 -20.18 15.43
N VAL B 168 15.14 -20.39 16.50
CA VAL B 168 15.15 -19.42 17.60
C VAL B 168 15.85 -18.14 17.17
N PHE B 169 16.90 -18.26 16.36
CA PHE B 169 17.72 -17.11 16.05
C PHE B 169 17.06 -16.20 15.01
N ILE B 170 15.96 -16.65 14.39
CA ILE B 170 15.23 -15.74 13.51
C ILE B 170 13.98 -15.19 14.20
N CYS B 171 13.49 -15.88 15.24
CA CYS B 171 12.37 -15.34 15.99
C CYS B 171 12.87 -14.40 17.08
N CYS B 172 14.08 -14.63 17.59
CA CYS B 172 14.70 -13.67 18.49
C CYS B 172 15.06 -12.39 17.78
N SER B 173 15.59 -12.50 16.56
CA SER B 173 16.20 -11.34 15.92
C SER B 173 15.16 -10.35 15.44
N CYS B 174 13.90 -10.76 15.37
CA CYS B 174 12.85 -9.78 15.11
C CYS B 174 12.58 -8.96 16.34
N THR B 175 12.58 -9.59 17.51
CA THR B 175 12.27 -8.87 18.74
C THR B 175 13.37 -7.88 19.10
N MET B 176 14.62 -8.23 18.84
CA MET B 176 15.70 -7.31 19.21
C MET B 176 15.72 -6.12 18.27
N LEU B 177 15.30 -6.29 17.02
CA LEU B 177 15.23 -5.14 16.11
C LEU B 177 13.99 -4.29 16.38
N THR B 178 12.88 -4.90 16.77
CA THR B 178 11.74 -4.06 17.12
C THR B 178 11.84 -3.49 18.51
N ALA B 179 12.86 -3.87 19.28
CA ALA B 179 13.14 -3.15 20.52
C ALA B 179 13.91 -1.88 20.24
N ILE B 180 14.73 -1.88 19.18
CA ILE B 180 15.42 -0.68 18.75
C ILE B 180 14.43 0.33 18.18
N SER B 181 13.40 -0.15 17.50
CA SER B 181 12.35 0.76 17.07
C SER B 181 11.47 1.21 18.23
N MET B 182 11.44 0.43 19.32
CA MET B 182 10.83 0.95 20.54
C MET B 182 11.79 1.83 21.30
N SER B 183 13.08 1.76 20.97
CA SER B 183 14.05 2.63 21.63
C SER B 183 14.01 4.03 21.06
N ALA B 184 13.88 4.15 19.73
CA ALA B 184 13.87 5.47 19.10
C ALA B 184 12.58 6.21 19.41
N ILE B 185 11.50 5.50 19.72
CA ILE B 185 10.30 6.15 20.23
C ILE B 185 10.55 6.63 21.65
N ALA B 186 11.39 5.93 22.39
CA ALA B 186 11.63 6.31 23.78
C ALA B 186 12.53 7.53 23.88
N THR B 187 13.59 7.59 23.08
CA THR B 187 14.51 8.72 23.15
C THR B 187 13.86 9.98 22.63
N ASN B 188 13.01 9.84 21.61
CA ASN B 188 12.24 10.98 21.14
C ASN B 188 11.08 11.24 22.10
N GLY B 189 10.58 12.45 22.09
CA GLY B 189 9.46 12.79 22.94
C GLY B 189 9.90 13.02 24.37
N VAL B 190 8.90 13.06 25.27
CA VAL B 190 9.17 13.40 26.66
C VAL B 190 8.74 12.19 27.49
N VAL B 191 8.35 11.11 26.81
CA VAL B 191 7.87 9.85 27.38
C VAL B 191 6.69 10.11 28.32
N PRO B 192 5.48 10.28 27.78
CA PRO B 192 4.34 10.65 28.62
C PRO B 192 3.95 9.54 29.57
N ALA B 193 3.40 9.94 30.70
CA ALA B 193 3.04 9.00 31.74
C ALA B 193 1.82 8.19 31.33
N GLY B 194 1.91 6.89 31.46
CA GLY B 194 0.80 6.03 31.11
C GLY B 194 1.10 5.13 29.93
N GLY B 195 1.39 3.86 30.20
CA GLY B 195 1.46 2.84 29.18
C GLY B 195 2.50 2.95 28.09
N SER B 196 2.54 1.94 27.24
CA SER B 196 3.28 1.99 25.99
C SER B 196 2.43 2.55 24.87
N TYR B 197 1.12 2.63 25.08
CA TYR B 197 0.23 3.16 24.06
C TYR B 197 0.43 4.64 23.86
N TYR B 198 0.53 5.39 24.96
CA TYR B 198 0.70 6.83 24.86
C TYR B 198 2.11 7.18 24.40
N MET B 199 3.05 6.27 24.53
CA MET B 199 4.39 6.56 24.05
C MET B 199 4.44 6.43 22.54
N ILE B 200 3.69 5.48 21.99
CA ILE B 200 3.70 5.28 20.55
C ILE B 200 2.75 6.27 19.88
N SER B 201 1.59 6.50 20.49
CA SER B 201 0.57 7.33 19.85
C SER B 201 1.01 8.77 19.73
N ARG B 202 1.72 9.28 20.74
CA ARG B 202 2.14 10.68 20.68
C ARG B 202 3.34 10.86 19.77
N SER B 203 4.15 9.83 19.63
CA SER B 203 5.38 9.93 18.86
C SER B 203 5.22 9.50 17.42
N LEU B 204 4.07 8.93 17.06
CA LEU B 204 3.81 8.55 15.67
C LEU B 204 2.46 9.06 15.21
N GLY B 205 1.81 9.94 15.97
CA GLY B 205 0.55 10.49 15.57
C GLY B 205 -0.59 9.53 15.76
N PRO B 206 -1.81 10.03 15.63
CA PRO B 206 -2.98 9.15 15.76
C PRO B 206 -3.21 8.26 14.54
N GLU B 207 -2.39 8.40 13.50
CA GLU B 207 -2.53 7.57 12.32
C GLU B 207 -2.17 6.11 12.61
N PHE B 208 -0.95 5.86 13.10
CA PHE B 208 -0.52 4.49 13.35
C PHE B 208 -0.88 4.05 14.76
N GLY B 209 -1.06 4.99 15.68
CA GLY B 209 -1.28 4.64 17.06
C GLY B 209 -2.59 3.94 17.30
N GLY B 210 -3.58 4.20 16.46
CA GLY B 210 -4.82 3.48 16.55
C GLY B 210 -4.76 2.11 15.91
N ALA B 211 -3.72 1.87 15.10
CA ALA B 211 -3.58 0.57 14.45
C ALA B 211 -2.59 -0.31 15.19
N VAL B 212 -1.54 0.27 15.74
CA VAL B 212 -0.65 -0.49 16.63
C VAL B 212 -1.38 -0.82 17.92
N GLY B 213 -2.18 0.12 18.41
CA GLY B 213 -2.86 -0.09 19.68
C GLY B 213 -4.03 -1.06 19.57
N LEU B 214 -4.45 -1.38 18.35
CA LEU B 214 -5.63 -2.25 18.22
C LEU B 214 -5.23 -3.65 17.80
N CYS B 215 -4.13 -3.81 17.07
CA CYS B 215 -3.61 -5.16 16.84
C CYS B 215 -3.09 -5.72 18.15
N PHE B 216 -2.50 -4.87 18.97
CA PHE B 216 -1.96 -5.29 20.25
C PHE B 216 -3.05 -5.59 21.25
N TYR B 217 -4.25 -5.09 21.02
CA TYR B 217 -5.35 -5.46 21.89
C TYR B 217 -5.80 -6.88 21.63
N LEU B 218 -5.91 -7.25 20.35
CA LEU B 218 -6.33 -8.60 20.03
C LEU B 218 -5.19 -9.59 20.23
N GLY B 219 -3.95 -9.14 20.02
CA GLY B 219 -2.82 -10.00 20.22
C GLY B 219 -2.63 -10.38 21.67
N THR B 220 -3.07 -9.50 22.58
CA THR B 220 -2.91 -9.77 23.99
C THR B 220 -4.10 -10.53 24.54
N THR B 221 -5.27 -10.34 23.93
CA THR B 221 -6.46 -11.05 24.40
C THR B 221 -6.36 -12.54 24.11
N PHE B 222 -5.82 -12.91 22.96
CA PHE B 222 -5.58 -14.32 22.70
C PHE B 222 -4.45 -14.87 23.55
N ALA B 223 -3.56 -14.00 24.06
CA ALA B 223 -2.58 -14.47 25.02
C ALA B 223 -3.23 -14.76 26.37
N GLY B 224 -4.40 -14.18 26.61
CA GLY B 224 -5.18 -14.59 27.76
C GLY B 224 -5.73 -15.99 27.59
N ALA B 225 -6.28 -16.28 26.41
CA ALA B 225 -6.92 -17.57 26.21
C ALA B 225 -5.90 -18.66 25.95
N MET B 226 -4.70 -18.30 25.51
CA MET B 226 -3.68 -19.33 25.30
C MET B 226 -3.11 -19.81 26.61
N TYR B 227 -2.83 -18.87 27.52
CA TYR B 227 -2.30 -19.23 28.81
C TYR B 227 -3.34 -19.98 29.63
N ILE B 228 -4.61 -19.66 29.44
CA ILE B 228 -5.66 -20.35 30.17
C ILE B 228 -5.81 -21.79 29.67
N LEU B 229 -5.56 -22.02 28.38
CA LEU B 229 -5.45 -23.40 27.92
C LEU B 229 -4.17 -24.06 28.43
N GLY B 230 -3.15 -23.26 28.72
CA GLY B 230 -1.95 -23.82 29.29
C GLY B 230 -2.15 -24.34 30.69
N THR B 231 -2.99 -23.66 31.47
CA THR B 231 -3.22 -24.09 32.84
C THR B 231 -4.13 -25.29 32.89
N ILE B 232 -5.10 -25.38 31.98
CA ILE B 232 -6.02 -26.50 31.99
C ILE B 232 -5.32 -27.76 31.50
N GLU B 233 -4.36 -27.61 30.59
CA GLU B 233 -3.60 -28.77 30.12
C GLU B 233 -2.74 -29.36 31.22
N ILE B 234 -2.13 -28.50 32.06
CA ILE B 234 -1.36 -29.00 33.19
C ILE B 234 -2.30 -29.63 34.22
N LEU B 235 -3.50 -29.08 34.34
CA LEU B 235 -4.43 -29.56 35.35
C LEU B 235 -5.02 -30.91 34.96
N LEU B 236 -5.04 -31.24 33.68
CA LEU B 236 -5.59 -32.51 33.27
C LEU B 236 -4.55 -33.57 32.99
N ALA B 237 -3.29 -33.19 32.88
CA ALA B 237 -2.29 -34.19 32.55
C ALA B 237 -1.39 -34.53 33.72
N TYR B 238 -1.21 -33.61 34.67
CA TYR B 238 -0.25 -33.86 35.74
C TYR B 238 -0.84 -33.71 37.12
N LEU B 239 -1.56 -32.62 37.40
CA LEU B 239 -2.06 -32.40 38.75
C LEU B 239 -3.28 -33.26 39.06
N PHE B 240 -4.35 -33.07 38.32
CA PHE B 240 -5.61 -33.78 38.54
C PHE B 240 -6.04 -34.53 37.28
N PRO B 241 -5.35 -35.63 36.93
CA PRO B 241 -5.73 -36.34 35.71
C PRO B 241 -6.89 -37.30 35.94
N ALA B 242 -7.44 -37.29 37.15
CA ALA B 242 -8.62 -38.08 37.47
C ALA B 242 -9.92 -37.34 37.13
N MET B 243 -10.03 -36.09 37.59
CA MET B 243 -11.27 -35.35 37.45
C MET B 243 -11.42 -34.81 36.03
N ALA B 244 -12.39 -35.35 35.29
CA ALA B 244 -12.73 -34.88 33.96
C ALA B 244 -14.15 -35.33 33.66
N ILE B 245 -14.96 -34.42 33.11
CA ILE B 245 -16.35 -34.76 32.81
C ILE B 245 -16.43 -35.64 31.57
N PHE B 246 -15.92 -35.15 30.45
CA PHE B 246 -15.93 -35.91 29.22
C PHE B 246 -14.77 -36.90 29.23
N LYS B 247 -15.11 -38.18 29.09
CA LYS B 247 -14.13 -39.23 28.93
C LYS B 247 -14.46 -40.01 27.67
N ALA B 248 -13.42 -40.55 27.05
CA ALA B 248 -13.53 -41.18 25.73
C ALA B 248 -14.36 -42.45 25.84
N GLU B 249 -15.41 -42.55 25.01
CA GLU B 249 -16.28 -43.72 25.05
C GLU B 249 -15.64 -44.92 24.37
N ASP B 250 -14.53 -44.71 23.68
CA ASP B 250 -13.77 -45.78 23.07
C ASP B 250 -12.29 -45.43 23.07
N ALA B 251 -11.49 -46.26 22.38
CA ALA B 251 -10.07 -45.97 22.24
C ALA B 251 -9.82 -44.89 21.20
N SER B 252 -10.83 -44.53 20.41
CA SER B 252 -10.69 -43.53 19.36
C SER B 252 -11.28 -42.18 19.75
N GLY B 253 -11.92 -42.09 20.92
CA GLY B 253 -12.46 -40.84 21.37
C GLY B 253 -11.48 -39.92 22.04
N GLU B 254 -10.19 -40.25 22.01
CA GLU B 254 -9.19 -39.41 22.66
C GLU B 254 -8.99 -38.11 21.90
N ALA B 255 -9.34 -38.07 20.62
CA ALA B 255 -9.27 -36.83 19.87
C ALA B 255 -10.41 -35.89 20.28
N ALA B 256 -11.61 -36.44 20.45
CA ALA B 256 -12.78 -35.60 20.68
C ALA B 256 -12.95 -35.27 22.16
N ALA B 257 -12.75 -36.26 23.04
CA ALA B 257 -13.03 -36.04 24.45
C ALA B 257 -12.01 -35.10 25.08
N MET B 258 -10.79 -35.07 24.55
CA MET B 258 -9.78 -34.15 25.04
C MET B 258 -10.15 -32.70 24.73
N LEU B 259 -10.69 -32.46 23.54
CA LEU B 259 -11.07 -31.09 23.21
C LEU B 259 -12.36 -30.69 23.91
N ASN B 260 -13.18 -31.67 24.28
CA ASN B 260 -14.35 -31.33 25.08
C ASN B 260 -13.98 -31.09 26.53
N ASN B 261 -12.82 -31.56 26.96
CA ASN B 261 -12.33 -31.17 28.28
C ASN B 261 -11.88 -29.73 28.28
N MET B 262 -11.23 -29.29 27.20
CA MET B 262 -10.62 -27.97 27.22
C MET B 262 -11.65 -26.87 27.04
N ARG B 263 -12.83 -27.22 26.53
CA ARG B 263 -13.89 -26.23 26.40
C ARG B 263 -14.66 -26.07 27.69
N VAL B 264 -14.78 -27.14 28.48
CA VAL B 264 -15.71 -27.11 29.59
C VAL B 264 -15.01 -26.58 30.85
N TYR B 265 -13.68 -26.58 30.86
CA TYR B 265 -12.96 -26.02 32.00
C TYR B 265 -12.49 -24.60 31.72
N GLY B 266 -12.22 -24.29 30.47
CA GLY B 266 -11.80 -22.95 30.10
C GLY B 266 -12.88 -21.94 30.35
N THR B 267 -14.09 -22.20 29.86
CA THR B 267 -15.21 -21.30 30.11
C THR B 267 -15.64 -21.34 31.56
N CYS B 268 -15.35 -22.44 32.25
CA CYS B 268 -15.58 -22.47 33.68
C CYS B 268 -14.57 -21.59 34.42
N VAL B 269 -13.33 -21.50 33.93
CA VAL B 269 -12.34 -20.71 34.65
C VAL B 269 -12.25 -19.29 34.11
N LEU B 270 -12.68 -19.05 32.87
CA LEU B 270 -12.60 -17.70 32.33
C LEU B 270 -13.59 -16.77 33.02
N THR B 271 -14.72 -17.31 33.47
CA THR B 271 -15.61 -16.53 34.30
C THR B 271 -15.01 -16.29 35.67
N CYS B 272 -14.16 -17.21 36.14
CA CYS B 272 -13.47 -17.01 37.40
C CYS B 272 -12.34 -16.00 37.23
N MET B 273 -11.68 -16.01 36.08
CA MET B 273 -10.59 -15.07 35.84
C MET B 273 -11.11 -13.66 35.65
N ALA B 274 -12.31 -13.53 35.09
CA ALA B 274 -12.82 -12.20 34.76
C ALA B 274 -13.36 -11.50 36.00
N THR B 275 -13.96 -12.24 36.92
CA THR B 275 -14.55 -11.61 38.09
C THR B 275 -13.48 -11.18 39.06
N VAL B 276 -12.42 -11.97 39.20
CA VAL B 276 -11.38 -11.68 40.19
C VAL B 276 -10.60 -10.43 39.80
N VAL B 277 -10.36 -10.25 38.50
CA VAL B 277 -9.73 -9.01 38.06
C VAL B 277 -10.73 -7.86 38.13
N PHE B 278 -12.02 -8.15 38.16
CA PHE B 278 -13.01 -7.09 38.27
C PHE B 278 -13.09 -6.57 39.71
N VAL B 279 -13.43 -7.43 40.66
CA VAL B 279 -13.63 -6.97 42.04
C VAL B 279 -12.32 -6.90 42.81
N GLY B 280 -11.43 -7.86 42.63
CA GLY B 280 -10.22 -7.90 43.41
C GLY B 280 -8.99 -7.33 42.71
N VAL B 281 -9.04 -6.07 42.31
CA VAL B 281 -7.90 -5.50 41.61
C VAL B 281 -6.77 -5.21 42.58
N LYS B 282 -7.09 -4.96 43.85
CA LYS B 282 -6.05 -4.60 44.81
C LYS B 282 -5.28 -5.83 45.27
N TYR B 283 -5.93 -7.00 45.23
CA TYR B 283 -5.26 -8.23 45.65
C TYR B 283 -4.26 -8.69 44.60
N VAL B 284 -4.69 -8.74 43.34
CA VAL B 284 -3.84 -9.22 42.25
C VAL B 284 -2.75 -8.20 41.93
N ASN B 285 -2.92 -6.97 42.41
CA ASN B 285 -1.85 -5.99 42.33
C ASN B 285 -0.69 -6.40 43.24
N LYS B 286 -0.99 -7.13 44.31
CA LYS B 286 0.04 -7.45 45.30
C LYS B 286 0.87 -8.66 44.88
N PHE B 287 0.32 -9.57 44.09
CA PHE B 287 0.98 -10.84 43.80
C PHE B 287 1.87 -10.77 42.56
N ALA B 288 2.46 -9.61 42.27
CA ALA B 288 3.34 -9.55 41.11
C ALA B 288 4.70 -10.14 41.41
N LEU B 289 5.08 -10.21 42.69
CA LEU B 289 6.38 -10.75 43.03
C LEU B 289 6.31 -12.27 43.19
N VAL B 290 5.13 -12.78 43.53
CA VAL B 290 4.91 -14.22 43.65
C VAL B 290 5.12 -14.89 42.29
N PHE B 291 4.52 -14.30 41.26
CA PHE B 291 4.54 -14.91 39.94
C PHE B 291 5.92 -14.87 39.33
N LEU B 292 6.69 -13.83 39.60
CA LEU B 292 8.05 -13.81 39.11
C LEU B 292 8.94 -14.73 39.93
N GLY B 293 8.59 -14.95 41.19
CA GLY B 293 9.33 -15.92 41.98
C GLY B 293 9.09 -17.34 41.53
N CYS B 294 7.88 -17.62 41.06
CA CYS B 294 7.57 -18.98 40.59
C CYS B 294 8.25 -19.28 39.28
N VAL B 295 8.50 -18.26 38.46
CA VAL B 295 9.13 -18.49 37.17
C VAL B 295 10.61 -18.75 37.33
N ILE B 296 11.33 -17.81 37.94
CA ILE B 296 12.78 -17.82 37.87
C ILE B 296 13.37 -18.92 38.76
N LEU B 297 12.62 -19.35 39.77
CA LEU B 297 13.04 -20.55 40.50
C LEU B 297 12.85 -21.78 39.64
N SER B 298 11.81 -21.80 38.83
CA SER B 298 11.54 -22.95 37.97
C SER B 298 12.55 -23.02 36.84
N ILE B 299 13.06 -21.88 36.41
CA ILE B 299 14.09 -21.91 35.38
C ILE B 299 15.42 -22.34 35.98
N LEU B 300 15.70 -21.93 37.22
CA LEU B 300 16.94 -22.35 37.86
C LEU B 300 16.86 -23.81 38.29
N ALA B 301 15.66 -24.32 38.54
CA ALA B 301 15.52 -25.72 38.90
C ALA B 301 15.83 -26.62 37.70
N ILE B 302 15.62 -26.12 36.49
CA ILE B 302 16.07 -26.83 35.31
C ILE B 302 17.59 -26.86 35.25
N TYR B 303 18.21 -25.68 35.33
CA TYR B 303 19.65 -25.58 35.22
C TYR B 303 20.38 -26.16 36.41
N ALA B 304 19.70 -26.37 37.54
CA ALA B 304 20.29 -27.17 38.59
C ALA B 304 20.38 -28.63 38.16
N GLY B 305 19.25 -29.20 37.76
CA GLY B 305 19.18 -30.63 37.49
C GLY B 305 19.92 -31.05 36.24
N VAL B 306 20.29 -30.10 35.39
CA VAL B 306 21.11 -30.45 34.24
C VAL B 306 22.55 -30.65 34.67
N ILE B 307 22.94 -30.06 35.81
CA ILE B 307 24.31 -30.24 36.27
C ILE B 307 24.40 -31.51 37.11
N LYS B 308 23.34 -31.82 37.87
CA LYS B 308 23.31 -33.05 38.65
C LYS B 308 23.25 -34.26 37.73
N SER B 309 22.56 -34.14 36.60
CA SER B 309 22.41 -35.29 35.71
C SER B 309 23.70 -35.62 34.99
N ALA B 310 24.62 -34.65 34.92
CA ALA B 310 25.92 -34.91 34.31
C ALA B 310 26.73 -35.87 35.17
N PHE B 311 26.65 -35.74 36.49
CA PHE B 311 27.40 -36.64 37.36
C PHE B 311 26.62 -37.92 37.64
N ASP B 312 25.32 -37.80 37.90
CA ASP B 312 24.46 -38.97 38.02
C ASP B 312 23.07 -38.62 37.52
N PRO B 313 22.65 -39.21 36.41
CA PRO B 313 21.29 -39.00 35.91
C PRO B 313 20.28 -39.67 36.80
N PRO B 314 19.03 -39.18 36.83
CA PRO B 314 18.00 -39.82 37.65
C PRO B 314 17.51 -41.12 37.06
N ASN B 315 16.47 -41.69 37.65
CA ASN B 315 15.90 -42.95 37.17
C ASN B 315 14.59 -42.65 36.47
N PHE B 316 14.63 -42.59 35.14
CA PHE B 316 13.43 -42.47 34.33
C PHE B 316 13.55 -43.39 33.12
N PRO B 317 13.30 -44.68 33.30
CA PRO B 317 13.46 -45.61 32.18
C PRO B 317 12.22 -45.63 31.30
N ILE B 318 12.44 -46.01 30.04
CA ILE B 318 11.37 -46.11 29.06
C ILE B 318 11.38 -47.53 28.49
N CYS B 319 10.25 -47.94 27.95
CA CYS B 319 10.10 -49.31 27.44
C CYS B 319 9.82 -49.27 25.95
N LEU B 320 10.50 -50.13 25.22
CA LEU B 320 10.41 -50.20 23.77
C LEU B 320 9.92 -51.58 23.34
N LEU B 321 9.50 -51.66 22.09
CA LEU B 321 9.00 -52.91 21.53
C LEU B 321 9.38 -52.90 20.05
N GLY B 322 10.56 -53.44 19.75
CA GLY B 322 11.11 -53.24 18.42
C GLY B 322 11.54 -51.80 18.28
N ASN B 323 11.24 -51.19 17.13
CA ASN B 323 11.53 -49.77 16.96
C ASN B 323 10.57 -48.87 17.71
N ARG B 324 9.37 -49.32 18.01
CA ARG B 324 8.38 -48.44 18.56
C ARG B 324 8.37 -48.55 20.07
N THR B 325 7.94 -47.47 20.71
CA THR B 325 7.73 -47.44 22.14
C THR B 325 6.27 -47.71 22.45
N LEU B 326 5.92 -47.56 23.72
CA LEU B 326 4.56 -47.86 24.13
C LEU B 326 4.24 -47.10 25.39
N SER B 327 2.96 -46.78 25.56
CA SER B 327 2.53 -45.96 26.68
C SER B 327 2.65 -46.73 27.98
N ARG B 328 3.32 -46.13 28.95
CA ARG B 328 3.57 -46.76 30.23
C ARG B 328 2.44 -46.49 31.22
N HIS B 329 1.23 -46.28 30.72
CA HIS B 329 0.13 -45.85 31.56
C HIS B 329 -0.42 -46.97 32.41
N GLY B 330 -0.93 -48.02 31.77
CA GLY B 330 -1.66 -49.04 32.51
C GLY B 330 -0.77 -49.95 33.32
N PHE B 331 0.23 -50.54 32.67
CA PHE B 331 1.12 -51.46 33.35
C PHE B 331 2.22 -50.70 34.06
N ASP B 332 2.92 -51.41 34.95
CA ASP B 332 4.01 -50.81 35.71
C ASP B 332 5.36 -51.43 35.38
N VAL B 333 5.40 -52.75 35.20
CA VAL B 333 6.64 -53.45 34.98
C VAL B 333 6.72 -53.85 33.52
N CYS B 334 7.94 -53.85 32.98
CA CYS B 334 8.19 -54.14 31.57
C CYS B 334 8.91 -55.48 31.44
N ALA B 335 8.14 -56.54 31.23
CA ALA B 335 8.65 -57.86 30.92
C ALA B 335 7.51 -58.62 30.24
N LYS B 336 7.86 -59.50 29.31
CA LYS B 336 6.80 -60.28 28.67
C LYS B 336 6.33 -61.42 29.55
N LEU B 337 7.15 -61.87 30.50
CA LEU B 337 6.80 -62.97 31.38
C LEU B 337 7.24 -62.63 32.80
N ALA B 338 6.28 -62.54 33.71
CA ALA B 338 6.61 -62.36 35.12
C ALA B 338 7.09 -63.67 35.69
N TRP B 339 8.34 -63.70 36.14
CA TRP B 339 8.93 -64.91 36.72
C TRP B 339 8.63 -64.90 38.20
N GLU B 340 7.47 -65.44 38.58
CA GLU B 340 7.09 -65.56 39.99
C GLU B 340 7.63 -66.91 40.47
N GLY B 341 8.94 -66.96 40.70
CA GLY B 341 9.59 -68.16 41.17
C GLY B 341 9.51 -69.28 40.16
N ASN B 342 9.04 -70.44 40.61
CA ASN B 342 8.88 -71.58 39.72
C ASN B 342 7.62 -71.49 38.86
N GLU B 343 6.85 -70.41 38.96
CA GLU B 343 5.63 -70.23 38.18
C GLU B 343 5.77 -68.94 37.39
N THR B 344 6.09 -69.06 36.10
CA THR B 344 6.12 -67.90 35.24
C THR B 344 4.71 -67.46 34.91
N VAL B 345 4.45 -66.16 35.05
CA VAL B 345 3.12 -65.59 34.98
C VAL B 345 3.09 -64.56 33.86
N THR B 346 1.94 -64.47 33.19
CA THR B 346 1.68 -63.40 32.23
C THR B 346 1.54 -62.07 32.98
N THR B 347 2.32 -61.08 32.55
CA THR B 347 2.25 -59.75 33.14
C THR B 347 0.98 -59.02 32.71
N ARG B 348 0.86 -57.78 33.18
CA ARG B 348 -0.17 -56.90 32.66
C ARG B 348 0.25 -56.28 31.33
N LEU B 349 1.56 -56.28 31.04
CA LEU B 349 2.03 -55.97 29.69
C LEU B 349 1.48 -56.99 28.70
N TRP B 350 1.43 -58.25 29.11
CA TRP B 350 0.76 -59.28 28.33
C TRP B 350 -0.72 -58.99 28.20
N GLY B 351 -1.31 -58.38 29.24
CA GLY B 351 -2.76 -58.24 29.29
C GLY B 351 -3.30 -57.22 28.31
N LEU B 352 -2.56 -56.14 28.07
CA LEU B 352 -3.07 -55.11 27.18
C LEU B 352 -2.91 -55.51 25.72
N PHE B 353 -1.83 -56.22 25.40
CA PHE B 353 -1.65 -56.74 24.05
C PHE B 353 -2.45 -58.02 23.81
N CYS B 354 -2.13 -59.08 24.55
CA CYS B 354 -2.72 -60.37 24.25
C CYS B 354 -4.07 -60.50 24.93
N SER B 355 -5.04 -61.04 24.19
CA SER B 355 -6.42 -60.96 24.63
C SER B 355 -6.82 -62.12 25.54
N SER B 356 -6.00 -62.34 26.57
CA SER B 356 -6.30 -63.11 27.77
C SER B 356 -5.10 -62.97 28.68
N ARG B 357 -5.32 -62.98 29.99
CA ARG B 357 -4.20 -63.05 30.93
C ARG B 357 -3.94 -64.51 31.32
N PHE B 358 -3.84 -65.35 30.28
CA PHE B 358 -3.54 -66.76 30.42
C PHE B 358 -2.31 -67.08 29.60
N LEU B 359 -1.65 -68.17 29.97
CA LEU B 359 -0.55 -68.66 29.14
C LEU B 359 -1.10 -69.49 27.99
N ASN B 360 -1.54 -68.83 26.94
CA ASN B 360 -2.05 -69.49 25.74
C ASN B 360 -1.45 -68.94 24.46
N ALA B 361 -0.85 -67.74 24.53
CA ALA B 361 -0.14 -67.08 23.44
C ALA B 361 -1.02 -66.87 22.22
N THR B 362 -2.19 -66.27 22.40
CA THR B 362 -3.13 -66.10 21.31
C THR B 362 -3.26 -64.61 21.02
N CYS B 363 -2.34 -64.07 20.22
CA CYS B 363 -2.27 -62.63 20.02
C CYS B 363 -1.45 -62.26 18.80
N ASP B 364 -1.11 -60.96 18.74
CA ASP B 364 -0.57 -60.35 17.56
C ASP B 364 0.84 -60.83 17.28
N GLU B 365 1.14 -60.98 15.99
CA GLU B 365 2.44 -61.51 15.58
C GLU B 365 3.55 -60.48 15.77
N TYR B 366 3.18 -59.21 15.80
CA TYR B 366 4.20 -58.18 16.03
C TYR B 366 4.65 -58.17 17.47
N PHE B 367 3.76 -58.54 18.38
CA PHE B 367 4.15 -58.64 19.78
C PHE B 367 5.02 -59.87 20.02
N THR B 368 4.75 -60.96 19.32
CA THR B 368 5.43 -62.21 19.63
C THR B 368 6.79 -62.26 18.97
N ARG B 369 6.92 -61.72 17.76
CA ARG B 369 8.21 -61.79 17.08
C ARG B 369 9.19 -60.74 17.59
N ASN B 370 8.70 -59.73 18.29
CA ASN B 370 9.55 -58.66 18.79
C ASN B 370 9.66 -58.72 20.30
N ASN B 371 10.86 -58.46 20.79
CA ASN B 371 11.11 -58.46 22.23
C ASN B 371 10.94 -57.06 22.82
N VAL B 372 10.86 -57.01 24.15
CA VAL B 372 10.59 -55.77 24.88
C VAL B 372 11.85 -55.34 25.61
N THR B 373 12.30 -54.12 25.32
CA THR B 373 13.53 -53.60 25.86
C THR B 373 13.23 -52.37 26.72
N GLU B 374 13.85 -52.32 27.90
CA GLU B 374 13.72 -51.18 28.81
C GLU B 374 15.10 -50.55 29.01
N ILE B 375 15.34 -49.43 28.32
CA ILE B 375 16.60 -48.71 28.43
C ILE B 375 16.36 -47.40 29.15
N GLN B 376 17.45 -46.69 29.42
CA GLN B 376 17.39 -45.43 30.16
C GLN B 376 16.81 -44.34 29.28
N GLY B 377 15.78 -43.67 29.78
CA GLY B 377 15.10 -42.68 28.96
C GLY B 377 15.73 -41.31 28.99
N ILE B 378 16.47 -40.97 30.04
CA ILE B 378 17.17 -39.71 30.11
C ILE B 378 18.63 -40.02 30.45
N PRO B 379 19.49 -40.16 29.45
CA PRO B 379 20.85 -40.61 29.73
C PRO B 379 21.78 -39.50 30.18
N GLY B 380 21.37 -38.25 30.05
CA GLY B 380 22.07 -37.16 30.68
C GLY B 380 23.07 -36.46 29.78
N ALA B 381 23.77 -35.52 30.39
CA ALA B 381 24.78 -34.70 29.72
C ALA B 381 26.02 -35.49 29.37
N ALA B 382 26.32 -36.55 30.11
CA ALA B 382 27.44 -37.40 29.78
C ALA B 382 27.22 -38.22 28.53
N SER B 383 25.98 -38.37 28.10
CA SER B 383 25.65 -39.21 26.97
C SER B 383 25.98 -38.53 25.65
N GLY B 384 26.26 -39.36 24.66
CA GLY B 384 26.39 -38.92 23.29
C GLY B 384 25.04 -38.83 22.63
N LEU B 385 24.31 -37.75 22.85
CA LEU B 385 23.08 -37.50 22.13
C LEU B 385 23.21 -36.42 21.08
N ILE B 386 24.16 -35.49 21.27
CA ILE B 386 24.21 -34.30 20.45
C ILE B 386 24.72 -34.63 19.05
N LYS B 387 25.56 -35.65 18.93
CA LYS B 387 25.98 -36.12 17.61
C LYS B 387 24.87 -36.90 16.94
N GLU B 388 23.96 -37.47 17.74
CA GLU B 388 22.87 -38.30 17.26
C GLU B 388 21.58 -37.51 17.09
N ASN B 389 21.04 -37.00 18.19
CA ASN B 389 19.79 -36.24 18.17
C ASN B 389 20.09 -34.86 17.60
N LEU B 390 20.14 -34.77 16.28
CA LEU B 390 20.48 -33.48 15.68
C LEU B 390 19.58 -33.02 14.55
N TRP B 391 18.95 -33.88 13.74
CA TRP B 391 18.50 -33.38 12.46
C TRP B 391 17.00 -33.06 12.38
N SER B 392 16.12 -34.06 12.46
CA SER B 392 14.71 -33.88 12.11
C SER B 392 13.93 -35.14 12.42
N SER B 393 12.65 -35.01 12.76
CA SER B 393 11.82 -36.19 12.94
C SER B 393 10.39 -35.92 12.52
N TYR B 394 10.19 -35.28 11.37
CA TYR B 394 8.89 -34.74 11.00
C TYR B 394 7.86 -35.82 10.71
N LEU B 395 7.02 -36.10 11.70
CA LEU B 395 6.13 -37.25 11.68
C LEU B 395 4.82 -36.88 10.96
N THR B 396 3.80 -37.73 11.10
CA THR B 396 2.49 -37.52 10.51
C THR B 396 1.49 -38.05 11.51
N LYS B 397 0.27 -37.48 11.51
CA LYS B 397 -0.75 -37.83 12.49
C LYS B 397 -1.19 -39.29 12.40
N GLY B 398 -0.91 -40.05 13.45
CA GLY B 398 -1.18 -41.47 13.49
C GLY B 398 0.06 -42.34 13.52
N VAL B 399 1.19 -41.83 13.04
CA VAL B 399 2.43 -42.59 13.00
C VAL B 399 2.93 -42.84 14.42
N ILE B 400 3.33 -44.07 14.68
CA ILE B 400 3.91 -44.43 15.97
C ILE B 400 5.32 -43.86 16.03
N VAL B 401 5.66 -43.24 17.15
CA VAL B 401 6.97 -42.65 17.37
C VAL B 401 7.98 -43.79 17.48
N GLU B 402 8.89 -43.92 16.54
CA GLU B 402 9.80 -45.04 16.66
C GLU B 402 11.27 -44.70 16.80
N ARG B 403 11.90 -45.18 17.87
CA ARG B 403 13.32 -45.00 18.03
C ARG B 403 14.00 -45.38 16.72
N SER B 404 15.03 -44.63 16.35
CA SER B 404 15.65 -44.84 15.04
C SER B 404 16.54 -46.09 15.03
N GLY B 405 17.39 -46.24 16.04
CA GLY B 405 18.49 -47.19 15.94
C GLY B 405 18.31 -48.53 16.63
N MET B 406 17.14 -49.14 16.52
CA MET B 406 16.85 -50.39 17.20
C MET B 406 16.64 -51.49 16.17
N THR B 407 16.97 -52.73 16.54
CA THR B 407 16.71 -53.87 15.68
C THR B 407 15.24 -54.27 15.79
N SER B 408 14.55 -54.33 14.65
CA SER B 408 13.13 -54.65 14.65
C SER B 408 12.84 -55.84 13.74
N VAL B 409 11.56 -56.17 13.55
CA VAL B 409 11.15 -57.26 12.68
C VAL B 409 10.01 -56.75 11.81
N GLY B 410 10.24 -56.70 10.49
CA GLY B 410 9.37 -56.01 9.56
C GLY B 410 8.17 -56.74 8.98
N LEU B 411 7.06 -56.81 9.71
CA LEU B 411 5.85 -57.42 9.16
C LEU B 411 4.59 -56.65 9.57
N ALA B 412 3.42 -57.25 9.36
CA ALA B 412 2.11 -56.78 9.87
C ALA B 412 1.77 -55.39 9.34
N ASP B 413 1.46 -55.37 8.04
CA ASP B 413 1.23 -54.13 7.30
C ASP B 413 0.10 -53.29 7.88
N GLY B 414 -0.96 -53.93 8.37
CA GLY B 414 -2.04 -53.22 9.00
C GLY B 414 -1.71 -52.88 10.45
N THR B 415 -2.68 -52.28 11.12
CA THR B 415 -2.47 -51.95 12.53
C THR B 415 -3.66 -52.46 13.34
N PRO B 416 -3.79 -53.81 13.40
CA PRO B 416 -4.84 -54.51 14.14
C PRO B 416 -4.42 -54.72 15.59
N ILE B 417 -4.36 -53.64 16.35
CA ILE B 417 -3.98 -53.70 17.75
C ILE B 417 -5.03 -52.95 18.57
N ASP B 418 -6.30 -53.20 18.26
CA ASP B 418 -7.41 -52.54 18.94
C ASP B 418 -7.22 -51.04 18.88
N MET B 419 -7.03 -50.55 17.65
CA MET B 419 -6.78 -49.13 17.36
C MET B 419 -5.53 -48.65 18.08
N ASP B 420 -4.50 -49.50 18.02
CA ASP B 420 -3.19 -49.25 18.63
C ASP B 420 -3.40 -48.94 20.10
N HIS B 421 -4.28 -49.72 20.73
CA HIS B 421 -4.60 -49.47 22.13
C HIS B 421 -3.36 -49.19 23.00
N PRO B 422 -2.29 -50.03 23.02
CA PRO B 422 -1.16 -49.69 23.90
C PRO B 422 0.03 -48.98 23.27
N TYR B 423 -0.12 -47.87 22.56
CA TYR B 423 1.05 -47.31 21.88
C TYR B 423 1.10 -45.80 22.01
N VAL B 424 2.18 -45.24 21.46
CA VAL B 424 2.52 -43.82 21.56
C VAL B 424 2.50 -43.23 20.16
N PHE B 425 1.75 -42.14 19.98
CA PHE B 425 1.37 -41.66 18.67
C PHE B 425 1.82 -40.23 18.43
N SER B 426 1.54 -39.74 17.24
CA SER B 426 1.70 -38.33 16.94
C SER B 426 0.34 -37.66 16.90
N ASP B 427 0.21 -36.55 17.60
CA ASP B 427 -1.10 -35.92 17.73
C ASP B 427 -1.52 -35.26 16.43
N MET B 428 -0.55 -34.73 15.69
CA MET B 428 -0.83 -33.95 14.50
C MET B 428 0.34 -34.10 13.54
N THR B 429 0.08 -33.87 12.26
CA THR B 429 1.16 -33.78 11.30
C THR B 429 1.95 -32.52 11.55
N SER B 430 3.23 -32.54 11.20
CA SER B 430 4.09 -31.43 11.53
C SER B 430 5.17 -31.25 10.48
N TYR B 431 5.64 -30.02 10.37
CA TYR B 431 6.66 -29.60 9.43
C TYR B 431 7.33 -28.38 10.02
N PHE B 432 8.15 -27.69 9.22
CA PHE B 432 8.91 -26.56 9.77
C PHE B 432 8.01 -25.37 10.03
N THR B 433 7.30 -24.91 9.02
CA THR B 433 6.60 -23.63 9.10
C THR B 433 5.27 -23.73 9.83
N LEU B 434 5.04 -24.83 10.56
CA LEU B 434 3.94 -24.94 11.49
C LEU B 434 4.40 -24.73 12.91
N LEU B 435 5.63 -25.16 13.21
CA LEU B 435 6.14 -25.03 14.57
C LEU B 435 6.45 -23.58 14.89
N VAL B 436 6.74 -22.77 13.88
CA VAL B 436 7.09 -21.36 14.08
C VAL B 436 5.87 -20.60 14.61
N GLY B 437 4.69 -20.99 14.17
CA GLY B 437 3.49 -20.45 14.78
C GLY B 437 3.30 -20.88 16.22
N ILE B 438 3.91 -21.98 16.64
CA ILE B 438 3.80 -22.45 18.02
C ILE B 438 4.89 -21.86 18.90
N TYR B 439 6.10 -21.73 18.37
CA TYR B 439 7.19 -21.20 19.18
C TYR B 439 7.09 -19.71 19.42
N PHE B 440 6.53 -18.95 18.47
CA PHE B 440 6.67 -17.49 18.48
C PHE B 440 6.11 -16.76 19.70
N PRO B 441 4.97 -17.15 20.33
CA PRO B 441 4.56 -16.38 21.52
C PRO B 441 5.43 -16.56 22.77
N SER B 442 6.51 -17.30 22.65
CA SER B 442 7.48 -17.36 23.73
C SER B 442 8.41 -16.16 23.74
N VAL B 443 8.36 -15.30 22.72
CA VAL B 443 9.31 -14.21 22.59
C VAL B 443 8.59 -12.85 22.56
N THR B 444 7.31 -12.85 22.91
CA THR B 444 6.48 -11.65 22.86
C THR B 444 6.23 -11.11 24.25
N GLY B 445 6.21 -9.79 24.38
CA GLY B 445 6.17 -9.16 25.68
C GLY B 445 7.03 -7.91 25.80
N ILE B 446 7.57 -7.44 24.68
CA ILE B 446 8.39 -6.23 24.66
C ILE B 446 7.59 -5.01 25.12
N MET B 447 6.33 -4.93 24.70
CA MET B 447 5.46 -3.81 25.05
C MET B 447 5.17 -3.72 26.54
N ALA B 448 5.46 -4.77 27.30
CA ALA B 448 5.44 -4.68 28.75
C ALA B 448 6.73 -4.09 29.31
N GLY B 449 7.70 -3.77 28.46
CA GLY B 449 8.89 -3.09 28.91
C GLY B 449 8.64 -1.68 29.38
N SER B 450 7.57 -1.04 28.93
CA SER B 450 7.24 0.30 29.38
C SER B 450 5.83 0.35 29.95
N ASN B 451 5.48 -0.62 30.80
CA ASN B 451 4.26 -0.50 31.58
C ASN B 451 4.38 0.58 32.64
N ARG B 452 5.61 0.91 33.05
CA ARG B 452 5.82 1.83 34.16
C ARG B 452 6.73 2.97 33.71
N SER B 453 6.38 3.60 32.58
CA SER B 453 7.14 4.75 32.11
C SER B 453 6.87 5.99 32.96
N GLY B 454 5.70 6.07 33.59
CA GLY B 454 5.38 7.20 34.41
C GLY B 454 5.94 7.16 35.82
N ASP B 455 6.81 6.21 36.13
CA ASP B 455 7.41 6.07 37.45
C ASP B 455 8.92 6.02 37.42
N LEU B 456 9.51 5.78 36.25
CA LEU B 456 10.95 5.81 36.13
C LEU B 456 11.45 7.24 36.26
N ARG B 457 12.76 7.39 36.48
CA ARG B 457 13.28 8.75 36.50
C ARG B 457 14.02 9.07 35.20
N ASP B 458 14.81 8.13 34.68
CA ASP B 458 15.52 8.36 33.43
C ASP B 458 14.86 7.52 32.34
N ALA B 459 13.75 8.04 31.81
CA ALA B 459 12.92 7.24 30.91
C ALA B 459 13.52 7.18 29.51
N GLN B 460 14.48 8.04 29.22
CA GLN B 460 15.14 7.93 27.92
C GLN B 460 16.29 6.94 27.96
N LYS B 461 16.65 6.44 29.13
CA LYS B 461 17.76 5.51 29.28
C LYS B 461 17.33 4.18 29.86
N SER B 462 16.31 4.18 30.71
CA SER B 462 15.80 2.94 31.28
C SER B 462 15.03 2.13 30.25
N ILE B 463 14.15 2.77 29.49
CA ILE B 463 13.34 2.10 28.47
C ILE B 463 14.18 1.50 27.35
N PRO B 464 15.20 2.19 26.75
CA PRO B 464 16.02 1.47 25.77
C PRO B 464 16.89 0.38 26.36
N THR B 465 17.68 0.69 27.39
CA THR B 465 18.67 -0.28 27.87
C THR B 465 17.99 -1.40 28.64
N GLY B 466 16.81 -1.15 29.17
CA GLY B 466 16.14 -2.17 29.92
C GLY B 466 15.55 -3.28 29.09
N THR B 467 14.90 -2.97 27.98
CA THR B 467 14.30 -4.03 27.18
C THR B 467 15.36 -4.81 26.42
N ILE B 468 16.42 -4.13 25.97
CA ILE B 468 17.48 -4.80 25.22
C ILE B 468 18.22 -5.81 26.11
N LEU B 469 18.45 -5.44 27.36
CA LEU B 469 19.03 -6.41 28.29
C LEU B 469 18.03 -7.50 28.63
N ALA B 470 16.74 -7.21 28.57
CA ALA B 470 15.73 -8.21 28.88
C ALA B 470 15.60 -9.23 27.76
N ILE B 471 15.76 -8.77 26.51
CA ILE B 471 15.72 -9.70 25.39
C ILE B 471 16.98 -10.55 25.37
N ALA B 472 18.11 -9.96 25.77
CA ALA B 472 19.39 -10.67 25.72
C ALA B 472 19.43 -11.78 26.77
N THR B 473 18.91 -11.52 27.96
CA THR B 473 18.91 -12.55 28.99
C THR B 473 17.83 -13.60 28.74
N THR B 474 16.87 -13.31 27.87
CA THR B 474 15.83 -14.29 27.59
C THR B 474 16.25 -15.19 26.45
N SER B 475 16.83 -14.61 25.41
CA SER B 475 17.32 -15.39 24.29
C SER B 475 18.50 -16.27 24.70
N ALA B 476 19.26 -15.85 25.70
CA ALA B 476 20.36 -16.69 26.17
C ALA B 476 19.83 -17.87 26.96
N VAL B 477 18.61 -17.76 27.48
CA VAL B 477 17.98 -18.93 28.09
C VAL B 477 17.49 -19.87 27.01
N TYR B 478 16.74 -19.34 26.04
CA TYR B 478 16.09 -20.12 24.98
C TYR B 478 17.09 -20.92 24.17
N ILE B 479 18.17 -20.29 23.74
CA ILE B 479 19.18 -20.97 22.96
C ILE B 479 19.89 -22.03 23.80
N SER B 480 20.22 -21.69 25.04
CA SER B 480 20.88 -22.68 25.90
C SER B 480 19.88 -23.64 26.52
N SER B 481 18.59 -23.42 26.35
CA SER B 481 17.64 -24.46 26.72
C SER B 481 17.52 -25.50 25.63
N VAL B 482 17.57 -25.06 24.37
CA VAL B 482 17.38 -25.95 23.23
C VAL B 482 18.49 -26.98 23.15
N VAL B 483 19.73 -26.53 23.31
CA VAL B 483 20.87 -27.45 23.26
C VAL B 483 20.87 -28.35 24.48
N LEU B 484 20.60 -27.80 25.66
CA LEU B 484 20.69 -28.61 26.87
C LEU B 484 19.49 -29.52 27.01
N PHE B 485 18.41 -29.27 26.26
CA PHE B 485 17.38 -30.28 26.15
C PHE B 485 17.79 -31.39 25.19
N GLY B 486 18.54 -31.05 24.16
CA GLY B 486 18.90 -32.06 23.17
C GLY B 486 19.94 -33.02 23.70
N ALA B 487 21.04 -32.50 24.22
CA ALA B 487 22.18 -33.31 24.62
C ALA B 487 22.06 -33.88 26.02
N CYS B 488 20.84 -33.97 26.56
CA CYS B 488 20.65 -34.60 27.85
C CYS B 488 19.45 -35.52 27.90
N ILE B 489 18.57 -35.49 26.90
CA ILE B 489 17.30 -36.20 26.93
C ILE B 489 17.15 -36.95 25.62
N GLU B 490 16.77 -38.23 25.70
CA GLU B 490 16.61 -39.07 24.53
C GLU B 490 15.48 -38.54 23.65
N GLY B 491 15.67 -38.63 22.33
CA GLY B 491 14.77 -37.97 21.40
C GLY B 491 13.38 -38.57 21.37
N VAL B 492 13.23 -39.82 21.80
CA VAL B 492 11.95 -40.48 21.64
C VAL B 492 10.96 -40.00 22.68
N VAL B 493 11.43 -39.42 23.78
CA VAL B 493 10.47 -38.79 24.68
C VAL B 493 10.34 -37.32 24.36
N LEU B 494 11.28 -36.77 23.57
CA LEU B 494 11.13 -35.38 23.15
C LEU B 494 10.09 -35.25 22.06
N ARG B 495 9.90 -36.29 21.26
CA ARG B 495 8.77 -36.34 20.35
C ARG B 495 7.47 -36.62 21.05
N ASP B 496 7.41 -36.72 22.37
CA ASP B 496 6.22 -37.16 23.07
C ASP B 496 5.58 -35.96 23.77
N LYS B 497 4.41 -35.55 23.32
CA LYS B 497 3.57 -34.69 24.15
C LYS B 497 3.04 -35.49 25.33
N PHE B 498 2.70 -34.77 26.40
CA PHE B 498 2.03 -35.28 27.60
C PHE B 498 2.87 -36.29 28.38
N GLY B 499 4.12 -36.51 28.00
CA GLY B 499 5.07 -37.36 28.72
C GLY B 499 4.64 -38.78 29.01
N GLU B 500 3.90 -39.39 28.08
CA GLU B 500 3.35 -40.72 28.33
C GLU B 500 4.43 -41.77 28.33
N ALA B 501 5.54 -41.52 27.65
CA ALA B 501 6.63 -42.49 27.65
C ALA B 501 7.36 -42.53 28.99
N VAL B 502 7.20 -41.52 29.84
CA VAL B 502 7.93 -41.48 31.09
C VAL B 502 6.85 -41.54 32.18
N ASN B 503 5.78 -42.27 31.88
CA ASN B 503 4.72 -42.65 32.83
C ASN B 503 3.98 -41.41 33.34
N GLY B 504 3.66 -40.53 32.40
CA GLY B 504 2.85 -39.36 32.70
C GLY B 504 3.47 -38.32 33.61
N ASN B 505 4.73 -38.00 33.41
CA ASN B 505 5.35 -36.88 34.09
C ASN B 505 5.90 -35.94 33.04
N LEU B 506 6.12 -34.68 33.45
CA LEU B 506 6.51 -33.63 32.53
C LEU B 506 7.90 -33.89 31.98
N VAL B 507 8.04 -33.77 30.66
CA VAL B 507 9.32 -33.95 29.98
C VAL B 507 10.35 -32.97 30.49
N VAL B 508 9.93 -31.74 30.79
CA VAL B 508 10.81 -30.79 31.44
C VAL B 508 11.06 -31.20 32.88
N GLY B 509 9.98 -31.54 33.59
CA GLY B 509 10.02 -31.71 35.03
C GLY B 509 10.85 -32.88 35.51
N THR B 510 11.14 -33.82 34.62
CA THR B 510 12.06 -34.90 34.97
C THR B 510 13.51 -34.44 34.97
N LEU B 511 13.80 -33.22 34.53
CA LEU B 511 15.15 -32.69 34.58
C LEU B 511 15.33 -31.77 35.78
N ALA B 512 14.40 -31.80 36.72
CA ALA B 512 14.44 -30.94 37.90
C ALA B 512 15.16 -31.64 39.05
N TRP B 513 16.09 -30.93 39.67
CA TRP B 513 16.89 -31.56 40.73
C TRP B 513 16.14 -31.83 42.03
N PRO B 514 15.36 -30.88 42.63
CA PRO B 514 14.70 -31.24 43.89
C PRO B 514 13.60 -32.27 43.73
N SER B 515 12.65 -31.99 42.85
CA SER B 515 11.53 -32.88 42.62
C SER B 515 10.85 -32.50 41.31
N PRO B 516 10.22 -33.44 40.61
CA PRO B 516 9.44 -33.07 39.43
C PRO B 516 8.15 -32.36 39.74
N TRP B 517 7.74 -32.30 41.01
CA TRP B 517 6.56 -31.53 41.34
C TRP B 517 6.88 -30.05 41.47
N VAL B 518 8.15 -29.68 41.38
CA VAL B 518 8.54 -28.27 41.47
C VAL B 518 8.10 -27.52 40.23
N ILE B 519 8.55 -27.98 39.05
CA ILE B 519 8.25 -27.25 37.82
C ILE B 519 6.76 -27.36 37.50
N VAL B 520 6.17 -28.51 37.81
CA VAL B 520 4.76 -28.75 37.52
C VAL B 520 3.87 -27.80 38.33
N ILE B 521 4.20 -27.60 39.60
CA ILE B 521 3.53 -26.54 40.34
C ILE B 521 4.05 -25.17 39.92
N GLY B 522 5.35 -25.07 39.66
CA GLY B 522 5.96 -23.77 39.40
C GLY B 522 5.58 -23.20 38.05
N SER B 523 5.39 -24.06 37.05
CA SER B 523 4.87 -23.56 35.78
C SER B 523 3.37 -23.36 35.84
N PHE B 524 2.72 -23.88 36.89
CA PHE B 524 1.29 -23.67 36.99
C PHE B 524 0.96 -22.30 37.55
N PHE B 525 1.64 -21.89 38.62
CA PHE B 525 1.41 -20.55 39.17
C PHE B 525 2.01 -19.48 38.26
N SER B 526 2.95 -19.86 37.40
CA SER B 526 3.38 -18.95 36.36
C SER B 526 2.28 -18.70 35.34
N THR B 527 1.77 -19.77 34.74
CA THR B 527 0.84 -19.61 33.63
C THR B 527 -0.52 -19.13 34.12
N CYS B 528 -0.86 -19.41 35.38
CA CYS B 528 -2.04 -18.80 35.97
C CYS B 528 -1.85 -17.30 36.15
N GLY B 529 -0.62 -16.90 36.46
CA GLY B 529 -0.35 -15.50 36.74
C GLY B 529 -0.26 -14.65 35.48
N ALA B 530 0.30 -15.21 34.42
CA ALA B 530 0.33 -14.47 33.17
C ALA B 530 -1.02 -14.51 32.47
N GLY B 531 -1.93 -15.35 32.96
CA GLY B 531 -3.31 -15.23 32.52
C GLY B 531 -4.04 -14.11 33.22
N LEU B 532 -3.73 -13.88 34.50
CA LEU B 532 -4.30 -12.73 35.20
C LEU B 532 -3.75 -11.44 34.64
N GLN B 533 -2.46 -11.43 34.29
CA GLN B 533 -1.85 -10.21 33.76
C GLN B 533 -2.40 -9.87 32.39
N SER B 534 -2.81 -10.89 31.62
CA SER B 534 -3.34 -10.61 30.29
C SER B 534 -4.80 -10.21 30.34
N LEU B 535 -5.43 -10.34 31.49
CA LEU B 535 -6.81 -9.92 31.61
C LEU B 535 -6.80 -8.64 32.42
N THR B 536 -5.63 -8.01 32.50
CA THR B 536 -5.51 -6.69 33.07
C THR B 536 -4.85 -5.71 32.11
N GLY B 537 -3.83 -6.18 31.37
CA GLY B 537 -3.15 -5.32 30.42
C GLY B 537 -3.97 -4.98 29.20
N ALA B 538 -4.84 -5.88 28.79
CA ALA B 538 -5.74 -5.67 27.66
C ALA B 538 -6.98 -4.81 27.94
N PRO B 539 -7.67 -4.90 29.09
CA PRO B 539 -8.84 -4.01 29.25
C PRO B 539 -8.48 -2.58 29.55
N ARG B 540 -7.28 -2.33 30.10
CA ARG B 540 -6.85 -0.96 30.26
C ARG B 540 -6.50 -0.33 28.92
N LEU B 541 -6.10 -1.15 27.96
CA LEU B 541 -5.69 -0.65 26.66
C LEU B 541 -6.88 -0.14 25.86
N LEU B 542 -7.95 -0.93 25.78
CA LEU B 542 -9.14 -0.48 25.07
C LEU B 542 -9.81 0.66 25.81
N GLN B 543 -9.63 0.73 27.12
CA GLN B 543 -10.04 1.90 27.88
C GLN B 543 -9.29 3.15 27.41
N ALA B 544 -8.03 3.01 27.02
CA ALA B 544 -7.25 4.17 26.62
C ALA B 544 -7.63 4.64 25.22
N ILE B 545 -7.83 3.70 24.29
CA ILE B 545 -8.18 4.07 22.92
C ILE B 545 -9.58 4.67 22.85
N SER B 546 -10.50 4.15 23.67
CA SER B 546 -11.86 4.67 23.69
C SER B 546 -11.93 6.09 24.24
N ARG B 547 -11.20 6.36 25.33
CA ARG B 547 -11.19 7.73 25.87
C ARG B 547 -10.38 8.67 25.00
N ASP B 548 -9.50 8.12 24.16
CA ASP B 548 -8.70 8.96 23.29
C ASP B 548 -9.52 9.54 22.13
N GLY B 549 -10.70 8.99 21.87
CA GLY B 549 -11.56 9.48 20.82
C GLY B 549 -11.03 9.26 19.42
N ILE B 550 -10.10 8.32 19.25
CA ILE B 550 -9.38 8.19 17.99
C ILE B 550 -10.22 7.44 16.98
N VAL B 551 -11.21 6.69 17.44
CA VAL B 551 -12.14 5.99 16.57
C VAL B 551 -13.51 6.04 17.23
N PRO B 552 -14.52 6.57 16.55
CA PRO B 552 -15.72 7.00 17.27
C PRO B 552 -16.70 5.88 17.60
N PHE B 553 -16.67 4.74 16.89
CA PHE B 553 -17.68 3.73 17.20
C PHE B 553 -17.29 2.92 18.43
N LEU B 554 -16.05 3.06 18.88
CA LEU B 554 -15.62 2.45 20.13
C LEU B 554 -15.77 3.40 21.31
N GLN B 555 -16.79 4.26 21.30
CA GLN B 555 -16.85 5.31 22.30
C GLN B 555 -17.46 4.80 23.61
N VAL B 556 -18.29 3.76 23.53
CA VAL B 556 -19.04 3.32 24.71
C VAL B 556 -18.14 2.48 25.59
N PHE B 557 -16.97 2.10 25.08
CA PHE B 557 -16.05 1.32 25.87
C PHE B 557 -15.19 2.17 26.77
N GLY B 558 -15.38 3.50 26.75
CA GLY B 558 -14.72 4.36 27.70
C GLY B 558 -15.41 4.46 29.04
N HIS B 559 -16.58 3.85 29.18
CA HIS B 559 -17.32 3.97 30.42
C HIS B 559 -16.63 3.19 31.52
N GLY B 560 -15.74 3.85 32.25
CA GLY B 560 -15.04 3.23 33.36
C GLY B 560 -15.88 3.26 34.61
N LYS B 561 -15.37 2.58 35.64
CA LYS B 561 -16.00 2.62 36.95
C LYS B 561 -15.45 3.81 37.72
N ALA B 562 -15.73 3.83 39.03
CA ALA B 562 -15.50 5.04 39.82
C ALA B 562 -14.01 5.31 40.02
N ASN B 563 -13.20 4.25 40.01
CA ASN B 563 -11.77 4.41 40.27
C ASN B 563 -10.93 4.22 39.03
N GLY B 564 -11.43 4.58 37.85
CA GLY B 564 -10.65 4.52 36.64
C GLY B 564 -10.42 3.14 36.09
N GLU B 565 -11.17 2.15 36.55
CA GLU B 565 -11.15 0.76 36.11
C GLU B 565 -12.31 0.50 35.15
N PRO B 566 -12.11 -0.33 34.13
CA PRO B 566 -13.16 -0.52 33.12
C PRO B 566 -14.29 -1.40 33.63
N THR B 567 -15.37 -1.40 32.88
CA THR B 567 -16.43 -2.38 33.08
C THR B 567 -16.97 -2.94 31.78
N TRP B 568 -16.76 -2.27 30.66
CA TRP B 568 -17.28 -2.79 29.40
C TRP B 568 -16.19 -3.43 28.56
N ALA B 569 -14.96 -2.94 28.68
CA ALA B 569 -13.85 -3.59 27.96
C ALA B 569 -13.54 -4.96 28.53
N LEU B 570 -13.85 -5.19 29.81
CA LEU B 570 -13.71 -6.52 30.38
C LEU B 570 -14.69 -7.51 29.77
N LEU B 571 -15.91 -7.07 29.48
CA LEU B 571 -16.89 -8.01 28.95
C LEU B 571 -16.61 -8.29 27.48
N LEU B 572 -15.98 -7.35 26.78
CA LEU B 572 -15.58 -7.65 25.42
C LEU B 572 -14.31 -8.48 25.39
N THR B 573 -13.38 -8.24 26.31
CA THR B 573 -12.18 -9.08 26.30
C THR B 573 -12.44 -10.44 26.95
N ALA B 574 -13.56 -10.60 27.62
CA ALA B 574 -13.96 -11.94 28.03
C ALA B 574 -14.58 -12.69 26.88
N CYS B 575 -15.11 -11.97 25.90
CA CYS B 575 -15.73 -12.65 24.77
C CYS B 575 -14.80 -12.80 23.58
N ILE B 576 -13.58 -12.30 23.67
CA ILE B 576 -12.60 -12.62 22.63
C ILE B 576 -11.62 -13.67 23.14
N CYS B 577 -11.41 -13.72 24.46
CA CYS B 577 -10.82 -14.92 25.05
C CYS B 577 -11.72 -16.12 24.87
N GLU B 578 -13.03 -15.88 24.79
CA GLU B 578 -14.00 -16.95 24.66
C GLU B 578 -13.84 -17.70 23.35
N ILE B 579 -13.45 -16.99 22.30
CA ILE B 579 -13.28 -17.63 20.99
C ILE B 579 -12.03 -18.49 20.98
N GLY B 580 -11.02 -18.09 21.74
CA GLY B 580 -9.83 -18.91 21.85
C GLY B 580 -10.07 -20.20 22.61
N ILE B 581 -10.99 -20.15 23.59
CA ILE B 581 -11.26 -21.33 24.39
C ILE B 581 -12.13 -22.33 23.63
N LEU B 582 -13.00 -21.84 22.74
CA LEU B 582 -13.77 -22.76 21.92
C LEU B 582 -12.89 -23.47 20.89
N ILE B 583 -11.79 -22.86 20.48
CA ILE B 583 -10.84 -23.57 19.63
C ILE B 583 -10.15 -24.67 20.41
N ALA B 584 -9.88 -24.42 21.70
CA ALA B 584 -9.57 -25.45 22.70
C ALA B 584 -8.29 -26.20 22.40
N SER B 585 -7.36 -25.56 21.73
CA SER B 585 -6.18 -26.27 21.25
C SER B 585 -5.01 -25.31 21.26
N LEU B 586 -4.04 -25.58 22.13
CA LEU B 586 -2.85 -24.77 22.28
C LEU B 586 -2.05 -24.64 21.01
N ASP B 587 -2.11 -25.64 20.13
CA ASP B 587 -1.36 -25.59 18.89
C ASP B 587 -2.04 -24.77 17.81
N GLU B 588 -3.31 -24.41 17.98
CA GLU B 588 -3.98 -23.60 16.97
C GLU B 588 -4.25 -22.18 17.42
N VAL B 589 -4.32 -21.92 18.73
CA VAL B 589 -4.39 -20.55 19.20
C VAL B 589 -3.06 -19.85 18.98
N ALA B 590 -1.96 -20.60 19.06
CA ALA B 590 -0.62 -20.03 18.93
C ALA B 590 -0.30 -19.39 17.59
N PRO B 591 -0.70 -19.90 16.42
CA PRO B 591 -0.43 -19.12 15.20
C PRO B 591 -1.35 -17.92 15.03
N ILE B 592 -2.57 -17.99 15.55
CA ILE B 592 -3.50 -16.86 15.44
C ILE B 592 -3.05 -15.73 16.36
N LEU B 593 -2.56 -16.12 17.52
CA LEU B 593 -1.99 -15.18 18.48
C LEU B 593 -0.73 -14.54 17.88
N SER B 594 0.07 -15.35 17.18
CA SER B 594 1.30 -14.86 16.59
C SER B 594 1.03 -13.92 15.43
N MET B 595 -0.14 -14.02 14.82
CA MET B 595 -0.41 -13.22 13.64
C MET B 595 -0.65 -11.75 14.00
N PHE B 596 -1.04 -11.48 15.24
CA PHE B 596 -1.29 -10.09 15.61
C PHE B 596 -0.05 -9.45 16.18
N PHE B 597 0.70 -10.17 17.01
CA PHE B 597 1.92 -9.61 17.56
C PHE B 597 2.98 -9.42 16.48
N LEU B 598 2.92 -10.19 15.40
CA LEU B 598 3.74 -9.86 14.25
C LEU B 598 3.25 -8.60 13.57
N MET B 599 1.94 -8.36 13.59
CA MET B 599 1.40 -7.24 12.85
C MET B 599 1.71 -5.93 13.57
N CYS B 600 1.78 -5.95 14.89
CA CYS B 600 2.13 -4.74 15.64
C CYS B 600 3.59 -4.40 15.43
N TYR B 601 4.45 -5.41 15.42
CA TYR B 601 5.86 -5.13 15.24
C TYR B 601 6.16 -4.82 13.79
N MET B 602 5.25 -5.19 12.89
CA MET B 602 5.34 -4.76 11.51
C MET B 602 5.14 -3.27 11.39
N PHE B 603 4.18 -2.71 12.12
CA PHE B 603 3.92 -1.29 12.02
C PHE B 603 4.93 -0.45 12.77
N VAL B 604 5.39 -0.94 13.93
CA VAL B 604 6.34 -0.18 14.73
C VAL B 604 7.67 -0.05 14.00
N ASN B 605 8.04 -1.06 13.24
CA ASN B 605 9.20 -0.92 12.38
C ASN B 605 8.87 -0.07 11.14
N LEU B 606 7.61 -0.08 10.70
CA LEU B 606 7.24 0.63 9.49
C LEU B 606 7.28 2.14 9.69
N ALA B 607 6.57 2.63 10.71
CA ALA B 607 6.39 4.06 10.86
C ALA B 607 7.70 4.75 11.24
N CYS B 608 8.54 4.05 12.00
CA CYS B 608 9.80 4.66 12.40
C CYS B 608 10.79 4.68 11.24
N ALA B 609 10.59 3.82 10.24
CA ALA B 609 11.45 3.85 9.07
C ALA B 609 10.99 4.90 8.07
N VAL B 610 9.68 5.11 7.98
CA VAL B 610 9.14 6.12 7.07
C VAL B 610 9.47 7.51 7.57
N GLN B 611 9.15 7.78 8.84
CA GLN B 611 9.25 9.13 9.38
C GLN B 611 10.67 9.60 9.54
N THR B 612 11.64 8.69 9.52
CA THR B 612 13.02 9.10 9.44
C THR B 612 13.40 9.50 8.02
N LEU B 613 12.87 8.79 7.03
CA LEU B 613 13.24 9.06 5.65
C LEU B 613 12.60 10.33 5.13
N LEU B 614 11.31 10.49 5.35
CA LEU B 614 10.64 11.66 4.83
C LEU B 614 10.88 12.91 5.67
N ARG B 615 11.49 12.78 6.84
CA ARG B 615 11.73 13.88 7.78
C ARG B 615 10.43 14.58 8.16
N THR B 616 9.58 13.85 8.87
CA THR B 616 8.36 14.39 9.40
C THR B 616 8.69 15.42 10.49
N PRO B 617 7.81 16.38 10.76
CA PRO B 617 8.08 17.34 11.84
C PRO B 617 8.02 16.71 13.21
N ASN B 618 8.90 17.21 14.09
CA ASN B 618 9.10 16.73 15.46
C ASN B 618 9.44 15.25 15.49
N TRP B 619 10.55 14.92 14.85
CA TRP B 619 11.05 13.55 14.86
C TRP B 619 12.54 13.60 15.15
N ARG B 620 12.90 13.48 16.42
CA ARG B 620 14.30 13.48 16.85
C ARG B 620 14.61 12.19 17.58
N PRO B 621 15.00 11.15 16.86
CA PRO B 621 15.49 9.94 17.54
C PRO B 621 16.89 10.12 18.09
N ARG B 622 17.00 10.58 19.33
CA ARG B 622 18.30 10.76 19.98
C ARG B 622 18.75 9.46 20.66
N PHE B 623 18.96 8.44 19.85
CA PHE B 623 19.48 7.18 20.35
C PHE B 623 20.85 6.92 19.74
N ARG B 624 21.71 6.25 20.53
CA ARG B 624 23.07 5.92 20.13
C ARG B 624 23.13 5.01 18.91
N TYR B 625 22.70 3.77 19.09
CA TYR B 625 22.94 2.71 18.12
C TYR B 625 21.71 2.57 17.24
N TYR B 626 21.54 3.52 16.32
CA TYR B 626 20.31 3.54 15.56
C TYR B 626 20.61 3.94 14.12
N HIS B 627 19.78 3.45 13.21
CA HIS B 627 19.76 3.92 11.83
C HIS B 627 18.33 3.71 11.33
N TRP B 628 18.05 4.16 10.11
CA TRP B 628 16.74 3.94 9.52
C TRP B 628 16.65 2.63 8.77
N THR B 629 17.77 2.10 8.28
CA THR B 629 17.74 0.77 7.68
C THR B 629 17.56 -0.30 8.73
N LEU B 630 17.99 -0.02 9.96
CA LEU B 630 17.90 -1.01 11.02
C LEU B 630 16.47 -1.24 11.45
N SER B 631 15.60 -0.25 11.25
CA SER B 631 14.17 -0.46 11.37
C SER B 631 13.58 -1.07 10.11
N PHE B 632 14.20 -0.80 8.95
CA PHE B 632 13.71 -1.35 7.69
C PHE B 632 14.02 -2.83 7.60
N LEU B 633 15.21 -3.23 8.06
CA LEU B 633 15.61 -4.63 8.03
C LEU B 633 14.71 -5.48 8.90
N GLY B 634 14.31 -4.95 10.05
CA GLY B 634 13.37 -5.65 10.89
C GLY B 634 11.95 -5.58 10.37
N MET B 635 11.68 -4.65 9.45
CA MET B 635 10.35 -4.56 8.88
C MET B 635 10.13 -5.66 7.86
N SER B 636 11.15 -5.96 7.07
CA SER B 636 11.01 -7.02 6.09
C SER B 636 11.04 -8.38 6.75
N LEU B 637 11.76 -8.49 7.87
CA LEU B 637 11.95 -9.79 8.52
C LEU B 637 10.64 -10.26 9.15
N CYS B 638 9.96 -9.37 9.87
CA CYS B 638 8.65 -9.76 10.40
C CYS B 638 7.53 -9.38 9.47
N LEU B 639 7.86 -9.14 8.20
CA LEU B 639 6.91 -9.38 7.14
C LEU B 639 6.98 -10.83 6.69
N ALA B 640 8.19 -11.38 6.63
CA ALA B 640 8.38 -12.74 6.15
C ALA B 640 7.86 -13.75 7.14
N LEU B 641 8.09 -13.51 8.43
CA LEU B 641 7.57 -14.39 9.48
C LEU B 641 6.06 -14.43 9.48
N MET B 642 5.45 -13.32 9.07
CA MET B 642 3.99 -13.23 9.11
C MET B 642 3.36 -14.10 8.04
N PHE B 643 4.09 -14.41 6.97
CA PHE B 643 3.58 -15.33 5.95
C PHE B 643 4.01 -16.77 6.22
N ILE B 644 5.18 -16.97 6.84
CA ILE B 644 5.67 -18.31 7.14
C ILE B 644 4.77 -18.99 8.16
N CYS B 645 4.13 -18.22 9.04
CA CYS B 645 3.12 -18.76 9.94
C CYS B 645 1.95 -19.34 9.16
N SER B 646 1.22 -18.48 8.46
CA SER B 646 0.15 -18.93 7.55
C SER B 646 -0.18 -17.78 6.62
N TRP B 647 0.04 -17.98 5.31
CA TRP B 647 -0.10 -16.88 4.35
C TRP B 647 -1.54 -16.46 4.20
N TYR B 648 -2.48 -17.39 4.38
CA TYR B 648 -3.88 -17.05 4.17
C TYR B 648 -4.49 -16.45 5.42
N TYR B 649 -3.72 -16.33 6.50
CA TYR B 649 -4.16 -15.50 7.61
C TYR B 649 -3.44 -14.16 7.61
N ALA B 650 -2.30 -14.09 6.92
CA ALA B 650 -1.55 -12.84 6.89
C ALA B 650 -2.26 -11.80 6.03
N LEU B 651 -3.01 -12.23 5.03
CA LEU B 651 -3.73 -11.25 4.22
C LEU B 651 -4.97 -10.76 4.94
N VAL B 652 -5.54 -11.57 5.82
CA VAL B 652 -6.70 -11.05 6.54
C VAL B 652 -6.22 -10.27 7.75
N ALA B 653 -4.93 -10.33 8.07
CA ALA B 653 -4.42 -9.54 9.18
C ALA B 653 -4.00 -8.15 8.71
N MET B 654 -3.47 -8.05 7.49
CA MET B 654 -3.08 -6.75 6.97
C MET B 654 -4.30 -5.94 6.60
N LEU B 655 -5.19 -6.52 5.79
CA LEU B 655 -6.30 -5.76 5.23
C LEU B 655 -7.40 -5.47 6.24
N ILE B 656 -7.26 -5.96 7.47
CA ILE B 656 -8.07 -5.44 8.55
C ILE B 656 -7.33 -4.30 9.26
N ALA B 657 -6.03 -4.45 9.43
CA ALA B 657 -5.24 -3.35 10.00
C ALA B 657 -5.09 -2.21 9.00
N GLY B 658 -5.01 -2.54 7.72
CA GLY B 658 -4.89 -1.51 6.71
C GLY B 658 -6.18 -0.76 6.47
N LEU B 659 -7.30 -1.29 6.98
CA LEU B 659 -8.56 -0.60 6.80
C LEU B 659 -8.91 0.24 8.03
N ILE B 660 -8.36 -0.10 9.19
CA ILE B 660 -8.55 0.78 10.33
C ILE B 660 -7.67 2.02 10.18
N TYR B 661 -6.51 1.84 9.55
CA TYR B 661 -5.60 2.96 9.31
C TYR B 661 -6.21 3.99 8.37
N LYS B 662 -7.07 3.54 7.47
CA LYS B 662 -7.73 4.47 6.58
C LYS B 662 -9.04 4.96 7.19
N TYR B 663 -9.58 4.24 8.16
CA TYR B 663 -10.81 4.68 8.80
C TYR B 663 -10.55 5.79 9.80
N ILE B 664 -9.38 5.78 10.42
CA ILE B 664 -9.04 6.86 11.35
C ILE B 664 -8.84 8.17 10.60
N GLU B 665 -8.21 8.08 9.42
CA GLU B 665 -7.91 9.29 8.65
C GLU B 665 -9.18 9.92 8.09
N TYR B 666 -10.14 9.10 7.67
CA TYR B 666 -11.42 9.64 7.22
C TYR B 666 -12.21 10.24 8.37
N ARG B 667 -11.92 9.81 9.60
CA ARG B 667 -12.46 10.54 10.74
C ARG B 667 -11.47 11.59 11.20
N GLY B 668 -10.21 11.47 10.80
CA GLY B 668 -9.26 12.51 11.10
C GLY B 668 -9.52 13.76 10.29
N ALA B 669 -10.03 13.58 9.07
CA ALA B 669 -10.36 14.71 8.22
C ALA B 669 -11.67 15.36 8.65
N GLU B 670 -12.68 14.56 8.99
CA GLU B 670 -14.01 15.11 9.25
C GLU B 670 -14.11 15.80 10.60
N LYS B 671 -13.03 15.84 11.37
CA LYS B 671 -13.05 16.60 12.61
C LYS B 671 -12.41 17.96 12.42
N GLU B 672 -11.24 18.00 11.81
CA GLU B 672 -10.51 19.26 11.75
C GLU B 672 -10.80 20.03 10.46
N TRP B 673 -10.88 19.34 9.33
CA TRP B 673 -11.05 20.06 8.06
C TRP B 673 -12.51 20.15 7.67
N GLY B 674 -13.33 20.57 8.62
CA GLY B 674 -14.74 20.64 8.32
C GLY B 674 -15.30 19.24 8.18
N ASP B 675 -15.50 18.83 6.94
CA ASP B 675 -16.03 17.51 6.64
C ASP B 675 -15.52 17.01 5.30
N GLY B 676 -15.92 15.79 4.97
CA GLY B 676 -15.91 15.32 3.61
C GLY B 676 -14.62 14.66 3.18
N ILE B 677 -14.65 14.20 1.92
CA ILE B 677 -13.47 13.65 1.26
C ILE B 677 -12.60 14.77 0.70
N ARG B 678 -13.06 16.01 0.76
CA ARG B 678 -12.15 17.13 0.51
C ARG B 678 -11.11 17.23 1.62
N GLY B 679 -11.47 16.86 2.84
CA GLY B 679 -10.57 17.05 3.96
C GLY B 679 -9.42 16.07 3.96
N LEU B 680 -9.61 14.93 3.29
CA LEU B 680 -8.52 13.98 3.16
C LEU B 680 -7.43 14.53 2.26
N SER B 681 -7.78 15.44 1.37
CA SER B 681 -6.83 16.10 0.51
C SER B 681 -6.29 17.39 1.12
N LEU B 682 -7.08 18.05 1.97
CA LEU B 682 -6.57 19.21 2.68
C LEU B 682 -5.46 18.83 3.64
N SER B 683 -5.63 17.71 4.34
CA SER B 683 -4.65 17.30 5.33
C SER B 683 -3.35 16.89 4.69
N ALA B 684 -3.43 16.15 3.58
CA ALA B 684 -2.22 15.76 2.87
C ALA B 684 -1.56 16.95 2.22
N ALA B 685 -2.34 17.99 1.89
CA ALA B 685 -1.77 19.23 1.42
C ALA B 685 -1.03 19.94 2.54
N ARG B 686 -1.63 19.99 3.74
CA ARG B 686 -0.98 20.65 4.86
C ARG B 686 0.26 19.89 5.30
N TYR B 687 0.15 18.56 5.37
CA TYR B 687 1.22 17.77 5.94
C TYR B 687 2.42 17.68 5.02
N ALA B 688 2.20 17.87 3.72
CA ALA B 688 3.33 17.88 2.79
C ALA B 688 4.06 19.21 2.87
N LEU B 689 3.33 20.29 3.13
CA LEU B 689 3.95 21.60 3.19
C LEU B 689 4.76 21.77 4.46
N LEU B 690 4.28 21.19 5.56
CA LEU B 690 5.00 21.29 6.82
C LEU B 690 6.25 20.44 6.80
N ARG B 691 6.27 19.41 5.97
CA ARG B 691 7.49 18.65 5.75
C ARG B 691 8.59 19.51 5.13
N LEU B 692 8.19 20.45 4.27
CA LEU B 692 9.14 21.20 3.44
C LEU B 692 9.90 22.27 4.19
N GLU B 693 9.57 22.53 5.45
CA GLU B 693 10.07 23.72 6.13
C GLU B 693 11.54 23.60 6.53
N GLU B 694 12.14 22.42 6.39
CA GLU B 694 13.45 22.17 6.95
C GLU B 694 14.56 22.42 5.92
N GLY B 695 14.38 21.91 4.72
CA GLY B 695 15.46 21.86 3.75
C GLY B 695 15.82 23.20 3.14
N PRO B 696 17.01 23.28 2.54
CA PRO B 696 17.43 24.50 1.86
C PRO B 696 16.75 24.61 0.51
N PRO B 697 16.65 25.82 -0.05
CA PRO B 697 16.04 25.95 -1.39
C PRO B 697 16.98 25.67 -2.55
N HIS B 698 18.26 26.05 -2.42
CA HIS B 698 19.14 26.15 -3.57
C HIS B 698 19.82 24.84 -3.94
N THR B 699 19.28 23.69 -3.49
CA THR B 699 20.02 22.46 -3.20
C THR B 699 21.05 22.01 -4.23
N LYS B 700 20.61 21.58 -5.41
CA LYS B 700 21.55 21.30 -6.47
C LYS B 700 21.06 21.83 -7.81
N ASN B 701 19.75 21.73 -8.03
CA ASN B 701 19.16 21.83 -9.35
C ASN B 701 18.16 22.96 -9.39
N TRP B 702 17.97 23.53 -10.58
CA TRP B 702 17.06 24.64 -10.77
C TRP B 702 16.04 24.31 -11.84
N ARG B 703 14.79 24.63 -11.56
CA ARG B 703 13.73 24.62 -12.54
C ARG B 703 12.94 25.92 -12.42
N PRO B 704 12.55 26.54 -13.53
CA PRO B 704 11.73 27.74 -13.44
C PRO B 704 10.33 27.42 -12.97
N GLN B 705 9.91 28.09 -11.91
CA GLN B 705 8.55 28.03 -11.40
C GLN B 705 7.93 29.40 -11.60
N LEU B 706 6.97 29.48 -12.50
CA LEU B 706 6.57 30.77 -13.07
C LEU B 706 5.57 31.50 -12.20
N LEU B 707 5.85 32.77 -11.97
CA LEU B 707 4.88 33.76 -11.58
C LEU B 707 4.61 34.61 -12.81
N VAL B 708 3.39 34.55 -13.33
CA VAL B 708 2.99 35.40 -14.44
C VAL B 708 1.98 36.40 -13.94
N LEU B 709 2.00 37.58 -14.53
CA LEU B 709 1.11 38.66 -14.12
C LEU B 709 0.61 39.35 -15.37
N VAL B 710 -0.70 39.56 -15.41
CA VAL B 710 -1.40 39.98 -16.60
C VAL B 710 -1.99 41.35 -16.36
N ARG B 711 -2.38 42.00 -17.44
CA ARG B 711 -3.08 43.28 -17.36
C ARG B 711 -4.54 43.07 -17.73
N VAL B 712 -5.44 43.48 -16.85
CA VAL B 712 -6.86 43.36 -17.09
C VAL B 712 -7.46 44.76 -17.14
N ASP B 713 -8.07 45.07 -18.28
CA ASP B 713 -8.68 46.36 -18.54
C ASP B 713 -10.10 46.42 -18.01
N GLN B 714 -10.74 47.54 -18.34
CA GLN B 714 -12.15 47.87 -18.02
C GLN B 714 -13.02 46.94 -18.85
N ASP B 715 -14.22 46.60 -18.34
CA ASP B 715 -15.11 45.57 -18.94
C ASP B 715 -14.16 44.39 -18.99
N GLN B 716 -13.75 43.99 -17.79
CA GLN B 716 -12.63 43.10 -17.59
C GLN B 716 -12.50 41.78 -18.30
N ASN B 717 -11.29 41.67 -18.81
CA ASN B 717 -10.76 40.50 -19.49
C ASN B 717 -9.25 40.70 -19.61
N VAL B 718 -8.54 39.62 -19.93
CA VAL B 718 -7.09 39.73 -20.10
C VAL B 718 -6.79 40.44 -21.42
N VAL B 719 -5.75 41.26 -21.42
CA VAL B 719 -5.43 42.00 -22.62
C VAL B 719 -4.55 41.19 -23.56
N HIS B 720 -3.74 40.26 -23.04
CA HIS B 720 -2.75 39.54 -23.84
C HIS B 720 -2.84 38.05 -23.54
N PRO B 721 -3.74 37.34 -24.21
CA PRO B 721 -3.84 35.89 -23.99
C PRO B 721 -2.66 35.13 -24.55
N GLN B 722 -1.85 35.75 -25.40
CA GLN B 722 -0.68 35.08 -25.94
C GLN B 722 0.39 34.89 -24.89
N LEU B 723 0.35 35.70 -23.83
CA LEU B 723 1.29 35.54 -22.73
C LEU B 723 1.00 34.27 -21.94
N LEU B 724 -0.29 33.96 -21.75
CA LEU B 724 -0.65 32.67 -21.16
C LEU B 724 -0.30 31.53 -22.09
N SER B 725 -0.31 31.80 -23.40
CA SER B 725 0.03 30.78 -24.37
C SER B 725 1.51 30.44 -24.32
N LEU B 726 2.35 31.35 -23.83
CA LEU B 726 3.77 31.04 -23.70
C LEU B 726 4.02 30.12 -22.51
N THR B 727 3.22 30.26 -21.45
CA THR B 727 3.42 29.54 -20.20
C THR B 727 3.30 28.03 -20.39
N SER B 728 2.32 27.62 -21.19
CA SER B 728 2.16 26.20 -21.45
C SER B 728 3.25 25.68 -22.37
N GLN B 729 3.93 26.55 -23.11
CA GLN B 729 4.97 26.08 -24.01
C GLN B 729 6.30 25.87 -23.30
N LEU B 730 6.51 26.44 -22.13
CA LEU B 730 7.69 26.13 -21.33
C LEU B 730 7.41 25.00 -20.36
N LYS B 731 6.53 25.26 -19.42
CA LYS B 731 6.33 24.39 -18.27
C LYS B 731 5.09 23.54 -18.49
N ALA B 732 5.19 22.67 -19.48
CA ALA B 732 4.03 21.96 -20.00
C ALA B 732 3.63 20.86 -19.04
N GLY B 733 2.56 21.11 -18.28
CA GLY B 733 2.01 20.12 -17.35
C GLY B 733 3.00 19.73 -16.27
N LYS B 734 3.46 20.71 -15.53
CA LYS B 734 4.59 20.59 -14.63
C LYS B 734 4.32 21.47 -13.42
N GLY B 735 5.39 21.97 -12.81
CA GLY B 735 5.32 22.73 -11.57
C GLY B 735 4.44 23.96 -11.47
N LEU B 736 4.53 24.60 -10.31
CA LEU B 736 3.58 25.62 -9.85
C LEU B 736 3.50 26.80 -10.82
N THR B 737 2.28 27.22 -11.10
CA THR B 737 2.05 28.37 -11.96
C THR B 737 1.12 29.30 -11.20
N ILE B 738 1.48 30.58 -11.08
CA ILE B 738 0.63 31.56 -10.42
C ILE B 738 0.26 32.63 -11.43
N VAL B 739 -1.00 32.64 -11.83
CA VAL B 739 -1.54 33.69 -12.69
C VAL B 739 -2.00 34.83 -11.77
N GLY B 740 -1.18 35.87 -11.68
CA GLY B 740 -1.44 36.99 -10.81
C GLY B 740 -2.08 38.12 -11.59
N SER B 741 -2.91 38.90 -10.91
CA SER B 741 -3.55 40.04 -11.54
C SER B 741 -3.91 41.06 -10.48
N VAL B 742 -3.93 42.32 -10.90
CA VAL B 742 -4.21 43.45 -10.02
C VAL B 742 -5.28 44.32 -10.65
N LEU B 743 -5.92 45.11 -9.80
CA LEU B 743 -6.84 46.17 -10.20
C LEU B 743 -6.98 47.12 -9.02
N GLU B 744 -7.59 48.28 -9.26
CA GLU B 744 -7.36 49.46 -8.44
C GLU B 744 -8.47 49.69 -7.42
N GLY B 745 -8.08 49.81 -6.15
CA GLY B 745 -8.83 50.51 -5.14
C GLY B 745 -10.03 49.83 -4.51
N THR B 746 -10.20 50.10 -3.20
CA THR B 746 -11.41 49.92 -2.38
C THR B 746 -12.10 48.57 -2.57
N PHE B 747 -11.44 47.52 -2.07
CA PHE B 747 -12.00 46.16 -2.00
C PHE B 747 -13.41 46.08 -1.41
N LEU B 748 -13.77 47.03 -0.53
CA LEU B 748 -15.10 47.11 0.04
C LEU B 748 -16.18 47.20 -1.03
N GLU B 749 -15.93 47.97 -2.10
CA GLU B 749 -16.77 47.89 -3.29
C GLU B 749 -15.87 47.76 -4.52
N ASN B 750 -15.25 46.60 -4.66
CA ASN B 750 -14.61 46.26 -5.92
C ASN B 750 -14.58 44.76 -6.15
N HIS B 751 -15.12 43.96 -5.24
CA HIS B 751 -15.10 42.50 -5.33
C HIS B 751 -16.00 41.85 -6.38
N PRO B 752 -17.14 42.43 -6.85
CA PRO B 752 -17.74 41.84 -8.05
C PRO B 752 -16.88 42.01 -9.29
N GLN B 753 -16.05 43.04 -9.34
CA GLN B 753 -15.04 43.12 -10.38
C GLN B 753 -13.98 42.05 -10.20
N ALA B 754 -13.71 41.68 -8.94
CA ALA B 754 -12.76 40.59 -8.70
C ALA B 754 -13.32 39.26 -9.14
N GLN B 755 -14.64 39.09 -9.09
CA GLN B 755 -15.25 37.85 -9.52
C GLN B 755 -15.15 37.68 -11.03
N ARG B 756 -15.30 38.77 -11.78
CA ARG B 756 -15.09 38.73 -13.21
C ARG B 756 -13.64 38.47 -13.54
N ALA B 757 -12.75 39.10 -12.77
CA ALA B 757 -11.32 39.08 -13.10
C ALA B 757 -10.74 37.70 -12.91
N GLU B 758 -11.23 36.96 -11.90
CA GLU B 758 -10.70 35.63 -11.68
C GLU B 758 -11.30 34.62 -12.64
N GLU B 759 -12.56 34.81 -13.02
CA GLU B 759 -13.26 33.79 -13.76
C GLU B 759 -12.84 33.78 -15.22
N SER B 760 -12.39 34.93 -15.71
CA SER B 760 -11.86 35.01 -17.07
C SER B 760 -10.54 34.26 -17.16
N ILE B 761 -9.83 34.13 -16.04
CA ILE B 761 -8.54 33.47 -16.06
C ILE B 761 -8.72 31.96 -15.91
N ARG B 762 -9.73 31.54 -15.15
CA ARG B 762 -9.92 30.12 -14.87
C ARG B 762 -10.33 29.35 -16.12
N ARG B 763 -11.23 29.93 -16.92
CA ARG B 763 -11.60 29.26 -18.16
C ARG B 763 -10.53 29.41 -19.22
N LEU B 764 -9.57 30.31 -19.02
CA LEU B 764 -8.56 30.53 -20.04
C LEU B 764 -7.38 29.60 -19.85
N MET B 765 -7.04 29.27 -18.60
CA MET B 765 -5.96 28.33 -18.36
C MET B 765 -6.34 26.93 -18.83
N GLU B 766 -7.63 26.60 -18.73
CA GLU B 766 -8.12 25.34 -19.26
C GLU B 766 -8.09 25.36 -20.78
N ALA B 767 -8.20 26.55 -21.37
CA ALA B 767 -8.25 26.66 -22.83
C ALA B 767 -6.87 26.42 -23.44
N GLU B 768 -5.82 26.61 -22.67
CA GLU B 768 -4.45 26.43 -23.16
C GLU B 768 -3.68 25.42 -22.36
N LYS B 769 -4.36 24.62 -21.54
CA LYS B 769 -3.81 23.57 -20.69
C LYS B 769 -2.79 24.10 -19.70
N VAL B 770 -3.16 25.10 -18.91
CA VAL B 770 -2.31 25.59 -17.83
C VAL B 770 -2.90 25.09 -16.52
N LYS B 771 -2.10 24.39 -15.73
CA LYS B 771 -2.50 23.89 -14.42
C LYS B 771 -1.86 24.79 -13.37
N GLY B 772 -2.59 25.84 -13.00
CA GLY B 772 -2.04 26.83 -12.08
C GLY B 772 -3.05 27.38 -11.12
N PHE B 773 -2.71 28.50 -10.48
CA PHE B 773 -3.45 29.05 -9.37
C PHE B 773 -3.61 30.56 -9.59
N CYS B 774 -4.82 31.05 -9.33
CA CYS B 774 -5.15 32.44 -9.61
C CYS B 774 -5.09 33.28 -8.35
N GLN B 775 -4.59 34.52 -8.48
CA GLN B 775 -4.58 35.49 -7.40
C GLN B 775 -5.00 36.84 -7.96
N VAL B 776 -6.15 37.34 -7.54
CA VAL B 776 -6.66 38.63 -7.99
C VAL B 776 -6.63 39.57 -6.80
N VAL B 777 -5.78 40.59 -6.89
CA VAL B 777 -5.46 41.46 -5.76
C VAL B 777 -5.97 42.86 -6.08
N ILE B 778 -6.62 43.51 -5.11
CA ILE B 778 -7.13 44.86 -5.29
C ILE B 778 -6.31 45.78 -4.41
N SER B 779 -5.53 46.67 -5.02
CA SER B 779 -4.64 47.56 -4.30
C SER B 779 -4.99 49.01 -4.62
N SER B 780 -4.31 49.92 -3.93
CA SER B 780 -4.49 51.34 -4.21
C SER B 780 -3.89 51.72 -5.56
N ASN B 781 -2.59 51.54 -5.68
CA ASN B 781 -1.88 51.74 -6.94
C ASN B 781 -1.36 50.39 -7.44
N LEU B 782 -0.94 50.36 -8.70
CA LEU B 782 -0.39 49.14 -9.24
C LEU B 782 1.05 48.94 -8.81
N ARG B 783 1.66 49.98 -8.24
CA ARG B 783 3.01 49.88 -7.72
C ARG B 783 3.08 48.91 -6.56
N ASP B 784 2.15 49.03 -5.61
CA ASP B 784 2.11 48.12 -4.48
C ASP B 784 1.67 46.73 -4.89
N GLY B 785 0.57 46.64 -5.63
CA GLY B 785 -0.12 45.37 -5.83
C GLY B 785 0.67 44.36 -6.61
N VAL B 786 1.67 44.81 -7.37
CA VAL B 786 2.58 43.85 -7.96
C VAL B 786 3.58 43.36 -6.91
N SER B 787 3.96 44.23 -5.98
CA SER B 787 5.00 43.85 -5.02
C SER B 787 4.43 43.03 -3.87
N HIS B 788 3.11 42.93 -3.78
CA HIS B 788 2.52 42.01 -2.82
C HIS B 788 2.37 40.61 -3.39
N LEU B 789 2.90 40.39 -4.59
CA LEU B 789 2.88 39.07 -5.21
C LEU B 789 4.27 38.57 -5.51
N ILE B 790 5.23 39.48 -5.62
CA ILE B 790 6.61 39.08 -5.87
C ILE B 790 7.22 38.48 -4.60
N GLN B 791 6.62 38.75 -3.45
CA GLN B 791 7.12 38.24 -2.20
C GLN B 791 6.12 37.43 -1.40
N SER B 792 4.85 37.40 -1.78
CA SER B 792 3.85 36.69 -0.99
C SER B 792 2.99 35.80 -1.87
N GLY B 793 3.63 35.07 -2.77
CA GLY B 793 2.91 34.14 -3.60
C GLY B 793 3.35 32.71 -3.35
N GLY B 794 2.47 31.90 -2.81
CA GLY B 794 2.81 30.50 -2.63
C GLY B 794 3.38 30.23 -1.26
N LEU B 795 2.55 29.71 -0.35
CA LEU B 795 3.02 29.45 1.00
C LEU B 795 3.82 28.17 1.05
N GLY B 796 4.62 28.05 2.10
CA GLY B 796 5.41 26.86 2.26
C GLY B 796 6.56 26.84 1.28
N GLY B 797 6.98 25.62 0.95
CA GLY B 797 8.11 25.45 0.07
C GLY B 797 7.81 25.79 -1.37
N LEU B 798 6.53 25.76 -1.73
CA LEU B 798 6.17 26.00 -3.10
C LEU B 798 6.12 27.49 -3.43
N GLN B 799 7.31 28.09 -3.46
CA GLN B 799 7.44 29.48 -3.84
C GLN B 799 7.53 29.58 -5.35
N HIS B 800 7.09 30.69 -5.89
CA HIS B 800 7.39 31.00 -7.26
C HIS B 800 8.86 31.37 -7.36
N ASN B 801 9.50 30.95 -8.44
CA ASN B 801 10.95 31.08 -8.53
C ASN B 801 11.38 32.05 -9.61
N THR B 802 10.54 32.30 -10.59
CA THR B 802 10.82 33.26 -11.65
C THR B 802 9.65 34.21 -11.75
N VAL B 803 9.82 35.27 -12.57
CA VAL B 803 8.71 36.16 -12.92
C VAL B 803 8.72 36.33 -14.42
N LEU B 804 7.60 35.99 -15.05
CA LEU B 804 7.38 36.17 -16.48
C LEU B 804 6.42 37.32 -16.68
N VAL B 805 6.89 38.33 -17.43
CA VAL B 805 6.19 39.60 -17.55
C VAL B 805 6.29 40.05 -19.02
N GLY B 806 5.32 40.85 -19.44
CA GLY B 806 5.30 41.37 -20.80
C GLY B 806 6.25 42.53 -21.03
N TRP B 807 5.75 43.60 -21.63
CA TRP B 807 6.54 44.79 -21.90
C TRP B 807 5.60 45.97 -22.01
N PRO B 808 5.97 47.14 -21.50
CA PRO B 808 5.13 48.33 -21.71
C PRO B 808 5.24 48.85 -23.13
N ARG B 809 4.20 48.62 -23.93
CA ARG B 809 4.25 49.05 -25.32
C ARG B 809 3.88 50.52 -25.46
N ASN B 810 2.97 51.02 -24.64
CA ASN B 810 2.66 52.44 -24.60
C ASN B 810 3.73 53.17 -23.79
N TRP B 811 4.91 53.30 -24.41
CA TRP B 811 6.09 53.67 -23.64
C TRP B 811 6.16 55.18 -23.44
N ARG B 812 6.32 55.93 -24.53
CA ARG B 812 6.44 57.38 -24.44
C ARG B 812 5.11 57.97 -24.87
N GLN B 813 4.22 58.16 -23.90
CA GLN B 813 2.86 58.64 -24.14
C GLN B 813 2.44 59.50 -22.96
N LYS B 814 1.12 59.66 -22.80
CA LYS B 814 0.52 60.72 -21.98
C LYS B 814 0.85 60.59 -20.49
N GLU B 815 0.33 59.54 -19.85
CA GLU B 815 0.40 59.45 -18.39
C GLU B 815 1.05 58.15 -17.92
N ASP B 816 1.15 57.13 -18.78
CA ASP B 816 1.63 55.77 -18.55
C ASP B 816 3.10 55.68 -18.06
N HIS B 817 3.79 56.83 -18.01
CA HIS B 817 5.15 56.94 -17.47
C HIS B 817 5.27 56.29 -16.09
N GLN B 818 4.33 56.58 -15.20
CA GLN B 818 4.40 55.99 -13.87
C GLN B 818 4.04 54.52 -13.90
N THR B 819 3.22 54.10 -14.86
CA THR B 819 3.03 52.67 -15.06
C THR B 819 4.24 52.07 -15.73
N TRP B 820 4.89 52.83 -16.59
CA TRP B 820 6.20 52.48 -17.09
C TRP B 820 7.24 52.49 -15.99
N ARG B 821 7.09 53.39 -15.01
CA ARG B 821 8.01 53.40 -13.88
C ARG B 821 7.78 52.20 -12.97
N ASN B 822 6.57 51.64 -12.98
CA ASN B 822 6.29 50.43 -12.21
C ASN B 822 7.05 49.24 -12.76
N PHE B 823 7.41 49.28 -14.04
CA PHE B 823 8.26 48.25 -14.60
C PHE B 823 9.68 48.36 -14.07
N ILE B 824 10.13 49.59 -13.80
CA ILE B 824 11.53 49.79 -13.44
C ILE B 824 11.76 49.35 -12.00
N GLU B 825 10.76 49.56 -11.15
CA GLU B 825 10.89 49.11 -9.77
C GLU B 825 10.72 47.61 -9.68
N LEU B 826 10.15 46.99 -10.71
CA LEU B 826 10.02 45.53 -10.71
C LEU B 826 11.35 44.86 -10.97
N VAL B 827 12.27 45.55 -11.66
CA VAL B 827 13.54 44.93 -12.01
C VAL B 827 14.47 44.92 -10.81
N ARG B 828 14.53 46.05 -10.09
CA ARG B 828 15.37 46.12 -8.90
C ARG B 828 14.85 45.23 -7.79
N GLU B 829 13.54 44.99 -7.79
CA GLU B 829 12.92 44.20 -6.74
C GLU B 829 13.34 42.73 -6.83
N THR B 830 13.46 42.21 -8.04
CA THR B 830 13.79 40.80 -8.18
C THR B 830 15.26 40.53 -7.95
N THR B 831 16.13 41.53 -8.17
CA THR B 831 17.52 41.36 -7.82
C THR B 831 17.71 41.30 -6.32
N ALA B 832 16.97 42.14 -5.58
CA ALA B 832 17.02 42.12 -4.13
C ALA B 832 16.38 40.85 -3.58
N GLY B 833 15.21 40.49 -4.10
CA GLY B 833 14.56 39.28 -3.65
C GLY B 833 15.14 37.99 -4.19
N HIS B 834 16.14 38.08 -5.07
CA HIS B 834 16.84 36.95 -5.67
C HIS B 834 15.88 36.03 -6.43
N LEU B 835 15.14 36.62 -7.36
CA LEU B 835 14.31 35.87 -8.29
C LEU B 835 14.93 35.92 -9.68
N ALA B 836 14.22 35.36 -10.64
CA ALA B 836 14.62 35.45 -12.02
C ALA B 836 13.55 36.16 -12.82
N LEU B 837 13.98 36.97 -13.79
CA LEU B 837 13.08 37.80 -14.55
C LEU B 837 13.03 37.34 -16.00
N LEU B 838 11.82 37.23 -16.54
CA LEU B 838 11.60 36.91 -17.94
C LEU B 838 10.71 37.98 -18.54
N VAL B 839 11.22 38.70 -19.53
CA VAL B 839 10.53 39.82 -20.15
C VAL B 839 10.25 39.47 -21.59
N THR B 840 8.98 39.54 -22.00
CA THR B 840 8.57 39.17 -23.35
C THR B 840 8.22 40.42 -24.14
N LYS B 841 8.76 40.51 -25.35
CA LYS B 841 8.62 41.65 -26.23
C LYS B 841 7.79 41.27 -27.44
N ASN B 842 6.92 42.21 -27.85
CA ASN B 842 5.90 42.01 -28.89
C ASN B 842 4.98 40.85 -28.55
N VAL B 843 4.20 41.07 -27.48
CA VAL B 843 3.51 39.99 -26.78
C VAL B 843 2.35 39.47 -27.62
N SER B 844 1.69 40.36 -28.37
CA SER B 844 0.50 39.96 -29.10
C SER B 844 0.83 39.03 -30.26
N MET B 845 2.01 39.16 -30.84
CA MET B 845 2.45 38.25 -31.88
C MET B 845 3.32 37.12 -31.30
N PHE B 846 2.65 36.23 -30.60
CA PHE B 846 3.25 35.01 -30.08
C PHE B 846 2.54 33.78 -30.64
N PRO B 847 3.24 32.66 -30.80
CA PRO B 847 2.58 31.45 -31.28
C PRO B 847 1.63 30.84 -30.27
N GLY B 848 0.33 30.92 -30.56
CA GLY B 848 -0.63 30.19 -29.77
C GLY B 848 -0.68 28.72 -30.14
N ASN B 849 -1.41 27.95 -29.35
CA ASN B 849 -1.51 26.51 -29.60
C ASN B 849 -2.15 26.06 -30.92
N PRO B 850 -2.95 26.84 -31.68
CA PRO B 850 -3.20 26.41 -33.06
C PRO B 850 -1.98 26.45 -33.95
N GLU B 851 -1.27 27.57 -34.00
CA GLU B 851 -0.16 27.71 -34.92
C GLU B 851 1.03 26.89 -34.46
N ARG B 852 1.57 26.10 -35.36
CA ARG B 852 2.79 25.35 -35.10
C ARG B 852 3.81 25.74 -36.15
N PHE B 853 5.07 25.71 -35.75
CA PHE B 853 6.13 26.22 -36.61
C PHE B 853 6.89 25.07 -37.23
N SER B 854 7.50 25.34 -38.37
CA SER B 854 8.43 24.43 -39.03
C SER B 854 9.61 25.26 -39.49
N GLU B 855 10.71 24.57 -39.85
CA GLU B 855 12.04 25.13 -40.20
C GLU B 855 12.46 26.28 -39.27
N GLY B 856 12.23 26.10 -37.97
CA GLY B 856 12.45 27.14 -36.99
C GLY B 856 13.89 27.20 -36.51
N SER B 857 14.32 28.39 -36.14
CA SER B 857 15.62 28.62 -35.53
C SER B 857 15.44 29.51 -34.31
N ILE B 858 15.97 29.06 -33.17
CA ILE B 858 16.05 29.90 -31.98
C ILE B 858 17.49 30.36 -31.79
N ASP B 859 17.67 31.67 -31.66
CA ASP B 859 19.02 32.25 -31.64
C ASP B 859 19.29 32.81 -30.25
N VAL B 860 20.30 32.26 -29.59
CA VAL B 860 20.61 32.57 -28.20
C VAL B 860 21.93 33.30 -28.14
N TRP B 861 21.96 34.41 -27.41
CA TRP B 861 23.12 35.27 -27.33
C TRP B 861 23.63 35.31 -25.89
N TRP B 862 24.42 34.33 -25.51
CA TRP B 862 24.92 34.24 -24.15
C TRP B 862 26.27 34.91 -24.07
N ILE B 863 26.30 36.10 -23.46
CA ILE B 863 27.49 36.94 -23.56
C ILE B 863 28.42 36.67 -22.39
N VAL B 864 27.98 37.02 -21.18
CA VAL B 864 28.83 36.83 -20.01
C VAL B 864 28.06 36.05 -18.95
N HIS B 865 26.95 36.61 -18.51
CA HIS B 865 26.31 36.12 -17.30
C HIS B 865 25.10 35.26 -17.62
N ASP B 866 24.50 34.72 -16.55
CA ASP B 866 23.32 33.86 -16.59
C ASP B 866 23.55 32.62 -17.46
N GLY B 867 24.43 31.74 -17.00
CA GLY B 867 24.72 30.54 -17.76
C GLY B 867 23.58 29.55 -17.78
N GLY B 868 23.22 29.02 -16.62
CA GLY B 868 22.35 27.86 -16.58
C GLY B 868 20.89 28.20 -16.85
N MET B 869 20.58 29.49 -16.94
CA MET B 869 19.21 29.88 -17.23
C MET B 869 19.04 30.23 -18.70
N LEU B 870 20.05 30.84 -19.30
CA LEU B 870 19.93 31.18 -20.70
C LEU B 870 20.14 29.97 -21.60
N MET B 871 20.85 28.96 -21.12
CA MET B 871 21.01 27.72 -21.84
C MET B 871 19.77 26.83 -21.78
N LEU B 872 19.11 26.77 -20.63
CA LEU B 872 18.06 25.82 -20.37
C LEU B 872 16.72 26.27 -20.93
N LEU B 873 16.51 27.58 -21.04
CA LEU B 873 15.25 28.11 -21.56
C LEU B 873 14.86 27.71 -22.98
N PRO B 874 15.76 27.61 -23.98
CA PRO B 874 15.28 27.04 -25.24
C PRO B 874 15.08 25.55 -25.15
N PHE B 875 15.87 24.87 -24.32
CA PHE B 875 15.81 23.41 -24.19
C PHE B 875 14.49 22.97 -23.58
N LEU B 876 13.89 23.83 -22.76
CA LEU B 876 12.55 23.55 -22.28
C LEU B 876 11.52 23.84 -23.37
N LEU B 877 11.77 24.86 -24.18
CA LEU B 877 10.82 25.24 -25.22
C LEU B 877 10.82 24.22 -26.36
N ARG B 878 12.00 23.82 -26.80
CA ARG B 878 12.08 22.92 -27.93
C ARG B 878 11.34 21.65 -27.58
N HIS B 879 11.46 21.25 -26.33
CA HIS B 879 10.80 20.04 -25.83
C HIS B 879 9.31 20.03 -26.17
N HIS B 880 8.73 21.17 -26.49
CA HIS B 880 7.30 21.23 -26.77
C HIS B 880 7.02 21.05 -28.25
N LYS B 881 5.83 20.52 -28.55
CA LYS B 881 5.43 20.12 -29.89
C LYS B 881 5.39 21.30 -30.86
N VAL B 882 5.04 22.49 -30.39
CA VAL B 882 5.02 23.66 -31.26
C VAL B 882 6.43 24.04 -31.65
N TRP B 883 7.35 23.97 -30.71
CA TRP B 883 8.74 24.27 -30.95
C TRP B 883 9.56 23.01 -31.19
N ARG B 884 8.90 21.94 -31.61
CA ARG B 884 9.59 20.66 -31.78
C ARG B 884 10.51 20.69 -33.00
N LYS B 885 9.99 21.09 -34.15
CA LYS B 885 10.73 21.06 -35.42
C LYS B 885 11.49 22.37 -35.57
N CYS B 886 12.39 22.62 -34.64
CA CYS B 886 13.11 23.89 -34.63
C CYS B 886 14.59 23.61 -34.47
N LYS B 887 15.38 24.67 -34.61
CA LYS B 887 16.82 24.57 -34.49
C LYS B 887 17.30 25.50 -33.39
N MET B 888 18.34 25.08 -32.69
CA MET B 888 18.93 25.88 -31.62
C MET B 888 20.26 26.43 -32.10
N ARG B 889 20.41 27.74 -32.02
CA ARG B 889 21.63 28.43 -32.43
C ARG B 889 22.14 29.27 -31.28
N ILE B 890 23.37 29.03 -30.85
CA ILE B 890 23.95 29.75 -29.72
C ILE B 890 25.14 30.56 -30.21
N PHE B 891 25.03 31.87 -30.09
CA PHE B 891 26.06 32.79 -30.56
C PHE B 891 26.64 33.47 -29.34
N THR B 892 27.97 33.55 -29.26
CA THR B 892 28.64 34.06 -28.07
C THR B 892 29.48 35.28 -28.42
N VAL B 893 29.27 36.35 -27.67
CA VAL B 893 30.06 37.57 -27.80
C VAL B 893 31.30 37.41 -26.93
N ALA B 894 32.46 37.82 -27.48
CA ALA B 894 33.72 37.68 -26.77
C ALA B 894 34.33 39.04 -26.51
N GLN B 895 35.13 39.14 -25.45
CA GLN B 895 35.91 40.33 -25.16
C GLN B 895 37.39 40.06 -24.92
N MET B 896 37.83 38.82 -25.05
CA MET B 896 39.23 38.47 -24.87
C MET B 896 39.95 38.44 -26.21
N ASP B 897 41.18 37.93 -26.21
CA ASP B 897 41.98 37.88 -27.42
C ASP B 897 41.83 36.55 -28.16
N ASP B 898 42.01 35.43 -27.46
CA ASP B 898 41.92 34.13 -28.10
C ASP B 898 40.45 33.75 -28.25
N ASN B 899 40.13 33.10 -29.36
CA ASN B 899 38.79 32.57 -29.52
C ASN B 899 38.79 31.06 -29.63
N SER B 900 39.93 30.45 -29.90
CA SER B 900 40.07 29.01 -30.07
C SER B 900 39.76 28.27 -28.78
N ILE B 901 40.57 28.53 -27.75
CA ILE B 901 40.36 27.94 -26.42
C ILE B 901 39.05 28.44 -25.84
N GLN B 902 38.64 29.66 -26.21
CA GLN B 902 37.30 30.14 -25.88
C GLN B 902 36.22 29.24 -26.46
N MET B 903 36.40 28.77 -27.69
CA MET B 903 35.46 27.77 -28.20
C MET B 903 35.73 26.42 -27.59
N LYS B 904 36.98 26.11 -27.28
CA LYS B 904 37.30 24.83 -26.67
C LYS B 904 36.88 24.80 -25.20
N LYS B 905 36.70 25.96 -24.59
CA LYS B 905 36.00 25.99 -23.31
C LYS B 905 34.49 25.92 -23.52
N ASP B 906 34.00 26.49 -24.62
CA ASP B 906 32.56 26.49 -24.83
C ASP B 906 32.07 25.15 -25.37
N LEU B 907 32.86 24.50 -26.22
CA LEU B 907 32.42 23.24 -26.81
C LEU B 907 32.49 22.09 -25.83
N THR B 908 33.20 22.26 -24.71
CA THR B 908 33.19 21.20 -23.71
C THR B 908 32.08 21.41 -22.69
N THR B 909 31.37 22.53 -22.77
CA THR B 909 30.18 22.70 -21.93
C THR B 909 29.07 21.78 -22.38
N PHE B 910 28.88 21.67 -23.69
CA PHE B 910 27.74 20.94 -24.25
C PHE B 910 27.86 19.45 -24.01
N LEU B 911 29.09 18.94 -24.06
CA LEU B 911 29.37 17.54 -23.73
C LEU B 911 29.04 17.27 -22.28
N TYR B 912 29.19 18.28 -21.42
CA TYR B 912 28.83 18.14 -20.02
C TYR B 912 27.34 18.36 -19.82
N HIS B 913 26.73 19.20 -20.66
CA HIS B 913 25.29 19.46 -20.59
C HIS B 913 24.46 18.44 -21.33
N LEU B 914 25.07 17.61 -22.18
CA LEU B 914 24.43 16.61 -23.06
C LEU B 914 23.40 17.22 -23.99
N ARG B 915 23.54 18.48 -24.36
CA ARG B 915 22.62 19.13 -25.29
C ARG B 915 23.42 19.79 -26.40
N ILE B 916 24.30 19.01 -27.03
CA ILE B 916 25.33 19.46 -27.97
C ILE B 916 24.71 19.92 -29.29
N THR B 917 23.40 19.68 -29.45
CA THR B 917 22.70 19.87 -30.72
C THR B 917 22.63 21.31 -31.20
N ALA B 918 23.06 22.28 -30.39
CA ALA B 918 23.10 23.66 -30.83
C ALA B 918 24.38 23.96 -31.58
N GLU B 919 24.30 24.90 -32.52
CA GLU B 919 25.46 25.35 -33.27
C GLU B 919 26.06 26.59 -32.62
N VAL B 920 27.39 26.65 -32.56
CA VAL B 920 28.11 27.70 -31.86
C VAL B 920 28.79 28.61 -32.87
N GLU B 921 28.64 29.93 -32.68
CA GLU B 921 29.38 30.88 -33.48
C GLU B 921 29.87 32.01 -32.60
N VAL B 922 31.15 32.35 -32.76
CA VAL B 922 31.80 33.41 -32.00
C VAL B 922 31.60 34.74 -32.72
N VAL B 923 31.35 35.80 -31.95
CA VAL B 923 31.40 37.17 -32.42
C VAL B 923 32.17 37.98 -31.37
N GLU B 924 32.74 39.09 -31.82
CA GLU B 924 33.38 40.07 -30.95
C GLU B 924 33.56 41.37 -31.73
N MET B 925 33.95 42.42 -31.02
CA MET B 925 34.28 43.69 -31.65
C MET B 925 35.66 44.17 -31.23
N GLN B 1076 26.35 61.87 -20.39
CA GLN B 1076 27.69 61.29 -20.42
C GLN B 1076 27.65 59.78 -20.34
N SER B 1077 27.12 59.27 -19.22
CA SER B 1077 27.16 57.84 -18.95
C SER B 1077 26.18 57.09 -19.85
N ASN B 1078 25.03 57.71 -20.15
CA ASN B 1078 24.03 57.05 -20.97
C ASN B 1078 24.51 56.86 -22.41
N VAL B 1079 25.32 57.80 -22.90
CA VAL B 1079 25.80 57.73 -24.27
C VAL B 1079 26.79 56.58 -24.43
N ARG B 1080 27.66 56.38 -23.43
CA ARG B 1080 28.55 55.22 -23.43
C ARG B 1080 27.76 53.91 -23.37
N ARG B 1081 26.65 53.91 -22.63
CA ARG B 1081 25.74 52.78 -22.67
C ARG B 1081 25.10 52.66 -24.05
N MET B 1082 24.81 53.79 -24.69
CA MET B 1082 24.16 53.76 -25.99
C MET B 1082 25.13 53.86 -27.16
N HIS B 1083 26.44 53.94 -26.89
CA HIS B 1083 27.42 53.62 -27.92
C HIS B 1083 27.37 52.14 -28.27
N THR B 1084 27.59 51.30 -27.26
CA THR B 1084 27.70 49.86 -27.51
C THR B 1084 26.32 49.24 -27.73
N ALA B 1085 25.25 49.96 -27.39
CA ALA B 1085 23.90 49.47 -27.64
C ALA B 1085 23.64 49.35 -29.14
N VAL B 1086 23.83 50.45 -29.86
CA VAL B 1086 23.51 50.45 -31.29
C VAL B 1086 24.54 49.65 -32.07
N ARG B 1087 25.76 49.50 -31.55
CA ARG B 1087 26.77 48.73 -32.26
C ARG B 1087 26.49 47.24 -32.16
N LEU B 1088 26.18 46.78 -30.95
CA LEU B 1088 25.89 45.36 -30.76
C LEU B 1088 24.57 44.96 -31.42
N ASN B 1089 23.58 45.84 -31.42
CA ASN B 1089 22.29 45.50 -32.02
C ASN B 1089 22.39 45.37 -33.52
N GLU B 1090 23.36 46.04 -34.13
CA GLU B 1090 23.68 45.76 -35.51
C GLU B 1090 24.21 44.34 -35.66
N VAL B 1091 25.06 43.92 -34.73
CA VAL B 1091 25.67 42.58 -34.81
C VAL B 1091 24.63 41.50 -34.53
N ILE B 1092 23.62 41.84 -33.71
CA ILE B 1092 22.53 40.92 -33.42
C ILE B 1092 21.75 40.60 -34.68
N VAL B 1093 21.29 41.65 -35.38
CA VAL B 1093 20.38 41.44 -36.49
C VAL B 1093 21.12 40.89 -37.71
N LYS B 1094 22.38 41.28 -37.89
CA LYS B 1094 23.08 40.92 -39.12
C LYS B 1094 23.52 39.47 -39.14
N LYS B 1095 23.30 38.73 -38.06
CA LYS B 1095 23.37 37.29 -38.09
C LYS B 1095 22.07 36.61 -37.68
N SER B 1096 21.08 37.38 -37.23
CA SER B 1096 19.83 36.79 -36.74
C SER B 1096 18.63 37.64 -37.13
N ARG B 1097 18.52 38.03 -38.40
CA ARG B 1097 17.33 38.77 -38.84
C ARG B 1097 16.06 37.95 -38.68
N ASP B 1098 16.10 36.68 -39.02
CA ASP B 1098 14.89 35.85 -39.02
C ASP B 1098 15.13 34.64 -38.14
N ALA B 1099 14.84 34.80 -36.85
CA ALA B 1099 14.65 33.68 -35.94
C ALA B 1099 13.21 33.69 -35.50
N LYS B 1100 12.76 32.56 -34.95
CA LYS B 1100 11.42 32.55 -34.40
C LYS B 1100 11.39 33.14 -33.00
N LEU B 1101 12.53 33.16 -32.32
CA LEU B 1101 12.66 33.71 -30.97
C LEU B 1101 14.11 34.03 -30.71
N VAL B 1102 14.37 35.19 -30.10
CA VAL B 1102 15.72 35.66 -29.82
C VAL B 1102 15.86 35.78 -28.31
N LEU B 1103 17.01 35.38 -27.78
CA LEU B 1103 17.30 35.46 -26.35
C LEU B 1103 18.50 36.36 -26.12
N LEU B 1104 18.39 37.25 -25.11
CA LEU B 1104 19.40 38.25 -24.85
C LEU B 1104 19.58 38.42 -23.35
N ASN B 1105 20.77 38.87 -22.94
CA ASN B 1105 21.01 39.20 -21.55
C ASN B 1105 20.43 40.57 -21.20
N MET B 1106 19.73 40.63 -20.09
CA MET B 1106 19.15 41.87 -19.62
C MET B 1106 20.03 42.45 -18.52
N PRO B 1107 20.61 43.63 -18.72
CA PRO B 1107 21.59 44.14 -17.77
C PRO B 1107 20.93 44.73 -16.53
N GLY B 1108 21.77 45.06 -15.55
CA GLY B 1108 21.31 45.61 -14.31
C GLY B 1108 20.91 47.07 -14.44
N PRO B 1109 19.80 47.45 -13.80
CA PRO B 1109 19.39 48.84 -13.83
C PRO B 1109 20.29 49.68 -12.94
N PRO B 1110 20.36 51.00 -13.18
CA PRO B 1110 21.26 51.84 -12.36
C PRO B 1110 20.69 52.08 -10.98
N ARG B 1111 21.60 52.33 -10.02
CA ARG B 1111 21.17 52.63 -8.66
C ARG B 1111 20.84 54.11 -8.49
N ASN B 1112 21.03 54.89 -9.56
CA ASN B 1112 20.85 56.33 -9.54
C ASN B 1112 19.38 56.69 -9.32
N ARG B 1113 18.50 55.92 -9.96
CA ARG B 1113 17.05 56.07 -10.08
C ARG B 1113 16.63 57.26 -10.94
N ASN B 1114 17.59 58.05 -11.42
CA ASN B 1114 17.34 59.02 -12.48
C ASN B 1114 17.57 58.40 -13.84
N GLY B 1115 17.89 57.10 -13.88
CA GLY B 1115 18.16 56.31 -15.06
C GLY B 1115 16.94 55.76 -15.77
N ASP B 1116 15.83 56.49 -15.77
CA ASP B 1116 14.72 56.16 -16.64
C ASP B 1116 15.11 56.27 -18.10
N GLU B 1117 15.81 57.34 -18.44
CA GLU B 1117 16.18 57.56 -19.83
C GLU B 1117 17.62 57.12 -20.09
N ASN B 1118 18.36 56.79 -19.04
CA ASN B 1118 19.71 56.28 -19.22
C ASN B 1118 19.71 54.80 -19.53
N TYR B 1119 18.56 54.13 -19.43
CA TYR B 1119 18.49 52.67 -19.42
C TYR B 1119 17.39 52.10 -20.29
N MET B 1120 16.35 52.86 -20.61
CA MET B 1120 15.22 52.26 -21.30
C MET B 1120 15.23 52.49 -22.80
N GLU B 1121 15.78 53.62 -23.25
CA GLU B 1121 16.14 53.72 -24.66
C GLU B 1121 17.23 52.73 -25.00
N PHE B 1122 18.10 52.43 -24.02
CA PHE B 1122 19.09 51.37 -24.16
C PHE B 1122 18.43 50.03 -24.46
N LEU B 1123 17.23 49.80 -23.94
CA LEU B 1123 16.55 48.55 -24.19
C LEU B 1123 15.70 48.60 -25.46
N GLU B 1124 15.19 49.78 -25.83
CA GLU B 1124 14.43 49.84 -27.08
C GLU B 1124 15.36 49.86 -28.29
N VAL B 1125 16.56 50.40 -28.12
CA VAL B 1125 17.59 50.16 -29.13
C VAL B 1125 17.99 48.68 -29.12
N LEU B 1126 17.95 48.04 -27.94
CA LEU B 1126 18.26 46.61 -27.85
C LEU B 1126 17.20 45.77 -28.57
N THR B 1127 15.94 46.21 -28.51
CA THR B 1127 14.89 45.56 -29.27
C THR B 1127 14.73 46.23 -30.64
N GLU B 1128 15.80 46.15 -31.43
CA GLU B 1128 15.82 46.85 -32.71
C GLU B 1128 14.98 46.11 -33.75
N HIS B 1129 13.67 46.22 -33.61
CA HIS B 1129 12.67 45.73 -34.57
C HIS B 1129 12.83 44.23 -34.85
N LEU B 1130 12.92 43.48 -33.76
CA LEU B 1130 12.85 42.03 -33.82
C LEU B 1130 11.40 41.60 -33.66
N ASP B 1131 11.06 40.46 -34.26
CA ASP B 1131 9.70 39.97 -34.21
C ASP B 1131 9.36 39.47 -32.81
N ARG B 1132 10.13 38.52 -32.28
CA ARG B 1132 9.89 37.95 -30.97
C ARG B 1132 11.24 37.82 -30.28
N VAL B 1133 11.46 38.62 -29.24
CA VAL B 1133 12.64 38.52 -28.41
C VAL B 1133 12.18 38.44 -26.96
N MET B 1134 12.85 37.59 -26.18
CA MET B 1134 12.55 37.45 -24.77
C MET B 1134 13.78 37.82 -23.95
N LEU B 1135 13.60 38.79 -23.07
CA LEU B 1135 14.68 39.29 -22.21
C LEU B 1135 14.67 38.53 -20.90
N VAL B 1136 15.86 38.33 -20.34
CA VAL B 1136 16.02 37.44 -19.20
C VAL B 1136 17.18 37.90 -18.34
N ARG B 1137 16.99 37.90 -17.02
CA ARG B 1137 18.05 38.01 -16.03
C ARG B 1137 17.55 37.41 -14.72
N GLY B 1138 18.50 37.01 -13.87
CA GLY B 1138 18.17 36.37 -12.61
C GLY B 1138 19.29 36.50 -11.60
N GLY B 1139 19.09 35.89 -10.43
CA GLY B 1139 20.10 35.95 -9.40
C GLY B 1139 20.13 34.79 -8.42
N GLY B 1140 21.32 34.28 -8.13
CA GLY B 1140 21.53 33.35 -7.04
C GLY B 1140 20.96 31.96 -7.21
N ARG B 1141 21.43 31.21 -8.20
CA ARG B 1141 20.91 29.89 -8.52
C ARG B 1141 22.02 29.04 -9.11
N GLU B 1142 21.74 27.75 -9.28
CA GLU B 1142 22.67 26.80 -9.89
C GLU B 1142 21.89 25.75 -10.65
N VAL B 1143 22.39 25.37 -11.82
CA VAL B 1143 21.68 24.49 -12.73
C VAL B 1143 22.54 23.27 -13.00
N ILE B 1144 21.99 22.10 -12.70
CA ILE B 1144 22.66 20.85 -13.01
C ILE B 1144 21.72 20.00 -13.85
C1 NAG C . -10.30 -50.74 -10.40
C2 NAG C . -10.92 -49.77 -9.37
C3 NAG C . -10.32 -49.93 -7.97
C4 NAG C . -10.36 -51.39 -7.54
C5 NAG C . -9.50 -52.17 -8.52
C6 NAG C . -9.39 -53.64 -8.19
C7 NAG C . -11.80 -47.52 -9.93
C8 NAG C . -13.16 -48.04 -9.55
N2 NAG C . -10.78 -48.39 -9.82
O3 NAG C . -11.09 -49.13 -7.07
O4 NAG C . -10.00 -51.68 -6.18
O5 NAG C . -10.14 -52.08 -9.80
O6 NAG C . -9.46 -54.45 -9.34
O7 NAG C . -11.62 -46.38 -10.32
C1 NAG C . -8.92 -50.97 -5.54
C2 NAG C . -9.27 -50.97 -4.05
C3 NAG C . -8.18 -50.25 -3.26
C4 NAG C . -6.81 -50.83 -3.57
C5 NAG C . -6.57 -50.86 -5.08
C6 NAG C . -5.29 -51.55 -5.47
C7 NAG C . -11.64 -51.01 -3.37
C8 NAG C . -11.47 -52.48 -3.09
N2 NAG C . -10.56 -50.36 -3.82
O3 NAG C . -8.46 -50.37 -1.87
O4 NAG C . -5.80 -50.04 -2.95
O5 NAG C . -7.63 -51.57 -5.73
O6 NAG C . -4.50 -50.73 -6.32
O7 NAG C . -12.72 -50.45 -3.20
C1 NAG D . 11.38 -49.97 12.75
C2 NAG D . 11.98 -49.03 11.67
C3 NAG D . 11.39 -49.27 10.28
C4 NAG D . 11.45 -50.75 9.92
C5 NAG D . 10.62 -51.50 10.94
C6 NAG D . 10.54 -52.98 10.67
C7 NAG D . 12.81 -46.74 12.13
C8 NAG D . 14.18 -47.25 11.77
N2 NAG D . 11.81 -47.64 12.06
O3 NAG D . 12.14 -48.50 9.35
O4 NAG D . 11.11 -51.11 8.58
O5 NAG D . 11.25 -51.34 12.21
O6 NAG D . 10.62 -53.74 11.87
O7 NAG D . 12.61 -45.59 12.46
C1 NAG D . 10.02 -50.45 7.90
C2 NAG D . 10.35 -50.51 6.42
C3 NAG D . 9.26 -49.86 5.60
C4 NAG D . 7.89 -50.45 5.93
C5 NAG D . 7.66 -50.42 7.44
C6 NAG D . 6.39 -51.11 7.85
C7 NAG D . 12.73 -50.53 5.74
C8 NAG D . 12.60 -52.02 5.53
N2 NAG D . 11.64 -49.89 6.16
O3 NAG D . 9.54 -50.03 4.21
O4 NAG D . 6.87 -49.71 5.28
O5 NAG D . 8.74 -51.07 8.12
O6 NAG D . 5.58 -50.27 8.67
O7 NAG D . 13.80 -49.96 5.54
C1 NAG E . -13.86 -61.40 -19.58
C2 NAG E . -13.96 -62.42 -18.45
C3 NAG E . -14.36 -63.79 -19.00
C4 NAG E . -15.64 -63.68 -19.83
C5 NAG E . -15.48 -62.59 -20.90
C6 NAG E . -16.75 -62.35 -21.68
C7 NAG E . -12.53 -62.13 -16.45
C8 NAG E . -13.75 -61.58 -15.74
N2 NAG E . -12.70 -62.51 -17.72
O3 NAG E . -14.57 -64.68 -17.91
O4 NAG E . -15.90 -64.92 -20.48
O5 NAG E . -15.11 -61.34 -20.28
O6 NAG E . -16.51 -62.42 -23.08
O7 NAG E . -11.45 -62.22 -15.88
C1 NAG F . 6.23 -72.77 -24.90
C2 NAG F . 7.13 -73.99 -24.73
C3 NAG F . 7.91 -74.24 -26.02
C4 NAG F . 6.97 -74.33 -27.22
C5 NAG F . 6.06 -73.11 -27.27
C6 NAG F . 5.01 -73.19 -28.35
C7 NAG F . 8.00 -74.55 -22.48
C8 NAG F . 6.93 -75.61 -22.41
N2 NAG F . 8.04 -73.83 -23.61
O3 NAG F . 8.64 -75.46 -25.88
O4 NAG F . 7.72 -74.40 -28.42
O5 NAG F . 5.36 -72.95 -26.03
O6 NAG F . 5.04 -72.04 -29.18
O7 NAG F . 8.78 -74.36 -21.56
C1 NAG G . 15.17 -60.11 22.42
C2 NAG G . 15.29 -61.18 21.33
C3 NAG G . 15.73 -62.51 21.94
C4 NAG G . 16.99 -62.34 22.77
C5 NAG G . 16.81 -61.20 23.78
C6 NAG G . 18.07 -60.89 24.55
C7 NAG G . 13.86 -61.01 19.32
C8 NAG G . 15.05 -60.47 18.59
N2 NAG G . 14.03 -61.33 20.61
O3 NAG G . 15.95 -63.45 20.90
O4 NAG G . 17.28 -63.54 23.47
O5 NAG G . 16.42 -59.99 23.11
O6 NAG G . 17.84 -60.90 25.96
O7 NAG G . 12.77 -61.15 18.76
C1 NAG H . -4.68 -71.64 28.27
C2 NAG H . -5.55 -72.90 28.16
C3 NAG H . -6.33 -73.10 29.45
C4 NAG H . -5.39 -73.12 30.66
C5 NAG H . -4.50 -71.88 30.65
C6 NAG H . -3.45 -71.88 31.73
C7 NAG H . -6.40 -73.58 25.93
C8 NAG H . -5.31 -74.62 25.92
N2 NAG H . -6.46 -72.80 27.03
O3 NAG H . -7.03 -74.34 29.38
O4 NAG H . -6.15 -73.15 31.85
O5 NAG H . -3.81 -71.76 29.40
O6 NAG H . -3.50 -70.69 32.50
O7 NAG H . -7.19 -73.45 25.01
#